data_5JJP
#
_entry.id   5JJP
#
_cell.length_a   84.290
_cell.length_b   109.210
_cell.length_c   198.450
_cell.angle_alpha   90.00
_cell.angle_beta   90.00
_cell.angle_gamma   90.00
#
_symmetry.space_group_name_H-M   'P 21 21 21'
#
loop_
_entity.id
_entity.type
_entity.pdbx_description
1 polymer 'Nonribosomal peptide synthase'
2 water water
#
_entity_poly.entity_id   1
_entity_poly.type   'polypeptide(L)'
_entity_poly.pdbx_seq_one_letter_code
;MNHKVHHHHHHIEGRHMSPYAAPVRDHAGNLRDYLLAAGKATPDKPAIVEPAEDGGLRFVSYRQLEAQADAYAAELDALG
LDVGDRVVLESPATADAVAAFLACFSLGLPFIPTIPETPVQRLRTIIGMAAPALFLQAADGSREGLPPGLGMARFGPKGV
TTEQLPAPRVRRRRQVVETDPAYLIFTSGTTGRPKGVVMSHRANIAFHRGIRAHGLIGPDDRVAVTSPFSFDFCLGGIAL
TLASGATAVPVPRDRLDFPRRFLAFLHEAAITQVHGVPSLWRPLIRHEPDLVAGLDPLRSILFSGEDFPLGDLRELQGLL
PGRRIFNLYGATESMAASVTDVPDPLPADLERLTIGYAHHGAEMDVYDAEGAPVGEPGVVGEIYLRSPALFSGYWADPEA
TRAALVPDPLLPESGQVVFRTGDLAYRDADGRLYFCGRIDSQVQIRGNRVELGEVERRLREFPGVSGAVALVAPAGEGEP
ELSAFLTMRPGAPAPKLVPLRAFCAETLPEYMAPRSLTVLAELPVTTNGKIDKDALLRARTAR
;
_entity_poly.pdbx_strand_id   A,B,C,D
#
# COMPACT_ATOMS: atom_id res chain seq x y z
N SER A 18 24.67 26.71 16.97
CA SER A 18 23.40 25.95 16.76
C SER A 18 22.50 26.65 15.73
N PRO A 19 21.72 25.88 14.97
CA PRO A 19 21.11 26.44 13.78
C PRO A 19 20.10 27.54 14.06
N TYR A 20 20.15 28.59 13.25
CA TYR A 20 19.23 29.74 13.42
C TYR A 20 17.77 29.28 13.38
N ALA A 21 17.43 28.53 12.34
CA ALA A 21 16.10 27.96 12.19
C ALA A 21 16.24 26.47 12.05
N ALA A 22 15.12 25.78 12.14
CA ALA A 22 15.09 24.31 12.08
C ALA A 22 15.65 23.81 10.73
N PRO A 23 16.69 22.95 10.75
CA PRO A 23 17.25 22.44 9.54
C PRO A 23 16.22 21.59 8.87
N VAL A 24 16.24 21.59 7.55
CA VAL A 24 15.41 20.65 6.83
C VAL A 24 16.40 19.65 6.18
N ARG A 25 16.27 18.40 6.58
CA ARG A 25 17.19 17.36 6.17
C ARG A 25 16.92 16.96 4.73
N ASP A 26 18.01 16.76 3.99
CA ASP A 26 17.95 16.45 2.58
C ASP A 26 18.26 14.97 2.41
N HIS A 27 17.33 14.24 1.84
CA HIS A 27 17.55 12.82 1.68
C HIS A 27 18.01 12.45 0.29
N ALA A 28 18.14 13.42 -0.61
CA ALA A 28 18.47 13.11 -2.02
C ALA A 28 19.96 13.20 -2.40
N GLY A 29 20.85 13.25 -1.42
CA GLY A 29 22.24 13.54 -1.68
C GLY A 29 23.11 12.31 -1.79
N ASN A 30 22.54 11.16 -1.38
CA ASN A 30 23.26 9.87 -1.34
C ASN A 30 22.24 8.76 -1.37
N LEU A 31 22.50 7.76 -2.18
CA LEU A 31 21.56 6.63 -2.34
C LEU A 31 21.27 5.97 -1.01
N ARG A 32 22.21 6.07 -0.07
CA ARG A 32 22.05 5.47 1.20
C ARG A 32 20.88 6.11 1.88
N ASP A 33 20.77 7.44 1.73
CA ASP A 33 19.71 8.19 2.39
C ASP A 33 18.43 8.04 1.61
N TYR A 34 18.52 8.26 0.30
CA TYR A 34 17.31 8.27 -0.51
C TYR A 34 16.61 6.92 -0.43
N LEU A 35 17.35 5.83 -0.55
CA LEU A 35 16.70 4.53 -0.64
C LEU A 35 15.97 4.16 0.66
N LEU A 36 16.37 4.75 1.79
CA LEU A 36 15.86 4.38 3.09
C LEU A 36 14.93 5.40 3.70
N ALA A 37 14.72 6.52 3.01
CA ALA A 37 13.88 7.56 3.56
C ALA A 37 12.43 7.12 3.81
N ALA A 38 11.77 6.53 2.83
CA ALA A 38 10.39 6.08 3.01
C ALA A 38 10.23 5.10 4.15
N GLY A 39 11.24 4.27 4.35
CA GLY A 39 11.18 3.27 5.38
C GLY A 39 11.26 3.82 6.80
N LYS A 40 11.78 5.01 6.96
CA LYS A 40 11.74 5.67 8.25
C LYS A 40 10.34 5.66 8.91
N ALA A 41 9.28 5.71 8.10
CA ALA A 41 7.95 5.71 8.62
C ALA A 41 7.54 4.31 9.12
N THR A 42 8.28 3.28 8.69
CA THR A 42 7.94 1.88 8.98
C THR A 42 9.18 1.09 9.31
N PRO A 43 9.91 1.51 10.38
CA PRO A 43 11.17 0.82 10.72
C PRO A 43 11.08 -0.67 10.94
N ASP A 44 9.93 -1.16 11.40
CA ASP A 44 9.90 -2.56 11.76
C ASP A 44 9.26 -3.43 10.69
N LYS A 45 8.75 -2.81 9.64
CA LYS A 45 8.31 -3.54 8.44
C LYS A 45 9.47 -4.30 7.80
N PRO A 46 9.18 -5.46 7.19
CA PRO A 46 10.20 -6.17 6.44
C PRO A 46 10.70 -5.41 5.19
N ALA A 47 12.01 -5.26 5.06
CA ALA A 47 12.66 -4.59 3.94
C ALA A 47 13.09 -5.61 2.95
N ILE A 48 13.68 -6.68 3.48
CA ILE A 48 14.11 -7.84 2.71
C ILE A 48 13.59 -9.12 3.33
N VAL A 49 13.11 -10.00 2.46
CA VAL A 49 12.74 -11.35 2.82
C VAL A 49 13.69 -12.32 2.13
N GLU A 50 14.14 -13.34 2.84
CA GLU A 50 14.96 -14.40 2.23
C GLU A 50 14.68 -15.74 2.91
N PRO A 51 15.00 -16.85 2.25
CA PRO A 51 14.97 -18.16 2.96
C PRO A 51 15.86 -18.25 4.20
N ALA A 52 15.37 -18.97 5.21
CA ALA A 52 16.07 -19.09 6.50
C ALA A 52 16.89 -20.39 6.58
N GLY A 55 15.05 -23.53 7.56
CA GLY A 55 13.59 -23.73 7.65
C GLY A 55 12.70 -23.03 6.59
N GLY A 56 12.00 -21.94 6.93
CA GLY A 56 11.05 -21.29 6.00
C GLY A 56 11.61 -19.93 5.51
N LEU A 57 10.95 -18.81 5.89
CA LEU A 57 11.44 -17.47 5.52
C LEU A 57 11.92 -16.65 6.68
N ARG A 58 12.89 -15.77 6.39
CA ARG A 58 13.49 -14.84 7.35
C ARG A 58 13.16 -13.46 6.84
N PHE A 59 12.99 -12.48 7.74
CA PHE A 59 12.68 -11.09 7.37
C PHE A 59 13.79 -10.21 7.94
N VAL A 60 14.25 -9.22 7.19
CA VAL A 60 15.08 -8.20 7.77
C VAL A 60 14.30 -6.90 7.67
N SER A 61 14.08 -6.25 8.80
CA SER A 61 13.33 -5.01 8.79
C SER A 61 14.17 -3.84 8.28
N TYR A 62 13.48 -2.77 7.88
CA TYR A 62 14.13 -1.53 7.54
C TYR A 62 15.12 -1.15 8.60
N ARG A 63 14.73 -1.25 9.87
CA ARG A 63 15.59 -0.81 10.95
C ARG A 63 16.82 -1.68 11.04
N GLN A 64 16.60 -3.00 10.93
CA GLN A 64 17.69 -3.91 10.96
C GLN A 64 18.63 -3.72 9.77
N LEU A 65 18.07 -3.42 8.60
CA LEU A 65 18.89 -3.31 7.41
C LEU A 65 19.81 -2.10 7.57
N GLU A 66 19.30 -0.99 8.08
CA GLU A 66 20.13 0.15 8.34
C GLU A 66 21.17 -0.14 9.37
N ALA A 67 20.81 -0.84 10.45
CA ALA A 67 21.78 -1.15 11.50
C ALA A 67 22.94 -1.95 10.89
N GLN A 68 22.58 -2.91 10.04
CA GLN A 68 23.61 -3.74 9.44
C GLN A 68 24.49 -2.89 8.44
N ALA A 69 23.85 -2.03 7.64
CA ALA A 69 24.56 -1.11 6.79
C ALA A 69 25.56 -0.27 7.59
N ASP A 70 25.08 0.28 8.69
CA ASP A 70 25.91 1.14 9.53
C ASP A 70 27.09 0.34 10.17
N ALA A 71 26.83 -0.89 10.58
CA ALA A 71 27.86 -1.67 11.24
C ALA A 71 28.92 -2.00 10.22
N TYR A 72 28.49 -2.38 9.04
CA TYR A 72 29.40 -2.70 7.98
C TYR A 72 30.25 -1.50 7.63
N ALA A 73 29.60 -0.33 7.53
CA ALA A 73 30.27 0.92 7.13
C ALA A 73 31.36 1.29 8.09
N ALA A 74 31.08 1.20 9.39
CA ALA A 74 32.10 1.46 10.42
C ALA A 74 33.35 0.56 10.23
N GLU A 75 33.15 -0.74 10.02
CA GLU A 75 34.27 -1.67 9.83
C GLU A 75 34.99 -1.42 8.49
N LEU A 76 34.24 -1.15 7.41
CA LEU A 76 34.87 -0.87 6.16
C LEU A 76 35.67 0.42 6.24
N ASP A 77 35.18 1.40 7.00
CA ASP A 77 35.84 2.70 7.07
C ASP A 77 37.18 2.58 7.80
N ALA A 78 37.35 1.54 8.62
CA ALA A 78 38.61 1.35 9.33
C ALA A 78 39.72 0.90 8.34
N LEU A 79 39.36 0.54 7.11
CA LEU A 79 40.35 0.10 6.16
C LEU A 79 41.10 1.25 5.51
N GLY A 80 40.62 2.46 5.73
CA GLY A 80 41.36 3.64 5.27
C GLY A 80 41.19 3.95 3.80
N LEU A 81 40.20 3.34 3.13
CA LEU A 81 40.00 3.66 1.71
C LEU A 81 39.47 5.09 1.53
N ASP A 82 39.73 5.67 0.36
CA ASP A 82 39.31 7.02 0.05
C ASP A 82 38.01 7.04 -0.77
N VAL A 83 37.21 8.12 -0.66
CA VAL A 83 36.05 8.29 -1.49
C VAL A 83 36.56 8.16 -2.94
N GLY A 84 35.84 7.38 -3.76
CA GLY A 84 36.25 7.08 -5.13
C GLY A 84 36.83 5.69 -5.37
N ASP A 85 37.45 5.14 -4.35
CA ASP A 85 38.10 3.83 -4.52
C ASP A 85 37.05 2.79 -4.80
N ARG A 86 37.31 1.97 -5.81
CA ARG A 86 36.37 0.89 -6.16
C ARG A 86 36.48 -0.31 -5.29
N VAL A 87 35.32 -0.92 -5.09
CA VAL A 87 35.17 -2.16 -4.37
C VAL A 87 34.43 -3.14 -5.28
N VAL A 88 34.99 -4.33 -5.50
CA VAL A 88 34.24 -5.40 -6.17
C VAL A 88 33.43 -6.08 -5.08
N LEU A 89 32.11 -6.07 -5.23
CA LEU A 89 31.22 -6.67 -4.26
C LEU A 89 30.59 -7.96 -4.87
N GLU A 90 31.03 -9.11 -4.38
CA GLU A 90 30.64 -10.39 -4.97
C GLU A 90 29.79 -11.22 -4.03
N SER A 91 28.54 -11.41 -4.42
CA SER A 91 27.61 -12.13 -3.58
C SER A 91 26.32 -12.37 -4.33
N PRO A 92 25.65 -13.50 -4.02
CA PRO A 92 24.28 -13.51 -4.46
C PRO A 92 23.52 -12.38 -3.74
N ALA A 93 22.42 -11.94 -4.34
CA ALA A 93 21.52 -10.96 -3.73
C ALA A 93 20.91 -11.49 -2.42
N THR A 94 21.31 -10.90 -1.29
CA THR A 94 20.82 -11.26 0.03
C THR A 94 20.70 -10.03 0.85
N ALA A 95 19.98 -10.10 1.96
CA ALA A 95 19.88 -8.97 2.86
C ALA A 95 21.26 -8.40 3.23
N ASP A 96 22.21 -9.26 3.56
CA ASP A 96 23.56 -8.79 3.90
C ASP A 96 24.32 -8.15 2.72
N ALA A 97 24.09 -8.62 1.51
CA ALA A 97 24.71 -8.00 0.34
C ALA A 97 24.10 -6.60 0.13
N VAL A 98 22.81 -6.46 0.48
CA VAL A 98 22.18 -5.13 0.38
C VAL A 98 22.79 -4.19 1.43
N ALA A 99 22.89 -4.64 2.68
CA ALA A 99 23.57 -3.84 3.71
C ALA A 99 24.99 -3.42 3.22
N ALA A 100 25.72 -4.35 2.62
CA ALA A 100 27.07 -4.05 2.07
C ALA A 100 27.08 -2.96 1.02
N PHE A 101 26.12 -3.00 0.09
CA PHE A 101 26.13 -1.97 -0.95
C PHE A 101 25.67 -0.64 -0.42
N LEU A 102 24.76 -0.66 0.55
CA LEU A 102 24.40 0.54 1.25
C LEU A 102 25.60 1.11 2.03
N ALA A 103 26.38 0.25 2.65
CA ALA A 103 27.53 0.74 3.38
C ALA A 103 28.50 1.42 2.38
N CYS A 104 28.75 0.77 1.24
CA CYS A 104 29.60 1.39 0.21
C CYS A 104 29.08 2.76 -0.24
N PHE A 105 27.77 2.84 -0.50
CA PHE A 105 27.18 4.14 -0.85
C PHE A 105 27.52 5.20 0.18
N SER A 106 27.35 4.87 1.46
CA SER A 106 27.53 5.84 2.56
C SER A 106 28.98 6.33 2.66
N LEU A 107 29.93 5.47 2.32
CA LEU A 107 31.38 5.77 2.40
C LEU A 107 31.89 6.36 1.09
N GLY A 108 31.05 6.42 0.07
CA GLY A 108 31.45 6.92 -1.21
C GLY A 108 32.37 5.99 -1.96
N LEU A 109 32.20 4.68 -1.74
CA LEU A 109 33.03 3.70 -2.39
C LEU A 109 32.23 3.06 -3.52
N PRO A 110 32.47 3.49 -4.75
CA PRO A 110 31.70 2.90 -5.79
C PRO A 110 32.03 1.40 -5.91
N PHE A 111 30.98 0.60 -6.03
CA PHE A 111 31.17 -0.85 -6.13
C PHE A 111 30.81 -1.38 -7.50
N ILE A 112 31.37 -2.52 -7.80
CA ILE A 112 31.11 -3.27 -9.01
C ILE A 112 30.46 -4.53 -8.51
N PRO A 113 29.18 -4.78 -8.84
CA PRO A 113 28.52 -5.99 -8.34
C PRO A 113 28.83 -7.20 -9.17
N THR A 114 29.11 -8.30 -8.50
CA THR A 114 29.55 -9.51 -9.15
C THR A 114 28.89 -10.70 -8.46
N ILE A 115 28.82 -11.85 -9.10
CA ILE A 115 28.42 -13.06 -8.41
C ILE A 115 29.51 -14.12 -8.49
N PRO A 116 29.47 -15.10 -7.57
CA PRO A 116 30.46 -16.18 -7.56
C PRO A 116 30.66 -16.85 -8.93
N GLU A 117 29.57 -16.95 -9.69
CA GLU A 117 29.57 -17.61 -11.00
C GLU A 117 30.11 -16.74 -12.10
N THR A 118 30.36 -15.48 -11.82
CA THR A 118 30.96 -14.60 -12.81
C THR A 118 32.35 -15.20 -13.21
N PRO A 119 32.56 -15.46 -14.51
CA PRO A 119 33.81 -16.07 -14.97
C PRO A 119 35.04 -15.30 -14.54
N VAL A 120 36.01 -16.02 -14.02
CA VAL A 120 37.24 -15.44 -13.53
C VAL A 120 37.96 -14.54 -14.59
N GLN A 121 37.90 -14.90 -15.86
CA GLN A 121 38.49 -14.11 -16.91
C GLN A 121 37.88 -12.72 -16.99
N ARG A 122 36.56 -12.65 -16.88
CA ARG A 122 35.83 -11.36 -16.84
C ARG A 122 36.14 -10.56 -15.59
N LEU A 123 36.16 -11.26 -14.48
CA LEU A 123 36.52 -10.65 -13.21
C LEU A 123 37.93 -10.06 -13.22
N ARG A 124 38.89 -10.79 -13.77
CA ARG A 124 40.25 -10.25 -13.95
C ARG A 124 40.31 -9.06 -14.92
N THR A 125 39.47 -9.07 -15.95
CA THR A 125 39.35 -7.91 -16.85
C THR A 125 38.80 -6.69 -16.08
N ILE A 126 37.73 -6.90 -15.29
CA ILE A 126 37.17 -5.83 -14.45
C ILE A 126 38.27 -5.21 -13.56
N ILE A 127 39.04 -6.07 -12.91
CA ILE A 127 40.01 -5.63 -11.92
C ILE A 127 41.10 -4.83 -12.55
N GLY A 128 41.55 -5.23 -13.72
CA GLY A 128 42.56 -4.44 -14.43
C GLY A 128 42.03 -3.11 -14.95
N MET A 129 40.80 -3.05 -15.42
CA MET A 129 40.23 -1.77 -15.90
C MET A 129 39.91 -0.75 -14.79
N ALA A 130 39.38 -1.24 -13.65
CA ALA A 130 38.88 -0.37 -12.60
C ALA A 130 39.83 -0.26 -11.41
N ALA A 131 40.79 -1.18 -11.27
CA ALA A 131 41.81 -1.16 -10.20
C ALA A 131 41.17 -0.94 -8.83
N PRO A 132 40.34 -1.87 -8.39
CA PRO A 132 39.68 -1.72 -7.12
C PRO A 132 40.68 -1.91 -5.99
N ALA A 133 40.45 -1.23 -4.90
CA ALA A 133 41.26 -1.40 -3.73
C ALA A 133 40.80 -2.55 -2.84
N LEU A 134 39.57 -3.04 -3.06
CA LEU A 134 39.01 -4.09 -2.18
C LEU A 134 38.12 -5.04 -2.95
N PHE A 135 38.29 -6.32 -2.71
CA PHE A 135 37.40 -7.34 -3.18
C PHE A 135 36.61 -7.81 -1.96
N LEU A 136 35.32 -7.55 -1.96
CA LEU A 136 34.47 -7.76 -0.77
C LEU A 136 33.44 -8.84 -1.10
N GLN A 137 33.57 -10.02 -0.51
CA GLN A 137 32.72 -11.15 -0.90
C GLN A 137 31.88 -11.65 0.29
N ALA A 138 30.92 -12.53 0.01
CA ALA A 138 30.03 -13.07 1.03
C ALA A 138 30.78 -13.89 2.03
N ALA A 139 30.16 -14.12 3.20
CA ALA A 139 30.73 -15.00 4.23
C ALA A 139 31.20 -16.33 3.66
N ASP A 140 30.29 -16.94 2.90
CA ASP A 140 30.52 -18.19 2.19
C ASP A 140 31.48 -18.10 1.01
N GLY A 141 31.89 -16.91 0.60
CA GLY A 141 32.56 -16.77 -0.70
C GLY A 141 33.87 -17.53 -0.71
N SER A 142 34.23 -18.10 -1.84
CA SER A 142 35.53 -18.75 -1.93
C SER A 142 36.09 -18.52 -3.30
N ARG A 143 36.10 -17.27 -3.69
CA ARG A 143 36.56 -16.96 -5.04
C ARG A 143 38.06 -17.29 -5.16
N GLU A 144 38.42 -17.97 -6.23
CA GLU A 144 39.80 -18.24 -6.64
C GLU A 144 40.22 -17.39 -7.85
N GLY A 145 41.53 -17.25 -8.04
CA GLY A 145 42.11 -16.50 -9.18
C GLY A 145 42.40 -15.03 -8.91
N LEU A 146 42.29 -14.60 -7.66
CA LEU A 146 42.50 -13.19 -7.36
C LEU A 146 43.98 -12.74 -7.37
N PRO A 147 44.25 -11.53 -7.82
CA PRO A 147 45.63 -11.09 -7.68
C PRO A 147 46.04 -10.95 -6.19
N PRO A 148 47.20 -11.50 -5.83
CA PRO A 148 47.85 -11.11 -4.60
C PRO A 148 48.34 -9.65 -4.68
N GLY A 149 48.42 -8.91 -3.58
CA GLY A 149 47.44 -8.86 -2.52
C GLY A 149 46.41 -7.77 -2.76
N LEU A 150 45.40 -8.10 -3.53
CA LEU A 150 44.29 -7.17 -3.67
C LEU A 150 43.61 -7.24 -2.30
N GLY A 151 43.22 -6.13 -1.70
CA GLY A 151 42.47 -6.18 -0.42
C GLY A 151 41.35 -7.20 -0.52
N MET A 152 41.21 -8.03 0.50
CA MET A 152 40.12 -9.00 0.52
C MET A 152 39.41 -9.02 1.87
N ALA A 153 38.09 -9.08 1.81
CA ALA A 153 37.27 -9.09 3.04
C ALA A 153 35.99 -9.82 2.81
N ARG A 154 35.38 -10.25 3.89
CA ARG A 154 34.11 -10.95 3.82
C ARG A 154 33.15 -10.22 4.65
N PHE A 155 31.89 -10.29 4.25
CA PHE A 155 30.82 -9.75 5.10
C PHE A 155 29.83 -10.85 5.39
N GLY A 156 29.27 -10.86 6.59
CA GLY A 156 28.22 -11.85 6.94
C GLY A 156 27.49 -11.39 8.18
N PRO A 157 26.78 -12.30 8.85
CA PRO A 157 25.90 -11.91 9.99
C PRO A 157 26.65 -11.20 11.11
N LYS A 158 27.87 -11.64 11.40
CA LYS A 158 28.67 -11.06 12.47
C LYS A 158 29.38 -9.74 12.12
N GLY A 159 29.51 -9.41 10.83
CA GLY A 159 30.17 -8.17 10.42
C GLY A 159 31.12 -8.42 9.29
N VAL A 160 32.11 -7.54 9.16
CA VAL A 160 33.10 -7.61 8.10
C VAL A 160 34.45 -8.01 8.69
N THR A 161 34.98 -9.15 8.22
CA THR A 161 36.31 -9.59 8.61
C THR A 161 37.23 -9.50 7.39
N THR A 162 38.45 -8.99 7.61
CA THR A 162 39.35 -8.68 6.52
C THR A 162 40.48 -9.68 6.49
N GLU A 163 40.58 -10.46 5.42
CA GLU A 163 41.61 -11.50 5.27
C GLU A 163 42.93 -10.89 4.78
N GLN A 164 42.85 -9.81 4.00
CA GLN A 164 44.02 -9.11 3.48
C GLN A 164 43.74 -7.63 3.38
N LEU A 165 44.48 -6.83 4.15
CA LEU A 165 44.28 -5.39 4.16
C LEU A 165 44.65 -4.80 2.83
N PRO A 166 43.88 -3.78 2.41
CA PRO A 166 44.26 -3.06 1.22
C PRO A 166 45.53 -2.28 1.49
N ALA A 167 46.18 -1.85 0.40
CA ALA A 167 47.41 -1.09 0.45
C ALA A 167 47.18 0.18 1.25
N PRO A 168 48.22 0.67 1.94
CA PRO A 168 48.09 1.98 2.56
C PRO A 168 47.94 3.09 1.52
N ARG A 169 47.34 4.19 1.93
CA ARG A 169 47.17 5.31 1.02
C ARG A 169 46.98 6.56 1.87
N VAL A 170 47.16 7.72 1.27
CA VAL A 170 46.77 8.99 1.95
C VAL A 170 45.41 9.41 1.42
N ARG A 171 44.46 9.67 2.31
CA ARG A 171 43.15 10.15 1.93
C ARG A 171 43.14 11.61 1.52
N ARG A 172 42.46 11.92 0.41
CA ARG A 172 42.43 13.27 -0.11
C ARG A 172 41.03 13.85 -0.14
N ARG A 173 40.03 13.02 0.14
CA ARG A 173 38.63 13.45 0.07
C ARG A 173 38.10 13.46 1.48
N ARG A 174 37.36 14.54 1.78
CA ARG A 174 36.71 14.77 3.05
C ARG A 174 35.39 14.01 3.16
N GLN A 175 34.56 14.08 2.12
CA GLN A 175 33.14 13.81 2.25
C GLN A 175 32.56 13.39 0.90
N VAL A 176 31.82 12.28 0.84
CA VAL A 176 31.12 11.91 -0.39
C VAL A 176 30.03 12.96 -0.75
N VAL A 177 29.89 13.26 -2.03
CA VAL A 177 28.82 14.15 -2.49
C VAL A 177 28.10 13.52 -3.62
N GLU A 178 26.91 14.04 -3.98
CA GLU A 178 26.04 13.35 -4.92
C GLU A 178 26.58 13.24 -6.36
N THR A 179 27.53 14.08 -6.74
CA THR A 179 28.20 13.99 -8.06
C THR A 179 29.24 12.86 -8.09
N ASP A 180 29.58 12.28 -6.94
CA ASP A 180 30.50 11.15 -6.93
C ASP A 180 29.88 9.84 -7.53
N PRO A 181 30.72 8.99 -8.09
CA PRO A 181 30.28 7.68 -8.53
C PRO A 181 29.76 6.79 -7.40
N ALA A 182 28.60 6.17 -7.66
CA ALA A 182 27.97 5.32 -6.68
C ALA A 182 28.24 3.84 -7.00
N TYR A 183 28.24 3.50 -8.26
CA TYR A 183 28.57 2.16 -8.72
C TYR A 183 29.02 2.16 -10.16
N LEU A 184 29.61 1.06 -10.55
CA LEU A 184 30.05 0.80 -11.91
C LEU A 184 29.55 -0.55 -12.37
N ILE A 185 29.05 -0.58 -13.58
CA ILE A 185 28.62 -1.82 -14.19
C ILE A 185 29.39 -1.95 -15.48
N PHE A 186 30.03 -3.09 -15.64
CA PHE A 186 30.73 -3.39 -16.87
C PHE A 186 29.83 -4.14 -17.85
N THR A 187 29.81 -3.66 -19.09
CA THR A 187 29.01 -4.28 -20.13
C THR A 187 29.70 -5.50 -20.69
N PRO A 194 34.47 -4.63 -23.39
CA PRO A 194 33.66 -4.31 -22.20
C PRO A 194 34.02 -2.97 -21.60
N LYS A 195 32.98 -2.21 -21.29
CA LYS A 195 33.07 -0.82 -20.82
C LYS A 195 32.43 -0.64 -19.44
N GLY A 196 33.00 0.27 -18.65
CA GLY A 196 32.59 0.45 -17.28
C GLY A 196 31.65 1.64 -17.22
N VAL A 197 30.37 1.37 -17.04
CA VAL A 197 29.38 2.42 -16.91
C VAL A 197 29.43 2.99 -15.49
N VAL A 198 29.70 4.28 -15.38
CA VAL A 198 29.88 4.92 -14.10
C VAL A 198 28.58 5.67 -13.78
N MET A 199 27.90 5.26 -12.70
CA MET A 199 26.64 5.94 -12.31
C MET A 199 26.82 6.74 -11.05
N SER A 200 26.50 8.03 -11.07
CA SER A 200 26.57 8.87 -9.88
C SER A 200 25.36 8.59 -8.95
N HIS A 201 25.47 9.07 -7.72
CA HIS A 201 24.36 9.06 -6.81
C HIS A 201 23.22 9.85 -7.38
N ARG A 202 23.54 11.06 -7.73
CA ARG A 202 22.56 12.01 -8.22
C ARG A 202 21.75 11.38 -9.33
N ALA A 203 22.41 10.68 -10.24
CA ALA A 203 21.75 10.19 -11.45
C ALA A 203 20.81 9.07 -11.08
N ASN A 204 21.27 8.17 -10.24
CA ASN A 204 20.43 7.04 -9.89
C ASN A 204 19.28 7.46 -8.99
N ILE A 205 19.53 8.42 -8.13
CA ILE A 205 18.46 9.03 -7.32
C ILE A 205 17.42 9.65 -8.24
N ALA A 206 17.87 10.24 -9.34
CA ALA A 206 16.91 10.93 -10.25
C ALA A 206 16.01 9.89 -10.93
N PHE A 207 16.60 8.75 -11.24
CA PHE A 207 15.88 7.66 -11.75
C PHE A 207 14.73 7.22 -10.78
N HIS A 208 15.05 6.89 -9.55
CA HIS A 208 14.05 6.43 -8.60
C HIS A 208 13.00 7.52 -8.36
N ARG A 209 13.42 8.77 -8.28
CA ARG A 209 12.48 9.85 -8.11
C ARG A 209 11.45 9.88 -9.24
N GLY A 210 11.94 9.83 -10.48
CA GLY A 210 11.07 9.82 -11.63
C GLY A 210 10.14 8.60 -11.60
N ILE A 211 10.69 7.40 -11.40
CA ILE A 211 9.89 6.20 -11.51
C ILE A 211 8.77 6.11 -10.43
N ARG A 212 9.05 6.57 -9.22
CA ARG A 212 8.04 6.60 -8.20
C ARG A 212 6.89 7.49 -8.52
N ALA A 213 7.07 8.46 -9.41
CA ALA A 213 5.96 9.29 -9.84
C ALA A 213 4.93 8.50 -10.63
N HIS A 214 5.32 7.35 -11.14
CA HIS A 214 4.46 6.54 -11.97
C HIS A 214 3.68 5.54 -11.12
N GLY A 215 4.02 5.36 -9.86
CA GLY A 215 3.27 4.44 -8.99
C GLY A 215 3.41 2.98 -9.37
N LEU A 216 4.61 2.53 -9.66
CA LEU A 216 4.80 1.15 -10.01
C LEU A 216 4.81 0.30 -8.80
N ILE A 217 5.29 0.85 -7.69
CA ILE A 217 5.41 0.06 -6.47
C ILE A 217 4.89 0.87 -5.32
N GLY A 218 4.09 0.22 -4.48
CA GLY A 218 3.56 0.86 -3.28
C GLY A 218 4.09 0.13 -2.09
N PRO A 219 3.98 0.73 -0.90
CA PRO A 219 4.50 0.07 0.33
C PRO A 219 3.98 -1.31 0.66
N ASP A 220 2.77 -1.64 0.19
CA ASP A 220 2.19 -2.97 0.42
C ASP A 220 2.81 -4.04 -0.43
N ASP A 221 3.54 -3.67 -1.49
CA ASP A 221 4.03 -4.67 -2.40
C ASP A 221 5.13 -5.50 -1.82
N ARG A 222 5.22 -6.72 -2.28
CA ARG A 222 6.38 -7.57 -1.99
C ARG A 222 6.92 -7.97 -3.33
N VAL A 223 8.16 -7.62 -3.61
CA VAL A 223 8.69 -7.67 -4.99
C VAL A 223 9.70 -8.78 -5.12
N ALA A 224 9.40 -9.73 -6.00
CA ALA A 224 10.33 -10.76 -6.33
C ALA A 224 11.28 -10.20 -7.38
N VAL A 225 12.56 -10.11 -7.03
CA VAL A 225 13.65 -9.72 -7.97
C VAL A 225 14.35 -11.01 -8.48
N THR A 226 14.11 -11.38 -9.71
CA THR A 226 14.64 -12.61 -10.22
C THR A 226 16.06 -12.47 -10.78
N SER A 227 16.47 -11.29 -11.15
CA SER A 227 17.72 -11.14 -11.87
C SER A 227 18.89 -11.19 -10.88
N PRO A 228 19.99 -11.84 -11.27
CA PRO A 228 21.16 -12.02 -10.39
C PRO A 228 21.86 -10.72 -10.05
N PHE A 229 22.62 -10.74 -8.96
CA PHE A 229 23.24 -9.54 -8.40
C PHE A 229 24.22 -8.82 -9.37
N SER A 230 24.81 -9.57 -10.28
CA SER A 230 25.72 -9.02 -11.27
C SER A 230 24.94 -8.21 -12.31
N PHE A 231 23.61 -8.26 -12.27
CA PHE A 231 22.81 -7.52 -13.24
C PHE A 231 22.33 -6.22 -12.67
N ASP A 232 22.51 -5.20 -13.48
CA ASP A 232 21.96 -3.86 -13.25
C ASP A 232 20.50 -3.86 -12.71
N PHE A 233 19.68 -4.70 -13.31
CA PHE A 233 18.26 -4.80 -12.99
C PHE A 233 18.00 -5.31 -11.55
N CYS A 234 18.94 -6.07 -10.99
CA CYS A 234 18.80 -6.57 -9.65
C CYS A 234 18.91 -5.42 -8.66
N LEU A 235 20.03 -4.74 -8.69
CA LEU A 235 20.24 -3.58 -7.87
C LEU A 235 19.12 -2.52 -8.04
N GLY A 236 18.77 -2.24 -9.28
CA GLY A 236 17.67 -1.33 -9.57
C GLY A 236 16.33 -1.72 -8.91
N GLY A 237 16.00 -3.01 -8.98
CA GLY A 237 14.74 -3.51 -8.51
C GLY A 237 14.69 -3.46 -7.03
N ILE A 238 15.80 -3.79 -6.40
CA ILE A 238 15.86 -3.78 -4.97
C ILE A 238 15.81 -2.37 -4.52
N ALA A 239 16.56 -1.50 -5.20
CA ALA A 239 16.64 -0.07 -4.81
C ALA A 239 15.31 0.62 -4.92
N LEU A 240 14.63 0.37 -6.02
CA LEU A 240 13.37 1.03 -6.21
C LEU A 240 12.33 0.51 -5.19
N THR A 241 12.37 -0.79 -4.90
CA THR A 241 11.47 -1.39 -3.99
C THR A 241 11.64 -0.75 -2.59
N LEU A 242 12.89 -0.63 -2.13
CA LEU A 242 13.19 -0.03 -0.86
C LEU A 242 12.79 1.42 -0.85
N ALA A 243 13.18 2.14 -1.91
CA ALA A 243 12.87 3.56 -2.03
C ALA A 243 11.38 3.81 -1.92
N SER A 244 10.59 2.84 -2.36
CA SER A 244 9.13 2.98 -2.37
C SER A 244 8.53 2.49 -1.07
N GLY A 245 9.39 1.99 -0.17
CA GLY A 245 9.01 1.64 1.19
C GLY A 245 8.39 0.26 1.21
N ALA A 246 8.67 -0.56 0.19
CA ALA A 246 8.04 -1.86 0.08
C ALA A 246 8.96 -2.96 0.60
N THR A 247 8.74 -4.20 0.18
CA THR A 247 9.50 -5.34 0.68
C THR A 247 10.16 -6.09 -0.49
N ALA A 248 11.47 -6.20 -0.47
CA ALA A 248 12.20 -6.78 -1.58
C ALA A 248 12.54 -8.25 -1.28
N VAL A 249 12.26 -9.11 -2.24
CA VAL A 249 12.45 -10.55 -2.10
C VAL A 249 13.29 -11.06 -3.28
N PRO A 250 14.60 -11.04 -3.14
CA PRO A 250 15.45 -11.60 -4.16
C PRO A 250 15.12 -13.06 -4.30
N VAL A 251 15.04 -13.56 -5.52
CA VAL A 251 14.71 -14.96 -5.69
C VAL A 251 16.03 -15.76 -5.85
N PRO A 252 16.42 -16.53 -4.87
CA PRO A 252 17.67 -17.25 -5.02
C PRO A 252 17.69 -18.15 -6.25
N ARG A 253 18.87 -18.34 -6.86
CA ARG A 253 18.95 -19.12 -8.11
C ARG A 253 18.47 -20.60 -7.94
N ASP A 254 18.63 -21.21 -6.77
CA ASP A 254 18.09 -22.55 -6.54
C ASP A 254 16.55 -22.64 -6.37
N ARG A 255 15.83 -21.53 -6.40
CA ARG A 255 14.36 -21.58 -6.60
C ARG A 255 13.99 -21.28 -8.02
N LEU A 256 14.84 -20.53 -8.68
CA LEU A 256 14.38 -19.87 -9.86
C LEU A 256 14.50 -20.72 -11.08
N ASP A 257 15.52 -21.55 -11.14
CA ASP A 257 15.72 -22.42 -12.28
C ASP A 257 14.84 -23.68 -12.26
N PHE A 258 14.03 -23.84 -11.20
CA PHE A 258 13.16 -24.98 -11.06
C PHE A 258 11.69 -24.51 -10.99
N PRO A 259 10.92 -24.62 -12.10
CA PRO A 259 9.57 -24.11 -12.19
C PRO A 259 8.65 -24.30 -11.01
N ARG A 260 8.55 -25.49 -10.48
CA ARG A 260 7.61 -25.76 -9.42
C ARG A 260 8.10 -25.08 -8.17
N ARG A 261 9.41 -25.07 -7.99
CA ARG A 261 10.04 -24.45 -6.82
C ARG A 261 9.92 -22.94 -6.86
N PHE A 262 9.97 -22.38 -8.07
CA PHE A 262 9.85 -20.96 -8.24
C PHE A 262 8.42 -20.52 -7.91
N LEU A 263 7.46 -21.21 -8.52
CA LEU A 263 6.04 -20.91 -8.31
C LEU A 263 5.63 -21.08 -6.87
N ALA A 264 6.16 -22.08 -6.17
CA ALA A 264 5.84 -22.26 -4.75
C ALA A 264 6.41 -21.10 -3.92
N PHE A 265 7.58 -20.62 -4.33
CA PHE A 265 8.22 -19.50 -3.64
C PHE A 265 7.37 -18.25 -3.78
N LEU A 266 6.80 -17.99 -4.95
CA LEU A 266 5.96 -16.82 -5.11
C LEU A 266 4.74 -16.87 -4.19
N HIS A 267 4.21 -18.06 -3.93
CA HIS A 267 3.19 -18.23 -2.86
C HIS A 267 3.77 -18.11 -1.48
N GLU A 268 4.85 -18.83 -1.20
CA GLU A 268 5.41 -18.81 0.16
C GLU A 268 5.69 -17.39 0.60
N ALA A 269 6.30 -16.59 -0.26
CA ALA A 269 6.64 -15.20 0.10
C ALA A 269 5.54 -14.18 -0.24
N ALA A 270 4.39 -14.65 -0.70
CA ALA A 270 3.21 -13.82 -0.92
C ALA A 270 3.62 -12.64 -1.81
N ILE A 271 4.23 -13.00 -2.94
CA ILE A 271 4.73 -11.99 -3.89
C ILE A 271 3.60 -11.27 -4.65
N THR A 272 3.59 -9.93 -4.60
CA THR A 272 2.61 -9.13 -5.36
C THR A 272 3.15 -8.65 -6.70
N GLN A 273 4.47 -8.56 -6.84
CA GLN A 273 5.03 -8.06 -8.10
C GLN A 273 6.27 -8.83 -8.48
N VAL A 274 6.35 -9.26 -9.72
CA VAL A 274 7.48 -9.98 -10.18
C VAL A 274 8.27 -9.14 -11.19
N HIS A 275 9.56 -9.03 -10.96
CA HIS A 275 10.50 -8.41 -11.90
C HIS A 275 11.32 -9.51 -12.56
N GLY A 276 11.46 -9.44 -13.86
CA GLY A 276 12.24 -10.43 -14.58
C GLY A 276 12.27 -10.18 -16.06
N VAL A 277 13.15 -10.86 -16.78
CA VAL A 277 13.11 -10.86 -18.26
C VAL A 277 11.88 -11.64 -18.74
N PRO A 278 11.37 -11.34 -19.93
CA PRO A 278 10.22 -12.02 -20.48
C PRO A 278 10.34 -13.54 -20.49
N SER A 279 11.49 -14.06 -20.90
CA SER A 279 11.73 -15.52 -21.05
C SER A 279 11.62 -16.28 -19.75
N LEU A 280 11.74 -15.59 -18.63
CA LEU A 280 11.43 -16.18 -17.33
C LEU A 280 10.14 -17.00 -17.38
N TRP A 281 9.14 -16.49 -18.08
CA TRP A 281 7.78 -17.06 -18.03
C TRP A 281 7.56 -18.24 -18.99
N ARG A 282 8.37 -18.35 -20.04
CA ARG A 282 8.17 -19.39 -21.07
C ARG A 282 8.14 -20.80 -20.51
N PRO A 283 9.15 -21.20 -19.74
CA PRO A 283 9.04 -22.50 -19.08
C PRO A 283 7.83 -22.65 -18.12
N LEU A 284 7.34 -21.58 -17.53
CA LEU A 284 6.29 -21.72 -16.54
C LEU A 284 4.98 -21.90 -17.25
N ILE A 285 4.79 -21.18 -18.36
CA ILE A 285 3.60 -21.38 -19.24
C ILE A 285 3.57 -22.79 -19.82
N ARG A 286 4.67 -23.13 -20.48
CA ARG A 286 4.81 -24.38 -21.20
C ARG A 286 4.58 -25.57 -20.30
N HIS A 287 5.29 -25.63 -19.17
CA HIS A 287 5.24 -26.80 -18.27
C HIS A 287 4.20 -26.76 -17.19
N GLU A 288 3.85 -25.58 -16.67
CA GLU A 288 3.02 -25.52 -15.47
C GLU A 288 1.96 -24.44 -15.51
N PRO A 289 1.20 -24.37 -16.62
CA PRO A 289 0.25 -23.30 -16.78
C PRO A 289 -0.82 -23.22 -15.70
N ASP A 290 -1.22 -24.34 -15.10
CA ASP A 290 -2.22 -24.30 -14.04
C ASP A 290 -1.66 -23.67 -12.78
N LEU A 291 -0.41 -23.94 -12.46
CA LEU A 291 0.19 -23.28 -11.29
C LEU A 291 0.39 -21.78 -11.51
N VAL A 292 0.72 -21.39 -12.74
CA VAL A 292 0.83 -19.95 -13.07
C VAL A 292 -0.50 -19.26 -12.84
N ALA A 293 -1.55 -19.82 -13.43
CA ALA A 293 -2.92 -19.36 -13.22
C ALA A 293 -3.33 -19.30 -11.78
N GLY A 294 -2.69 -20.10 -10.95
CA GLY A 294 -3.02 -20.16 -9.52
C GLY A 294 -2.24 -19.20 -8.63
N LEU A 295 -1.41 -18.34 -9.22
CA LEU A 295 -0.66 -17.31 -8.45
C LEU A 295 -1.57 -16.19 -7.94
N ASP A 296 -2.35 -16.49 -6.91
CA ASP A 296 -3.36 -15.55 -6.43
C ASP A 296 -2.81 -14.23 -5.88
N PRO A 297 -1.66 -14.27 -5.20
CA PRO A 297 -1.21 -13.00 -4.60
C PRO A 297 -0.60 -12.03 -5.58
N LEU A 298 -0.26 -12.51 -6.76
CA LEU A 298 0.44 -11.73 -7.77
C LEU A 298 -0.50 -10.72 -8.42
N ARG A 299 -0.17 -9.43 -8.32
CA ARG A 299 -0.94 -8.35 -8.90
C ARG A 299 -0.24 -7.72 -10.09
N SER A 300 1.07 -7.90 -10.22
CA SER A 300 1.78 -7.15 -11.22
C SER A 300 3.08 -7.76 -11.67
N ILE A 301 3.48 -7.43 -12.89
CA ILE A 301 4.73 -7.95 -13.44
C ILE A 301 5.43 -6.83 -14.20
N LEU A 302 6.72 -6.73 -14.00
CA LEU A 302 7.57 -5.76 -14.67
C LEU A 302 8.63 -6.52 -15.45
N PHE A 303 8.65 -6.33 -16.77
CA PHE A 303 9.71 -6.97 -17.64
C PHE A 303 10.69 -5.98 -18.14
N SER A 304 11.87 -6.50 -18.47
CA SER A 304 12.80 -5.74 -19.29
C SER A 304 13.91 -6.56 -19.81
N GLY A 305 14.66 -5.96 -20.73
CA GLY A 305 16.01 -6.40 -21.06
C GLY A 305 16.02 -7.40 -22.20
N GLU A 306 14.89 -7.50 -22.89
CA GLU A 306 14.73 -8.56 -23.87
C GLU A 306 13.38 -8.37 -24.56
N ASP A 307 13.36 -8.64 -25.87
CA ASP A 307 12.13 -8.57 -26.64
C ASP A 307 11.21 -9.69 -26.18
N PHE A 308 9.93 -9.38 -25.99
CA PHE A 308 8.90 -10.34 -25.58
C PHE A 308 8.09 -10.74 -26.83
N PRO A 309 8.24 -11.99 -27.33
CA PRO A 309 7.31 -12.43 -28.40
C PRO A 309 5.82 -12.22 -28.00
N LEU A 310 5.03 -11.56 -28.84
CA LEU A 310 3.70 -11.12 -28.41
C LEU A 310 2.74 -12.28 -28.12
N GLY A 311 2.94 -13.39 -28.78
CA GLY A 311 2.12 -14.57 -28.55
C GLY A 311 2.26 -15.07 -27.14
N ASP A 312 3.50 -15.07 -26.66
CA ASP A 312 3.79 -15.49 -25.30
C ASP A 312 3.08 -14.58 -24.29
N LEU A 313 3.15 -13.27 -24.55
CA LEU A 313 2.56 -12.27 -23.66
C LEU A 313 1.06 -12.46 -23.55
N ARG A 314 0.41 -12.60 -24.70
CA ARG A 314 -1.02 -12.86 -24.76
C ARG A 314 -1.40 -14.11 -23.95
N GLU A 315 -0.61 -15.15 -24.12
CA GLU A 315 -0.80 -16.37 -23.38
C GLU A 315 -0.71 -16.06 -21.89
N LEU A 316 0.33 -15.33 -21.50
CA LEU A 316 0.52 -14.92 -20.08
C LEU A 316 -0.62 -14.08 -19.53
N GLN A 317 -1.06 -13.06 -20.28
CA GLN A 317 -2.28 -12.32 -19.88
C GLN A 317 -3.47 -13.25 -19.66
N GLY A 318 -3.63 -14.20 -20.58
CA GLY A 318 -4.69 -15.22 -20.52
C GLY A 318 -4.68 -16.05 -19.26
N LEU A 319 -3.49 -16.44 -18.81
CA LEU A 319 -3.39 -17.16 -17.55
C LEU A 319 -3.51 -16.26 -16.33
N LEU A 320 -3.20 -14.97 -16.47
CA LEU A 320 -3.19 -14.04 -15.35
C LEU A 320 -4.05 -12.82 -15.63
N PRO A 321 -5.37 -13.02 -15.70
CA PRO A 321 -6.28 -11.88 -15.96
C PRO A 321 -6.30 -10.91 -14.80
N GLY A 322 -6.46 -9.64 -15.10
CA GLY A 322 -6.52 -8.58 -14.08
C GLY A 322 -5.20 -8.26 -13.37
N ARG A 323 -4.07 -8.62 -13.99
CA ARG A 323 -2.74 -8.26 -13.51
C ARG A 323 -2.26 -7.05 -14.31
N ARG A 324 -1.49 -6.21 -13.67
CA ARG A 324 -0.89 -5.07 -14.32
C ARG A 324 0.50 -5.47 -14.80
N ILE A 325 0.73 -5.35 -16.10
CA ILE A 325 2.00 -5.71 -16.66
C ILE A 325 2.61 -4.46 -17.21
N PHE A 326 3.90 -4.30 -16.92
CA PHE A 326 4.66 -3.15 -17.35
C PHE A 326 5.87 -3.55 -18.19
N ASN A 327 6.09 -2.78 -19.24
CA ASN A 327 7.20 -2.95 -20.15
C ASN A 327 8.24 -1.84 -19.91
N LEU A 328 9.45 -2.26 -19.59
CA LEU A 328 10.50 -1.36 -19.18
C LEU A 328 11.56 -1.29 -20.28
N TYR A 329 11.75 -0.14 -20.91
CA TYR A 329 12.75 0.03 -21.98
C TYR A 329 13.91 0.82 -21.39
N GLY A 330 15.12 0.39 -21.71
CA GLY A 330 16.32 1.23 -21.49
C GLY A 330 17.59 0.44 -21.34
N ALA A 331 18.63 1.11 -20.91
CA ALA A 331 19.92 0.49 -20.76
C ALA A 331 20.62 0.86 -19.47
N THR A 332 21.72 0.15 -19.23
CA THR A 332 22.57 0.45 -18.11
C THR A 332 22.96 1.91 -17.97
N GLU A 333 23.16 2.58 -19.11
CA GLU A 333 23.60 3.95 -19.08
C GLU A 333 22.64 4.87 -18.39
N SER A 334 21.37 4.48 -18.27
CA SER A 334 20.41 5.31 -17.50
C SER A 334 19.61 4.51 -16.46
N MET A 335 20.03 3.25 -16.28
CA MET A 335 19.24 2.19 -15.64
C MET A 335 18.02 1.82 -16.42
N ALA A 336 17.15 2.78 -16.72
CA ALA A 336 16.03 2.61 -17.62
C ALA A 336 15.63 3.98 -18.11
N ALA A 337 14.69 4.01 -19.06
CA ALA A 337 14.34 5.24 -19.78
C ALA A 337 12.84 5.42 -19.90
N SER A 338 12.08 4.35 -20.03
CA SER A 338 10.63 4.46 -20.16
C SER A 338 9.95 3.26 -19.61
N VAL A 339 8.72 3.48 -19.17
CA VAL A 339 7.89 2.43 -18.62
C VAL A 339 6.48 2.58 -19.15
N THR A 340 5.93 1.47 -19.62
CA THR A 340 4.74 1.48 -20.43
C THR A 340 3.79 0.39 -19.92
N ASP A 341 2.53 0.73 -19.77
CA ASP A 341 1.48 -0.26 -19.50
C ASP A 341 1.28 -1.13 -20.75
N VAL A 342 1.26 -2.44 -20.56
CA VAL A 342 0.80 -3.38 -21.57
C VAL A 342 -0.74 -3.42 -21.56
N PRO A 343 -1.38 -3.13 -22.71
CA PRO A 343 -2.86 -3.14 -22.70
C PRO A 343 -3.39 -4.54 -22.49
N ASP A 344 -4.48 -4.66 -21.73
CA ASP A 344 -5.19 -5.93 -21.50
C ASP A 344 -6.63 -5.77 -21.91
N PRO A 345 -7.05 -6.49 -22.95
CA PRO A 345 -6.26 -7.41 -23.72
C PRO A 345 -5.43 -6.70 -24.77
N LEU A 346 -4.41 -7.40 -25.21
CA LEU A 346 -3.55 -6.94 -26.27
C LEU A 346 -4.28 -7.11 -27.60
N PRO A 347 -4.49 -6.03 -28.37
CA PRO A 347 -5.19 -6.17 -29.65
C PRO A 347 -4.56 -7.24 -30.53
N ALA A 348 -5.40 -7.97 -31.27
CA ALA A 348 -4.95 -9.11 -32.07
C ALA A 348 -4.06 -8.68 -33.26
N ASP A 349 -4.35 -7.52 -33.82
CA ASP A 349 -3.58 -6.97 -34.96
C ASP A 349 -2.21 -6.38 -34.56
N LEU A 350 -2.03 -6.10 -33.28
CA LEU A 350 -0.82 -5.43 -32.80
C LEU A 350 0.44 -6.25 -33.04
N GLU A 351 1.42 -5.63 -33.69
CA GLU A 351 2.63 -6.35 -34.08
C GLU A 351 3.87 -6.00 -33.26
N ARG A 352 3.87 -4.80 -32.68
CA ARG A 352 5.02 -4.25 -31.96
C ARG A 352 4.53 -3.44 -30.76
N LEU A 353 5.00 -3.79 -29.57
CA LEU A 353 4.68 -3.04 -28.34
C LEU A 353 5.41 -1.70 -28.35
N THR A 354 4.71 -0.61 -28.07
CA THR A 354 5.37 0.67 -27.95
C THR A 354 6.31 0.76 -26.75
N ILE A 355 7.32 1.62 -26.84
CA ILE A 355 8.13 1.95 -25.67
C ILE A 355 7.73 3.32 -25.11
N GLY A 356 6.72 3.93 -25.71
CA GLY A 356 6.04 5.04 -25.07
C GLY A 356 6.83 6.30 -25.01
N TYR A 357 6.68 7.04 -23.91
CA TYR A 357 7.44 8.25 -23.64
C TYR A 357 8.43 8.00 -22.54
N ALA A 358 9.55 8.70 -22.55
CA ALA A 358 10.49 8.59 -21.43
C ALA A 358 9.77 8.74 -20.10
N HIS A 359 10.34 8.20 -19.02
CA HIS A 359 9.69 8.25 -17.69
C HIS A 359 9.69 9.66 -17.20
N HIS A 360 8.91 9.90 -16.15
CA HIS A 360 8.63 11.22 -15.70
C HIS A 360 10.00 11.90 -15.39
N GLY A 361 10.18 13.12 -15.87
CA GLY A 361 11.44 13.83 -15.66
C GLY A 361 12.50 13.65 -16.75
N ALA A 362 12.20 12.86 -17.77
CA ALA A 362 13.11 12.61 -18.88
C ALA A 362 12.39 12.83 -20.17
N GLU A 363 13.13 12.80 -21.29
CA GLU A 363 12.54 12.91 -22.61
C GLU A 363 13.42 12.22 -23.64
N MET A 364 12.77 11.51 -24.56
CA MET A 364 13.53 10.87 -25.63
C MET A 364 12.85 11.15 -26.94
N ASP A 365 13.66 11.28 -27.99
CA ASP A 365 13.18 11.51 -29.34
C ASP A 365 14.16 10.88 -30.32
N VAL A 366 13.80 10.90 -31.60
CA VAL A 366 14.47 10.09 -32.61
C VAL A 366 15.20 11.06 -33.54
N TYR A 367 16.44 10.73 -33.91
CA TYR A 367 17.32 11.66 -34.65
C TYR A 367 17.89 11.06 -35.88
N ASP A 368 17.99 11.84 -36.96
CA ASP A 368 18.60 11.32 -38.20
C ASP A 368 20.13 11.25 -38.06
N ALA A 369 20.77 10.69 -39.08
CA ALA A 369 22.20 10.44 -39.08
C ALA A 369 23.04 11.71 -39.07
N GLU A 370 22.40 12.85 -39.30
CA GLU A 370 23.08 14.16 -39.32
C GLU A 370 22.85 14.94 -38.02
N GLY A 371 22.21 14.30 -37.05
CA GLY A 371 21.95 14.92 -35.78
C GLY A 371 20.77 15.86 -35.75
N ALA A 372 19.87 15.78 -36.72
CA ALA A 372 18.61 16.56 -36.66
C ALA A 372 17.44 15.67 -36.29
N PRO A 373 16.42 16.22 -35.62
CA PRO A 373 15.29 15.42 -35.16
C PRO A 373 14.46 14.98 -36.33
N VAL A 374 14.07 13.72 -36.33
CA VAL A 374 13.29 13.18 -37.41
C VAL A 374 11.99 13.96 -37.52
N GLY A 375 11.70 14.41 -38.74
CA GLY A 375 10.59 15.34 -38.94
C GLY A 375 9.22 14.71 -38.91
N GLU A 376 9.11 13.43 -39.28
CA GLU A 376 7.81 12.80 -39.50
C GLU A 376 7.66 11.48 -38.80
N PRO A 377 6.41 11.14 -38.45
CA PRO A 377 6.13 9.85 -37.86
C PRO A 377 6.42 8.73 -38.85
N GLY A 378 6.73 7.56 -38.34
CA GLY A 378 7.01 6.40 -39.15
C GLY A 378 8.45 6.29 -39.65
N VAL A 379 9.22 7.36 -39.53
CA VAL A 379 10.58 7.35 -40.05
C VAL A 379 11.56 6.99 -38.93
N VAL A 380 12.39 6.00 -39.20
CA VAL A 380 13.32 5.47 -38.24
C VAL A 380 14.51 6.38 -38.07
N GLY A 381 14.93 6.58 -36.82
CA GLY A 381 16.15 7.32 -36.45
C GLY A 381 16.72 6.75 -35.16
N GLU A 382 17.76 7.38 -34.63
CA GLU A 382 18.41 6.94 -33.40
C GLU A 382 17.81 7.65 -32.19
N ILE A 383 17.52 6.89 -31.12
CA ILE A 383 16.96 7.51 -29.89
C ILE A 383 18.08 8.24 -29.15
N TYR A 384 17.87 9.54 -28.92
CA TYR A 384 18.66 10.38 -27.99
C TYR A 384 17.84 10.60 -26.71
N LEU A 385 18.48 10.28 -25.55
CA LEU A 385 17.81 10.39 -24.24
C LEU A 385 18.33 11.60 -23.47
N ARG A 386 17.40 12.48 -23.12
CA ARG A 386 17.64 13.62 -22.31
C ARG A 386 17.10 13.26 -20.92
N SER A 387 17.98 13.21 -19.92
CA SER A 387 17.56 12.77 -18.61
C SER A 387 18.57 13.09 -17.52
N PRO A 388 18.06 13.39 -16.32
CA PRO A 388 18.94 13.50 -15.18
C PRO A 388 19.56 12.18 -14.68
N ALA A 389 19.05 11.06 -15.17
CA ALA A 389 19.54 9.74 -14.77
C ALA A 389 20.70 9.18 -15.57
N LEU A 390 21.32 9.97 -16.42
CA LEU A 390 22.43 9.47 -17.21
C LEU A 390 23.69 9.20 -16.40
N PHE A 391 24.36 8.11 -16.82
CA PHE A 391 25.71 7.76 -16.40
C PHE A 391 26.67 8.94 -16.60
N SER A 392 27.77 8.95 -15.86
CA SER A 392 28.72 10.06 -15.92
C SER A 392 29.77 9.89 -17.01
N GLY A 393 29.94 8.63 -17.44
CA GLY A 393 30.88 8.34 -18.50
C GLY A 393 31.28 6.90 -18.44
N TYR A 394 32.11 6.49 -19.38
CA TYR A 394 32.67 5.17 -19.37
C TYR A 394 34.04 5.25 -18.71
N TRP A 395 34.30 4.36 -17.78
CA TRP A 395 35.46 4.49 -16.88
C TRP A 395 36.78 4.51 -17.65
N ALA A 396 37.56 5.54 -17.44
CA ALA A 396 38.89 5.71 -18.06
C ALA A 396 38.85 5.80 -19.58
N ASP A 397 37.72 6.23 -20.15
CA ASP A 397 37.52 6.22 -21.58
C ASP A 397 36.80 7.49 -22.05
N PRO A 398 37.52 8.63 -22.02
CA PRO A 398 36.90 9.88 -22.42
C PRO A 398 36.38 9.89 -23.86
N GLU A 399 37.04 9.19 -24.77
CA GLU A 399 36.58 9.24 -26.14
C GLU A 399 35.29 8.47 -26.34
N ALA A 400 35.14 7.30 -25.72
CA ALA A 400 33.84 6.62 -25.76
C ALA A 400 32.78 7.44 -24.99
N THR A 401 33.17 8.14 -23.95
CA THR A 401 32.24 8.97 -23.18
C THR A 401 31.69 10.10 -24.04
N ARG A 402 32.57 10.73 -24.80
CA ARG A 402 32.19 11.86 -25.65
C ARG A 402 31.38 11.47 -26.87
N ALA A 403 31.54 10.27 -27.37
CA ALA A 403 30.68 9.81 -28.46
C ALA A 403 29.27 9.48 -27.98
N ALA A 404 29.12 9.05 -26.74
CA ALA A 404 27.80 8.68 -26.19
C ALA A 404 27.11 9.87 -25.57
N LEU A 405 27.84 10.70 -24.81
CA LEU A 405 27.28 11.89 -24.20
C LEU A 405 27.64 13.16 -24.97
N VAL A 406 26.68 13.64 -25.76
CA VAL A 406 26.92 14.68 -26.69
C VAL A 406 26.17 15.96 -26.37
N PRO A 407 26.71 17.10 -26.85
CA PRO A 407 25.99 18.36 -26.66
C PRO A 407 24.58 18.27 -27.22
N ASP A 408 23.63 18.80 -26.45
CA ASP A 408 22.24 18.84 -26.88
C ASP A 408 22.15 19.33 -28.33
N PRO A 409 21.70 18.47 -29.25
CA PRO A 409 21.69 18.89 -30.65
C PRO A 409 20.75 20.08 -30.94
N LEU A 410 19.74 20.27 -30.11
CA LEU A 410 18.84 21.38 -30.28
C LEU A 410 19.37 22.67 -29.66
N LEU A 411 20.37 22.56 -28.80
CA LEU A 411 20.87 23.73 -28.08
C LEU A 411 22.24 23.45 -27.49
N PRO A 412 23.24 23.22 -28.36
CA PRO A 412 24.59 22.94 -27.90
C PRO A 412 25.21 24.07 -27.09
N GLU A 413 24.67 25.27 -27.20
CA GLU A 413 25.17 26.38 -26.44
C GLU A 413 25.01 26.25 -24.91
N SER A 414 24.02 25.46 -24.45
CA SER A 414 23.65 25.47 -23.02
C SER A 414 24.66 24.77 -22.14
N GLY A 415 25.45 23.86 -22.70
CA GLY A 415 26.26 22.92 -21.91
C GLY A 415 25.52 21.64 -21.56
N GLN A 416 24.21 21.59 -21.79
CA GLN A 416 23.48 20.36 -21.48
C GLN A 416 23.94 19.28 -22.42
N VAL A 417 24.05 18.04 -21.91
CA VAL A 417 24.34 16.87 -22.73
C VAL A 417 23.18 15.89 -22.80
N VAL A 418 23.22 15.05 -23.81
CA VAL A 418 22.18 14.12 -24.10
C VAL A 418 22.89 12.79 -24.46
N PHE A 419 22.19 11.65 -24.39
CA PHE A 419 22.78 10.32 -24.59
C PHE A 419 22.33 9.69 -25.90
N ARG A 420 23.28 9.44 -26.79
CA ARG A 420 22.99 8.69 -28.00
C ARG A 420 22.96 7.24 -27.61
N THR A 421 21.75 6.65 -27.67
CA THR A 421 21.50 5.32 -27.14
C THR A 421 22.04 4.19 -27.95
N GLY A 422 22.27 4.43 -29.23
CA GLY A 422 22.56 3.35 -30.17
C GLY A 422 21.33 2.54 -30.54
N ASP A 423 20.15 2.97 -30.11
CA ASP A 423 18.92 2.29 -30.47
C ASP A 423 18.21 3.00 -31.64
N LEU A 424 17.63 2.22 -32.56
CA LEU A 424 16.82 2.75 -33.64
C LEU A 424 15.34 2.67 -33.26
N ALA A 425 14.56 3.63 -33.74
CA ALA A 425 13.14 3.64 -33.48
C ALA A 425 12.45 4.65 -34.38
N TYR A 426 11.13 4.52 -34.47
CA TYR A 426 10.31 5.53 -35.12
C TYR A 426 9.25 5.95 -34.13
N ARG A 427 8.60 7.06 -34.48
CA ARG A 427 7.62 7.73 -33.66
C ARG A 427 6.23 7.54 -34.31
N ASP A 428 5.18 7.40 -33.52
CA ASP A 428 3.81 7.47 -34.08
C ASP A 428 3.32 8.91 -34.08
N ALA A 429 2.08 9.15 -34.49
CA ALA A 429 1.54 10.52 -34.57
C ALA A 429 1.48 11.18 -33.21
N ASP A 430 1.25 10.37 -32.18
CA ASP A 430 1.12 10.86 -30.81
C ASP A 430 2.47 11.11 -30.16
N GLY A 431 3.55 10.65 -30.80
CA GLY A 431 4.89 10.95 -30.32
C GLY A 431 5.53 9.82 -29.53
N ARG A 432 4.84 8.70 -29.40
CA ARG A 432 5.39 7.51 -28.78
C ARG A 432 6.41 6.86 -29.71
N LEU A 433 7.43 6.23 -29.12
CA LEU A 433 8.40 5.54 -29.92
C LEU A 433 8.14 4.05 -30.02
N TYR A 434 8.79 3.46 -31.01
CA TYR A 434 8.72 1.99 -31.27
C TYR A 434 10.12 1.51 -31.59
N PHE A 435 10.62 0.60 -30.77
CA PHE A 435 11.97 0.10 -30.89
C PHE A 435 12.15 -0.75 -32.15
N CYS A 436 13.22 -0.49 -32.91
CA CYS A 436 13.52 -1.22 -34.16
C CYS A 436 14.89 -1.90 -34.22
N GLY A 437 15.59 -2.00 -33.10
CA GLY A 437 16.88 -2.66 -33.05
C GLY A 437 18.03 -1.70 -32.83
N ARG A 438 19.21 -2.29 -32.66
CA ARG A 438 20.42 -1.56 -32.44
C ARG A 438 21.02 -1.15 -33.76
N ILE A 439 21.88 -0.14 -33.72
CA ILE A 439 22.71 0.22 -34.84
C ILE A 439 23.85 -0.82 -34.88
N PRO B 19 -3.25 -28.44 25.89
CA PRO B 19 -3.71 -28.98 24.60
C PRO B 19 -2.85 -30.07 23.95
N TYR B 20 -3.50 -31.10 23.44
CA TYR B 20 -2.79 -32.23 22.81
C TYR B 20 -1.92 -31.77 21.66
N ALA B 21 -2.52 -30.99 20.76
CA ALA B 21 -1.82 -30.41 19.63
C ALA B 21 -1.94 -28.92 19.69
N ALA B 22 -1.19 -28.24 18.83
CA ALA B 22 -1.18 -26.79 18.78
C ALA B 22 -2.60 -26.25 18.42
N PRO B 23 -3.18 -25.43 19.30
CA PRO B 23 -4.43 -24.80 18.97
C PRO B 23 -4.29 -23.89 17.77
N VAL B 24 -5.33 -23.79 16.95
CA VAL B 24 -5.35 -22.81 15.91
C VAL B 24 -6.45 -21.77 16.27
N ARG B 25 -6.02 -20.53 16.46
CA ARG B 25 -6.92 -19.47 16.89
C ARG B 25 -7.82 -18.97 15.76
N ASP B 26 -9.07 -18.71 16.09
CA ASP B 26 -10.05 -18.28 15.13
C ASP B 26 -10.37 -16.80 15.33
N HIS B 27 -10.16 -15.97 14.28
CA HIS B 27 -10.39 -14.52 14.39
C HIS B 27 -11.74 -14.10 13.83
N ALA B 28 -12.52 -15.02 13.31
CA ALA B 28 -13.80 -14.69 12.72
C ALA B 28 -15.04 -14.91 13.62
N GLY B 29 -14.86 -15.06 14.94
CA GLY B 29 -15.98 -15.31 15.85
C GLY B 29 -16.59 -14.09 16.51
N ASN B 30 -15.91 -12.96 16.38
CA ASN B 30 -16.31 -11.70 17.00
C ASN B 30 -15.67 -10.53 16.23
N LEU B 31 -16.45 -9.49 16.03
CA LEU B 31 -15.98 -8.32 15.29
C LEU B 31 -14.72 -7.73 15.90
N ARG B 32 -14.62 -7.86 17.21
CA ARG B 32 -13.49 -7.33 17.93
C ARG B 32 -12.24 -8.00 17.43
N ASP B 33 -12.31 -9.30 17.20
CA ASP B 33 -11.16 -10.02 16.73
C ASP B 33 -10.96 -9.80 15.23
N TYR B 34 -12.03 -10.01 14.45
CA TYR B 34 -11.91 -9.91 13.01
C TYR B 34 -11.39 -8.55 12.54
N LEU B 35 -11.93 -7.46 13.09
CA LEU B 35 -11.56 -6.15 12.64
C LEU B 35 -10.09 -5.82 12.88
N LEU B 36 -9.50 -6.44 13.88
CA LEU B 36 -8.17 -6.09 14.30
C LEU B 36 -7.12 -7.08 13.85
N ALA B 37 -7.52 -8.18 13.25
CA ALA B 37 -6.58 -9.19 12.93
C ALA B 37 -5.45 -8.68 11.98
N ALA B 38 -5.80 -8.01 10.89
CA ALA B 38 -4.79 -7.57 9.91
C ALA B 38 -3.81 -6.65 10.54
N GLY B 39 -4.26 -5.87 11.49
CA GLY B 39 -3.43 -4.91 12.17
C GLY B 39 -2.40 -5.51 13.11
N LYS B 40 -2.58 -6.75 13.52
CA LYS B 40 -1.52 -7.50 14.20
C LYS B 40 -0.12 -7.48 13.48
N ALA B 41 -0.12 -7.45 12.16
CA ALA B 41 1.12 -7.39 11.42
C ALA B 41 1.78 -5.99 11.47
N THR B 42 1.00 -4.94 11.84
CA THR B 42 1.44 -3.57 11.83
C THR B 42 0.96 -2.83 13.09
N PRO B 43 1.37 -3.32 14.28
CA PRO B 43 0.88 -2.72 15.50
C PRO B 43 1.15 -1.23 15.66
N ASP B 44 2.24 -0.74 15.03
CA ASP B 44 2.76 0.62 15.18
C ASP B 44 2.06 1.60 14.24
N LYS B 45 1.49 1.08 13.17
CA LYS B 45 0.84 1.88 12.16
C LYS B 45 -0.38 2.63 12.73
N PRO B 46 -0.70 3.82 12.19
CA PRO B 46 -1.89 4.54 12.58
C PRO B 46 -3.17 3.83 12.14
N ALA B 47 -4.04 3.56 13.09
CA ALA B 47 -5.33 2.93 12.86
C ALA B 47 -6.37 4.00 12.62
N ILE B 48 -6.34 5.01 13.48
CA ILE B 48 -7.23 6.16 13.41
C ILE B 48 -6.49 7.48 13.48
N VAL B 49 -6.83 8.40 12.58
CA VAL B 49 -6.27 9.75 12.59
C VAL B 49 -7.39 10.71 12.93
N GLU B 50 -7.13 11.67 13.79
CA GLU B 50 -8.13 12.69 14.16
C GLU B 50 -7.45 13.99 14.52
N PRO B 51 -8.22 15.10 14.51
CA PRO B 51 -7.63 16.39 14.87
C PRO B 51 -7.22 16.43 16.31
N ALA B 52 -6.15 17.19 16.58
CA ALA B 52 -5.58 17.28 17.92
C ALA B 52 -6.10 18.52 18.61
N GLU B 53 -6.10 18.47 19.96
CA GLU B 53 -6.32 19.63 20.86
C GLU B 53 -5.67 20.88 20.31
N ASP B 54 -4.34 20.87 20.25
CA ASP B 54 -3.63 22.10 19.92
C ASP B 54 -4.11 22.58 18.54
N GLY B 55 -4.11 21.69 17.55
CA GLY B 55 -4.49 22.11 16.19
C GLY B 55 -3.96 21.41 14.96
N GLY B 56 -3.06 20.44 15.12
CA GLY B 56 -2.70 19.59 14.00
C GLY B 56 -3.49 18.29 13.96
N LEU B 57 -2.83 17.24 13.52
CA LEU B 57 -3.45 15.91 13.57
C LEU B 57 -2.77 15.08 14.59
N ARG B 58 -3.48 14.08 15.05
CA ARG B 58 -2.84 13.09 15.90
C ARG B 58 -3.30 11.71 15.46
N PHE B 59 -2.65 10.70 15.97
CA PHE B 59 -3.00 9.37 15.54
C PHE B 59 -2.95 8.33 16.64
N VAL B 60 -3.75 7.31 16.43
CA VAL B 60 -3.81 6.24 17.37
C VAL B 60 -3.43 4.97 16.62
N SER B 61 -2.39 4.28 17.11
CA SER B 61 -1.92 3.10 16.42
C SER B 61 -2.84 1.90 16.69
N TYR B 62 -2.73 0.89 15.83
CA TYR B 62 -3.44 -0.33 16.05
C TYR B 62 -3.26 -0.83 17.45
N ARG B 63 -2.01 -0.82 17.91
CA ARG B 63 -1.69 -1.34 19.24
C ARG B 63 -2.39 -0.52 20.31
N GLN B 64 -2.36 0.80 20.16
CA GLN B 64 -2.98 1.68 21.11
C GLN B 64 -4.49 1.58 21.07
N LEU B 65 -5.07 1.36 19.88
CA LEU B 65 -6.51 1.24 19.81
C LEU B 65 -6.99 0.01 20.57
N GLU B 66 -6.30 -1.11 20.39
CA GLU B 66 -6.61 -2.30 21.15
C GLU B 66 -6.45 -2.13 22.66
N ALA B 67 -5.38 -1.46 23.07
CA ALA B 67 -5.18 -1.19 24.50
C ALA B 67 -6.36 -0.39 25.04
N GLN B 68 -6.81 0.60 24.29
CA GLN B 68 -7.94 1.42 24.77
C GLN B 68 -9.25 0.58 24.79
N ALA B 69 -9.48 -0.23 23.75
CA ALA B 69 -10.63 -1.13 23.72
C ALA B 69 -10.67 -2.08 24.90
N ASP B 70 -9.50 -2.66 25.21
CA ASP B 70 -9.36 -3.56 26.35
C ASP B 70 -9.60 -2.87 27.71
N ALA B 71 -9.11 -1.64 27.83
CA ALA B 71 -9.29 -0.91 29.08
C ALA B 71 -10.73 -0.57 29.27
N TYR B 72 -11.38 -0.14 28.19
CA TYR B 72 -12.77 0.21 28.25
C TYR B 72 -13.65 -0.98 28.58
N ALA B 73 -13.29 -2.12 27.98
CA ALA B 73 -14.01 -3.37 28.21
C ALA B 73 -13.96 -3.81 29.66
N ALA B 74 -12.76 -3.81 30.26
CA ALA B 74 -12.62 -4.14 31.68
C ALA B 74 -13.54 -3.32 32.58
N GLU B 75 -13.57 -2.01 32.39
CA GLU B 75 -14.41 -1.14 33.19
C GLU B 75 -15.89 -1.37 32.90
N LEU B 76 -16.25 -1.51 31.63
CA LEU B 76 -17.64 -1.74 31.33
C LEU B 76 -18.10 -3.04 31.93
N ASP B 77 -17.24 -4.05 31.94
CA ASP B 77 -17.61 -5.39 32.41
C ASP B 77 -17.90 -5.39 33.90
N ALA B 78 -17.33 -4.43 34.63
CA ALA B 78 -17.61 -4.30 36.08
C ALA B 78 -19.03 -3.82 36.35
N LEU B 79 -19.76 -3.38 35.32
CA LEU B 79 -21.13 -2.97 35.51
C LEU B 79 -22.12 -4.12 35.62
N GLY B 80 -21.66 -5.32 35.32
CA GLY B 80 -22.49 -6.50 35.46
C GLY B 80 -23.54 -6.74 34.39
N LEU B 81 -23.44 -6.08 33.23
CA LEU B 81 -24.43 -6.25 32.15
C LEU B 81 -24.22 -7.59 31.51
N ASP B 82 -25.31 -8.15 30.98
CA ASP B 82 -25.33 -9.49 30.46
C ASP B 82 -25.11 -9.40 28.94
N VAL B 83 -24.53 -10.46 28.34
CA VAL B 83 -24.48 -10.57 26.89
C VAL B 83 -25.92 -10.40 26.35
N GLY B 84 -26.11 -9.56 25.35
CA GLY B 84 -27.45 -9.21 24.82
C GLY B 84 -27.99 -7.82 25.21
N ASP B 85 -27.59 -7.33 26.37
CA ASP B 85 -28.08 -6.05 26.83
C ASP B 85 -27.61 -4.96 25.91
N ARG B 86 -28.53 -4.09 25.50
CA ARG B 86 -28.20 -2.98 24.64
C ARG B 86 -27.58 -1.81 25.36
N VAL B 87 -26.71 -1.13 24.61
CA VAL B 87 -26.03 0.05 25.03
C VAL B 87 -26.27 1.10 23.95
N VAL B 88 -26.75 2.28 24.31
CA VAL B 88 -26.77 3.40 23.37
C VAL B 88 -25.42 4.05 23.44
N LEU B 89 -24.74 4.17 22.30
CA LEU B 89 -23.40 4.73 22.27
C LEU B 89 -23.46 6.02 21.51
N GLU B 90 -23.37 7.15 22.24
CA GLU B 90 -23.55 8.47 21.64
C GLU B 90 -22.24 9.24 21.60
N SER B 91 -21.73 9.48 20.38
CA SER B 91 -20.47 10.22 20.24
C SER B 91 -20.24 10.54 18.79
N PRO B 92 -19.53 11.65 18.54
CA PRO B 92 -19.01 11.74 17.18
C PRO B 92 -17.97 10.64 16.98
N ALA B 93 -17.76 10.25 15.74
CA ALA B 93 -16.76 9.23 15.38
C ALA B 93 -15.33 9.73 15.72
N THR B 94 -14.73 9.14 16.73
CA THR B 94 -13.42 9.46 17.21
C THR B 94 -12.73 8.17 17.60
N ALA B 95 -11.42 8.24 17.79
CA ALA B 95 -10.64 7.08 18.14
C ALA B 95 -11.20 6.44 19.38
N ASP B 96 -11.59 7.26 20.35
CA ASP B 96 -12.19 6.74 21.59
C ASP B 96 -13.57 6.10 21.39
N ALA B 97 -14.36 6.62 20.44
CA ALA B 97 -15.66 6.02 20.19
C ALA B 97 -15.44 4.65 19.56
N VAL B 98 -14.39 4.55 18.74
CA VAL B 98 -14.08 3.27 18.08
C VAL B 98 -13.66 2.27 19.13
N ALA B 99 -12.78 2.66 20.03
CA ALA B 99 -12.42 1.79 21.15
C ALA B 99 -13.68 1.34 21.91
N ALA B 100 -14.60 2.26 22.11
CA ALA B 100 -15.85 1.93 22.87
C ALA B 100 -16.70 0.89 22.17
N PHE B 101 -16.83 1.03 20.84
CA PHE B 101 -17.66 0.04 20.15
C PHE B 101 -16.96 -1.32 20.05
N LEU B 102 -15.62 -1.31 19.93
CA LEU B 102 -14.86 -2.54 20.01
C LEU B 102 -14.98 -3.18 21.40
N ALA B 103 -14.99 -2.34 22.44
CA ALA B 103 -15.23 -2.91 23.79
C ALA B 103 -16.62 -3.59 23.87
N CYS B 104 -17.65 -2.92 23.35
CA CYS B 104 -19.00 -3.51 23.33
C CYS B 104 -19.06 -4.81 22.57
N PHE B 105 -18.41 -4.85 21.41
CA PHE B 105 -18.33 -6.10 20.68
C PHE B 105 -17.75 -7.24 21.54
N SER B 106 -16.66 -6.97 22.25
CA SER B 106 -15.97 -7.99 23.09
C SER B 106 -16.80 -8.57 24.19
N LEU B 107 -17.64 -7.72 24.75
CA LEU B 107 -18.48 -8.06 25.88
C LEU B 107 -19.80 -8.63 25.42
N GLY B 108 -20.07 -8.60 24.11
CA GLY B 108 -21.34 -9.07 23.60
C GLY B 108 -22.49 -8.13 23.93
N LEU B 109 -22.19 -6.85 24.00
CA LEU B 109 -23.21 -5.84 24.25
C LEU B 109 -23.56 -5.13 22.97
N PRO B 110 -24.70 -5.50 22.38
CA PRO B 110 -24.99 -4.80 21.16
C PRO B 110 -25.23 -3.33 21.42
N PHE B 111 -24.67 -2.46 20.56
CA PHE B 111 -24.84 -1.05 20.73
C PHE B 111 -25.66 -0.44 19.62
N ILE B 112 -26.25 0.72 19.94
CA ILE B 112 -27.01 1.53 18.99
C ILE B 112 -26.21 2.79 18.89
N PRO B 113 -25.63 3.09 17.72
CA PRO B 113 -24.82 4.27 17.61
C PRO B 113 -25.66 5.56 17.38
N THR B 114 -25.32 6.62 18.09
CA THR B 114 -26.04 7.89 18.00
C THR B 114 -25.05 9.02 18.03
N ILE B 115 -25.46 10.20 17.62
CA ILE B 115 -24.67 11.39 17.84
C ILE B 115 -25.44 12.42 18.68
N PRO B 116 -24.70 13.38 19.26
CA PRO B 116 -25.32 14.41 20.08
C PRO B 116 -26.48 15.16 19.39
N GLU B 117 -26.38 15.31 18.06
CA GLU B 117 -27.35 16.02 17.24
C GLU B 117 -28.52 15.14 16.83
N THR B 118 -28.50 13.87 17.20
CA THR B 118 -29.68 13.02 17.00
C THR B 118 -30.86 13.58 17.84
N PRO B 119 -32.01 13.84 17.19
CA PRO B 119 -33.16 14.45 17.87
C PRO B 119 -33.63 13.65 19.08
N VAL B 120 -33.84 14.33 20.20
CA VAL B 120 -34.24 13.67 21.43
C VAL B 120 -35.49 12.81 21.25
N GLN B 121 -36.41 13.23 20.39
CA GLN B 121 -37.63 12.44 20.16
C GLN B 121 -37.29 11.06 19.59
N ARG B 122 -36.39 11.04 18.61
CA ARG B 122 -35.92 9.77 18.00
C ARG B 122 -35.14 8.92 19.00
N LEU B 123 -34.29 9.58 19.76
CA LEU B 123 -33.57 8.90 20.80
C LEU B 123 -34.53 8.23 21.81
N ARG B 124 -35.56 8.97 22.24
CA ARG B 124 -36.53 8.41 23.21
C ARG B 124 -37.30 7.25 22.61
N THR B 125 -37.55 7.33 21.31
CA THR B 125 -38.21 6.22 20.59
C THR B 125 -37.29 4.99 20.56
N ILE B 126 -36.01 5.20 20.22
CA ILE B 126 -35.01 4.11 20.27
C ILE B 126 -35.00 3.44 21.64
N ILE B 127 -34.97 4.26 22.70
CA ILE B 127 -34.84 3.74 24.07
C ILE B 127 -36.07 2.93 24.50
N GLY B 128 -37.27 3.35 24.11
CA GLY B 128 -38.47 2.56 24.39
C GLY B 128 -38.55 1.28 23.58
N MET B 129 -38.09 1.29 22.34
CA MET B 129 -38.12 0.05 21.51
C MET B 129 -37.10 -0.99 21.95
N ALA B 130 -35.88 -0.52 22.30
CA ALA B 130 -34.75 -1.42 22.52
C ALA B 130 -34.43 -1.63 23.98
N ALA B 131 -34.93 -0.73 24.83
CA ALA B 131 -34.78 -0.86 26.29
C ALA B 131 -33.32 -1.12 26.70
N PRO B 132 -32.42 -0.22 26.34
CA PRO B 132 -31.01 -0.41 26.65
C PRO B 132 -30.81 -0.34 28.15
N ALA B 133 -29.85 -1.09 28.65
CA ALA B 133 -29.45 -1.01 30.03
C ALA B 133 -28.47 0.12 30.33
N LEU B 134 -27.84 0.69 29.29
CA LEU B 134 -26.79 1.70 29.49
C LEU B 134 -26.76 2.75 28.37
N PHE B 135 -26.63 4.03 28.76
CA PHE B 135 -26.43 5.11 27.84
C PHE B 135 -25.00 5.56 28.04
N LEU B 136 -24.18 5.35 27.01
CA LEU B 136 -22.73 5.52 27.11
C LEU B 136 -22.35 6.66 26.18
N GLN B 137 -21.97 7.82 26.72
CA GLN B 137 -21.68 8.98 25.87
C GLN B 137 -20.23 9.44 25.99
N ALA B 138 -19.81 10.33 25.10
CA ALA B 138 -18.45 10.87 25.06
C ALA B 138 -18.15 11.62 26.35
N ALA B 139 -16.86 11.83 26.63
CA ALA B 139 -16.42 12.65 27.78
C ALA B 139 -17.18 13.99 27.84
N ASP B 140 -17.20 14.68 26.71
CA ASP B 140 -17.90 15.96 26.52
C ASP B 140 -19.42 15.87 26.51
N GLY B 141 -19.98 14.68 26.48
CA GLY B 141 -21.41 14.58 26.20
C GLY B 141 -22.22 15.29 27.28
N SER B 142 -23.31 15.92 26.90
CA SER B 142 -24.22 16.48 27.90
C SER B 142 -25.63 16.29 27.39
N ARG B 143 -25.97 15.06 27.04
CA ARG B 143 -27.29 14.79 26.48
C ARG B 143 -28.41 15.03 27.53
N GLU B 144 -29.44 15.77 27.13
CA GLU B 144 -30.63 15.99 27.95
C GLU B 144 -31.85 15.34 27.36
N GLY B 145 -32.88 15.20 28.21
CA GLY B 145 -34.16 14.62 27.82
C GLY B 145 -34.22 13.11 28.08
N LEU B 146 -33.23 12.58 28.77
CA LEU B 146 -33.15 11.16 29.11
C LEU B 146 -34.33 10.72 29.96
N PRO B 147 -34.88 9.52 29.71
CA PRO B 147 -35.86 9.03 30.64
C PRO B 147 -35.18 8.50 31.86
N PRO B 148 -35.94 8.33 32.97
CA PRO B 148 -35.37 7.81 34.20
C PRO B 148 -35.11 6.28 34.18
N GLY B 149 -34.14 5.85 34.98
CA GLY B 149 -33.88 4.42 35.20
C GLY B 149 -32.77 3.92 34.33
N LEU B 150 -32.11 4.82 33.62
CA LEU B 150 -31.16 4.42 32.61
C LEU B 150 -29.77 4.52 33.20
N GLY B 151 -29.03 3.43 33.17
CA GLY B 151 -27.57 3.48 33.41
C GLY B 151 -26.92 4.59 32.58
N MET B 152 -26.01 5.33 33.19
CA MET B 152 -25.30 6.39 32.50
C MET B 152 -23.78 6.35 32.71
N ALA B 153 -23.00 6.53 31.64
CA ALA B 153 -21.55 6.50 31.75
C ALA B 153 -20.91 7.30 30.65
N ARG B 154 -19.68 7.72 30.89
CA ARG B 154 -18.91 8.47 29.90
C ARG B 154 -17.63 7.77 29.64
N PHE B 155 -17.13 7.95 28.43
CA PHE B 155 -15.80 7.40 28.08
C PHE B 155 -14.97 8.52 27.55
N GLY B 156 -13.70 8.52 27.87
CA GLY B 156 -12.77 9.50 27.33
C GLY B 156 -11.35 8.97 27.45
N PRO B 157 -10.36 9.86 27.29
CA PRO B 157 -8.93 9.45 27.39
C PRO B 157 -8.54 8.66 28.63
N LYS B 158 -9.08 9.03 29.79
CA LYS B 158 -8.73 8.36 31.05
C LYS B 158 -9.44 7.03 31.27
N GLY B 159 -10.52 6.77 30.55
CA GLY B 159 -11.29 5.55 30.74
C GLY B 159 -12.78 5.82 30.81
N VAL B 160 -13.50 4.90 31.44
CA VAL B 160 -14.96 4.96 31.56
C VAL B 160 -15.35 5.27 32.99
N THR B 161 -16.03 6.39 33.19
CA THR B 161 -16.59 6.73 34.50
C THR B 161 -18.10 6.61 34.44
N THR B 162 -18.70 6.01 35.48
CA THR B 162 -20.13 5.74 35.52
C THR B 162 -20.86 6.69 36.47
N GLU B 163 -21.73 7.51 35.91
CA GLU B 163 -22.49 8.49 36.64
C GLU B 163 -23.63 7.84 37.41
N GLN B 164 -24.24 6.83 36.79
CA GLN B 164 -25.42 6.17 37.33
C GLN B 164 -25.37 4.71 36.93
N LEU B 165 -25.31 3.83 37.91
CA LEU B 165 -25.22 2.43 37.65
C LEU B 165 -26.49 1.91 37.02
N PRO B 166 -26.33 0.98 36.08
CA PRO B 166 -27.51 0.27 35.59
C PRO B 166 -28.15 -0.55 36.66
N ALA B 167 -29.38 -0.99 36.40
CA ALA B 167 -30.13 -1.81 37.33
C ALA B 167 -29.36 -3.07 37.63
N PRO B 168 -29.53 -3.61 38.84
CA PRO B 168 -28.93 -4.91 39.08
C PRO B 168 -29.62 -6.02 38.27
N ARG B 169 -28.89 -7.09 38.02
CA ARG B 169 -29.44 -8.21 37.27
C ARG B 169 -28.62 -9.43 37.59
N VAL B 170 -29.18 -10.60 37.38
CA VAL B 170 -28.39 -11.84 37.45
C VAL B 170 -28.03 -12.23 36.01
N ARG B 171 -26.74 -12.46 35.76
CA ARG B 171 -26.30 -12.84 34.44
C ARG B 171 -26.68 -14.26 34.12
N ARG B 172 -27.15 -14.47 32.90
CA ARG B 172 -27.55 -15.81 32.46
C ARG B 172 -26.73 -16.32 31.29
N ARG B 173 -25.88 -15.47 30.74
CA ARG B 173 -25.04 -15.82 29.63
C ARG B 173 -23.60 -15.85 30.10
N ARG B 174 -22.92 -16.91 29.72
CA ARG B 174 -21.49 -17.08 29.98
C ARG B 174 -20.62 -16.29 29.00
N GLN B 175 -20.91 -16.38 27.70
CA GLN B 175 -19.91 -16.12 26.71
C GLN B 175 -20.59 -15.61 25.44
N VAL B 176 -20.12 -14.50 24.89
CA VAL B 176 -20.60 -14.04 23.60
C VAL B 176 -20.21 -15.00 22.48
N VAL B 177 -21.10 -15.21 21.54
CA VAL B 177 -20.80 -16.08 20.40
C VAL B 177 -21.23 -15.39 19.12
N GLU B 178 -20.78 -15.89 17.97
CA GLU B 178 -20.90 -15.11 16.72
C GLU B 178 -22.34 -14.95 16.20
N THR B 179 -23.26 -15.77 16.70
CA THR B 179 -24.68 -15.63 16.42
C THR B 179 -25.35 -14.56 17.28
N ASP B 180 -24.67 -14.05 18.29
CA ASP B 180 -25.21 -12.93 19.06
C ASP B 180 -25.26 -11.59 18.30
N PRO B 181 -26.22 -10.73 18.66
CA PRO B 181 -26.26 -9.43 18.07
C PRO B 181 -25.02 -8.61 18.35
N ALA B 182 -24.47 -7.94 17.34
CA ALA B 182 -23.30 -7.08 17.54
C ALA B 182 -23.72 -5.62 17.60
N TYR B 183 -24.71 -5.22 16.79
CA TYR B 183 -25.26 -3.85 16.89
C TYR B 183 -26.65 -3.78 16.34
N LEU B 184 -27.29 -2.66 16.59
CA LEU B 184 -28.63 -2.37 16.09
C LEU B 184 -28.64 -1.00 15.48
N ILE B 185 -29.22 -0.91 14.29
CA ILE B 185 -29.41 0.37 13.66
C ILE B 185 -30.89 0.58 13.40
N PHE B 186 -31.40 1.71 13.84
CA PHE B 186 -32.79 2.02 13.62
C PHE B 186 -32.97 2.84 12.36
N THR B 187 -33.90 2.43 11.51
CA THR B 187 -34.23 3.12 10.26
C THR B 187 -35.47 4.00 10.28
N GLY B 192 -43.42 4.67 7.16
CA GLY B 192 -43.10 5.87 7.94
C GLY B 192 -42.51 5.67 9.35
N ARG B 193 -42.68 4.47 9.92
CA ARG B 193 -42.33 4.23 11.34
C ARG B 193 -41.03 3.36 11.52
N PRO B 194 -40.22 3.63 12.56
CA PRO B 194 -38.82 3.17 12.63
C PRO B 194 -38.61 1.76 13.17
N LYS B 195 -37.69 1.04 12.51
CA LYS B 195 -37.41 -0.36 12.81
C LYS B 195 -35.94 -0.59 13.23
N GLY B 196 -35.72 -1.58 14.09
CA GLY B 196 -34.40 -1.83 14.62
C GLY B 196 -33.76 -2.99 13.88
N VAL B 197 -32.79 -2.69 13.02
CA VAL B 197 -32.10 -3.75 12.30
C VAL B 197 -31.07 -4.38 13.23
N VAL B 198 -31.20 -5.67 13.46
CA VAL B 198 -30.30 -6.38 14.33
C VAL B 198 -29.24 -7.08 13.50
N MET B 199 -27.98 -6.74 13.69
CA MET B 199 -26.89 -7.37 12.92
C MET B 199 -26.01 -8.22 13.81
N SER B 200 -25.85 -9.49 13.47
CA SER B 200 -24.96 -10.39 14.22
C SER B 200 -23.47 -10.18 13.90
N HIS B 201 -22.59 -10.68 14.78
CA HIS B 201 -21.14 -10.68 14.51
C HIS B 201 -20.82 -11.45 13.23
N ARG B 202 -21.33 -12.65 13.18
CA ARG B 202 -21.16 -13.52 12.06
C ARG B 202 -21.53 -12.77 10.76
N ALA B 203 -22.65 -12.08 10.75
CA ALA B 203 -23.15 -11.50 9.51
C ALA B 203 -22.27 -10.36 9.07
N ASN B 204 -21.88 -9.48 10.00
CA ASN B 204 -21.06 -8.39 9.63
C ASN B 204 -19.65 -8.83 9.26
N ILE B 205 -19.12 -9.83 9.96
CA ILE B 205 -17.86 -10.42 9.59
C ILE B 205 -17.92 -10.99 8.15
N ALA B 206 -19.05 -11.60 7.80
CA ALA B 206 -19.17 -12.21 6.47
C ALA B 206 -19.16 -11.14 5.41
N PHE B 207 -19.73 -9.99 5.77
CA PHE B 207 -19.61 -8.84 4.90
C PHE B 207 -18.17 -8.42 4.61
N HIS B 208 -17.39 -8.20 5.67
CA HIS B 208 -16.04 -7.71 5.50
C HIS B 208 -15.22 -8.75 4.80
N ARG B 209 -15.45 -9.99 5.14
CA ARG B 209 -14.75 -11.06 4.43
C ARG B 209 -14.96 -11.03 2.90
N GLY B 210 -16.21 -10.90 2.50
CA GLY B 210 -16.51 -10.85 1.11
C GLY B 210 -15.94 -9.61 0.44
N ILE B 211 -16.16 -8.43 1.02
CA ILE B 211 -15.71 -7.21 0.42
C ILE B 211 -14.19 -7.16 0.23
N ARG B 212 -13.42 -7.63 1.21
CA ARG B 212 -11.99 -7.61 1.10
C ARG B 212 -11.49 -8.44 -0.08
N ALA B 213 -12.29 -9.38 -0.55
CA ALA B 213 -11.90 -10.12 -1.74
C ALA B 213 -11.89 -9.27 -2.98
N HIS B 214 -12.54 -8.12 -2.92
CA HIS B 214 -12.65 -7.24 -4.07
C HIS B 214 -11.51 -6.18 -4.10
N GLY B 215 -10.76 -6.03 -3.03
CA GLY B 215 -9.58 -5.16 -3.03
C GLY B 215 -9.91 -3.68 -3.07
N LEU B 216 -10.91 -3.29 -2.29
CA LEU B 216 -11.29 -1.94 -2.31
C LEU B 216 -10.36 -1.07 -1.47
N ILE B 217 -9.81 -1.65 -0.41
CA ILE B 217 -8.92 -0.93 0.47
C ILE B 217 -7.70 -1.78 0.74
N GLY B 218 -6.52 -1.17 0.63
CA GLY B 218 -5.28 -1.80 0.93
C GLY B 218 -4.68 -1.11 2.15
N PRO B 219 -3.74 -1.77 2.82
CA PRO B 219 -3.09 -1.19 4.00
C PRO B 219 -2.48 0.22 3.87
N ASP B 220 -2.06 0.62 2.67
CA ASP B 220 -1.52 1.96 2.46
C ASP B 220 -2.58 3.04 2.39
N ASP B 221 -3.85 2.66 2.27
CA ASP B 221 -4.89 3.69 2.12
C ASP B 221 -5.14 4.45 3.39
N ARG B 222 -5.54 5.71 3.26
CA ARG B 222 -6.03 6.50 4.37
C ARG B 222 -7.40 6.93 3.98
N VAL B 223 -8.39 6.54 4.76
CA VAL B 223 -9.80 6.61 4.32
C VAL B 223 -10.53 7.66 5.07
N ALA B 224 -11.04 8.65 4.34
CA ALA B 224 -11.88 9.63 4.91
C ALA B 224 -13.30 9.06 4.97
N VAL B 225 -13.82 8.88 6.17
CA VAL B 225 -15.25 8.48 6.40
C VAL B 225 -16.09 9.78 6.70
N THR B 226 -16.91 10.20 5.78
CA THR B 226 -17.65 11.42 5.92
C THR B 226 -18.96 11.27 6.66
N SER B 227 -19.47 10.06 6.76
CA SER B 227 -20.80 9.90 7.25
C SER B 227 -20.76 9.84 8.77
N PRO B 228 -21.69 10.56 9.40
CA PRO B 228 -21.69 10.62 10.86
C PRO B 228 -21.83 9.27 11.53
N PHE B 229 -21.48 9.22 12.82
CA PHE B 229 -21.48 7.98 13.62
C PHE B 229 -22.85 7.30 13.71
N SER B 230 -23.92 8.10 13.61
CA SER B 230 -25.29 7.57 13.71
C SER B 230 -25.67 6.87 12.45
N PHE B 231 -24.81 6.95 11.43
CA PHE B 231 -25.07 6.23 10.19
C PHE B 231 -24.32 4.91 10.09
N ASP B 232 -25.07 3.91 9.64
CA ASP B 232 -24.55 2.61 9.25
C ASP B 232 -23.22 2.65 8.46
N PHE B 233 -23.18 3.52 7.47
CA PHE B 233 -22.06 3.65 6.58
C PHE B 233 -20.79 4.13 7.28
N CYS B 234 -20.93 4.83 8.42
CA CYS B 234 -19.76 5.27 9.20
C CYS B 234 -19.07 4.08 9.84
N LEU B 235 -19.80 3.34 10.65
CA LEU B 235 -19.28 2.14 11.25
C LEU B 235 -18.70 1.17 10.20
N GLY B 236 -19.44 0.94 9.15
CA GLY B 236 -19.01 0.06 8.04
C GLY B 236 -17.69 0.47 7.42
N GLY B 237 -17.55 1.78 7.16
CA GLY B 237 -16.36 2.32 6.59
C GLY B 237 -15.16 2.18 7.49
N ILE B 238 -15.37 2.45 8.76
CA ILE B 238 -14.31 2.37 9.73
C ILE B 238 -13.92 0.94 9.91
N ALA B 239 -14.93 0.08 9.99
CA ALA B 239 -14.70 -1.37 10.21
C ALA B 239 -13.94 -1.99 9.05
N LEU B 240 -14.34 -1.67 7.86
CA LEU B 240 -13.73 -2.27 6.71
C LEU B 240 -12.29 -1.75 6.56
N THR B 241 -12.11 -0.49 6.84
CA THR B 241 -10.83 0.13 6.78
C THR B 241 -9.85 -0.53 7.76
N LEU B 242 -10.27 -0.71 9.01
CA LEU B 242 -9.48 -1.45 9.97
C LEU B 242 -9.24 -2.89 9.58
N ALA B 243 -10.30 -3.58 9.17
CA ALA B 243 -10.23 -4.97 8.78
C ALA B 243 -9.25 -5.16 7.63
N SER B 244 -9.08 -4.13 6.81
CA SER B 244 -8.15 -4.16 5.68
C SER B 244 -6.74 -3.72 6.07
N GLY B 245 -6.60 -3.34 7.34
CA GLY B 245 -5.31 -2.99 7.90
C GLY B 245 -4.87 -1.60 7.49
N ALA B 246 -5.83 -0.75 7.13
CA ALA B 246 -5.53 0.60 6.63
C ALA B 246 -5.67 1.64 7.75
N THR B 247 -5.83 2.91 7.39
CA THR B 247 -5.91 4.00 8.34
C THR B 247 -7.21 4.77 8.15
N ALA B 248 -8.02 4.84 9.21
CA ALA B 248 -9.34 5.43 9.11
C ALA B 248 -9.27 6.87 9.59
N VAL B 249 -9.87 7.78 8.84
CA VAL B 249 -9.89 9.17 9.19
C VAL B 249 -11.34 9.73 9.17
N PRO B 250 -12.06 9.62 10.29
CA PRO B 250 -13.42 10.14 10.35
C PRO B 250 -13.33 11.64 10.09
N VAL B 251 -14.21 12.18 9.25
CA VAL B 251 -14.17 13.62 8.93
C VAL B 251 -15.09 14.34 9.91
N PRO B 252 -14.53 15.06 10.88
CA PRO B 252 -15.43 15.73 11.84
C PRO B 252 -16.42 16.69 11.16
N ARG B 253 -17.58 16.85 11.75
CA ARG B 253 -18.64 17.66 11.19
C ARG B 253 -18.24 19.10 10.88
N ASP B 254 -17.41 19.67 11.73
CA ASP B 254 -16.93 21.04 11.49
C ASP B 254 -15.98 21.20 10.30
N ARG B 255 -15.57 20.11 9.67
CA ARG B 255 -14.80 20.22 8.41
C ARG B 255 -15.74 20.09 7.23
N LEU B 256 -16.89 19.47 7.45
CA LEU B 256 -17.83 19.21 6.36
C LEU B 256 -18.78 20.31 5.97
N ASP B 257 -19.13 21.18 6.90
CA ASP B 257 -20.03 22.27 6.54
C ASP B 257 -19.43 23.23 5.51
N PHE B 258 -18.11 23.27 5.46
CA PHE B 258 -17.37 24.26 4.73
C PHE B 258 -16.46 23.62 3.69
N PRO B 259 -16.79 23.82 2.39
CA PRO B 259 -16.07 23.18 1.30
C PRO B 259 -14.57 23.34 1.35
N ARG B 260 -14.10 24.52 1.70
CA ARG B 260 -12.68 24.79 1.67
C ARG B 260 -12.04 24.03 2.78
N ARG B 261 -12.76 23.95 3.90
CA ARG B 261 -12.26 23.29 5.09
C ARG B 261 -12.21 21.79 4.89
N PHE B 262 -13.18 21.26 4.17
CA PHE B 262 -13.23 19.83 3.87
C PHE B 262 -12.10 19.45 2.95
N LEU B 263 -11.98 20.21 1.85
CA LEU B 263 -10.89 19.98 0.89
C LEU B 263 -9.49 20.10 1.54
N ALA B 264 -9.28 21.07 2.43
CA ALA B 264 -7.99 21.23 3.06
C ALA B 264 -7.71 20.01 3.93
N PHE B 265 -8.77 19.53 4.60
CA PHE B 265 -8.64 18.36 5.46
C PHE B 265 -8.19 17.15 4.66
N LEU B 266 -8.72 16.98 3.44
CA LEU B 266 -8.26 15.82 2.60
C LEU B 266 -6.75 15.91 2.29
N HIS B 267 -6.22 17.13 2.15
CA HIS B 267 -4.78 17.32 2.02
C HIS B 267 -4.06 17.12 3.34
N GLU B 268 -4.55 17.77 4.38
CA GLU B 268 -3.88 17.68 5.66
C GLU B 268 -3.69 16.21 6.07
N ALA B 269 -4.72 15.39 5.92
CA ALA B 269 -4.64 13.99 6.34
C ALA B 269 -4.18 13.04 5.21
N ALA B 270 -3.77 13.60 4.08
CA ALA B 270 -3.20 12.85 2.99
C ALA B 270 -4.15 11.70 2.59
N ILE B 271 -5.41 12.05 2.36
CA ILE B 271 -6.45 11.04 2.12
C ILE B 271 -6.32 10.39 0.75
N THR B 272 -6.28 9.05 0.71
CA THR B 272 -6.28 8.32 -0.59
C THR B 272 -7.66 7.91 -1.04
N GLN B 273 -8.62 7.83 -0.11
CA GLN B 273 -9.91 7.30 -0.49
C GLN B 273 -10.96 8.01 0.28
N VAL B 274 -12.01 8.42 -0.42
CA VAL B 274 -13.11 9.08 0.25
C VAL B 274 -14.37 8.21 0.17
N HIS B 275 -14.99 8.01 1.31
CA HIS B 275 -16.31 7.41 1.43
C HIS B 275 -17.32 8.51 1.70
N GLY B 276 -18.41 8.49 0.95
CA GLY B 276 -19.51 9.43 1.21
C GLY B 276 -20.68 9.19 0.28
N VAL B 277 -21.82 9.83 0.57
CA VAL B 277 -22.96 9.88 -0.35
C VAL B 277 -22.60 10.76 -1.55
N PRO B 278 -23.25 10.54 -2.70
CA PRO B 278 -22.94 11.29 -3.91
C PRO B 278 -23.02 12.80 -3.77
N SER B 279 -24.03 13.27 -3.07
CA SER B 279 -24.28 14.69 -2.85
C SER B 279 -23.21 15.41 -2.06
N LEU B 280 -22.38 14.68 -1.33
CA LEU B 280 -21.17 15.23 -0.74
C LEU B 280 -20.37 16.10 -1.72
N TRP B 281 -20.34 15.68 -2.98
CA TRP B 281 -19.46 16.30 -3.98
C TRP B 281 -20.07 17.52 -4.65
N ARG B 282 -21.40 17.63 -4.65
CA ARG B 282 -22.07 18.71 -5.40
C ARG B 282 -21.62 20.11 -4.98
N PRO B 283 -21.67 20.44 -3.67
CA PRO B 283 -21.10 21.72 -3.26
C PRO B 283 -19.60 21.91 -3.59
N LEU B 284 -18.83 20.82 -3.66
CA LEU B 284 -17.42 20.97 -3.92
C LEU B 284 -17.19 21.26 -5.39
N ILE B 285 -17.91 20.58 -6.27
CA ILE B 285 -17.84 20.85 -7.72
C ILE B 285 -18.27 22.29 -7.99
N ARG B 286 -19.47 22.62 -7.50
CA ARG B 286 -20.15 23.87 -7.78
C ARG B 286 -19.34 25.07 -7.33
N HIS B 287 -18.91 25.07 -6.08
CA HIS B 287 -18.19 26.21 -5.51
C HIS B 287 -16.65 26.18 -5.68
N GLU B 288 -16.01 25.00 -5.69
CA GLU B 288 -14.54 24.95 -5.62
C GLU B 288 -13.89 23.92 -6.53
N PRO B 289 -14.27 23.95 -7.80
CA PRO B 289 -13.83 22.90 -8.71
C PRO B 289 -12.32 22.83 -8.90
N ASP B 290 -11.62 23.94 -8.77
CA ASP B 290 -10.16 23.92 -8.90
C ASP B 290 -9.53 23.22 -7.73
N LEU B 291 -10.06 23.42 -6.53
CA LEU B 291 -9.50 22.72 -5.36
C LEU B 291 -9.78 21.21 -5.43
N VAL B 292 -10.93 20.84 -5.97
CA VAL B 292 -11.25 19.40 -6.17
C VAL B 292 -10.23 18.80 -7.12
N ALA B 293 -10.06 19.44 -8.26
CA ALA B 293 -9.02 19.04 -9.23
C ALA B 293 -7.62 18.97 -8.62
N GLY B 294 -7.37 19.73 -7.55
CA GLY B 294 -6.06 19.77 -6.91
C GLY B 294 -5.82 18.73 -5.82
N LEU B 295 -6.78 17.82 -5.60
CA LEU B 295 -6.64 16.74 -4.60
C LEU B 295 -5.67 15.65 -5.08
N ASP B 296 -4.38 15.94 -5.00
CA ASP B 296 -3.34 15.05 -5.50
C ASP B 296 -3.24 13.68 -4.80
N PRO B 297 -3.41 13.62 -3.47
CA PRO B 297 -3.24 12.34 -2.82
C PRO B 297 -4.40 11.34 -3.07
N LEU B 298 -5.53 11.84 -3.56
CA LEU B 298 -6.78 11.06 -3.64
C LEU B 298 -6.68 10.13 -4.82
N ARG B 299 -6.80 8.83 -4.56
CA ARG B 299 -6.77 7.80 -5.60
C ARG B 299 -8.14 7.19 -5.85
N SER B 300 -9.07 7.32 -4.91
CA SER B 300 -10.30 6.54 -5.03
C SER B 300 -11.48 7.09 -4.24
N ILE B 301 -12.68 6.83 -4.74
CA ILE B 301 -13.89 7.29 -4.11
C ILE B 301 -14.91 6.16 -4.09
N LEU B 302 -15.53 5.98 -2.94
CA LEU B 302 -16.58 5.01 -2.74
C LEU B 302 -17.84 5.78 -2.39
N PHE B 303 -18.88 5.64 -3.21
CA PHE B 303 -20.21 6.26 -2.92
C PHE B 303 -21.30 5.26 -2.61
N SER B 304 -22.29 5.70 -1.83
CA SER B 304 -23.47 4.88 -1.61
C SER B 304 -24.61 5.63 -1.01
N GLY B 305 -25.77 4.99 -1.03
CA GLY B 305 -26.89 5.36 -0.16
C GLY B 305 -27.81 6.38 -0.80
N GLU B 306 -27.65 6.54 -2.10
CA GLU B 306 -28.29 7.63 -2.79
C GLU B 306 -27.95 7.52 -4.29
N ASP B 307 -28.91 7.85 -5.14
CA ASP B 307 -28.68 7.88 -6.59
C ASP B 307 -27.70 8.98 -6.88
N PHE B 308 -26.77 8.72 -7.81
CA PHE B 308 -25.82 9.72 -8.30
C PHE B 308 -26.26 10.23 -9.67
N PRO B 309 -26.73 11.50 -9.78
CA PRO B 309 -27.06 12.03 -11.14
C PRO B 309 -25.83 11.92 -12.04
N LEU B 310 -26.00 11.32 -13.21
CA LEU B 310 -24.86 10.94 -14.02
C LEU B 310 -24.05 12.15 -14.51
N GLY B 311 -24.72 13.28 -14.71
CA GLY B 311 -24.05 14.49 -15.13
C GLY B 311 -23.03 14.93 -14.08
N ASP B 312 -23.42 14.85 -12.82
CA ASP B 312 -22.55 15.20 -11.69
C ASP B 312 -21.31 14.27 -11.67
N LEU B 313 -21.55 12.98 -11.86
CA LEU B 313 -20.48 12.00 -11.86
C LEU B 313 -19.45 12.28 -12.96
N ARG B 314 -19.93 12.51 -14.17
CA ARG B 314 -19.08 12.84 -15.31
C ARG B 314 -18.24 14.06 -14.99
N GLU B 315 -18.88 15.05 -14.42
CA GLU B 315 -18.20 16.26 -14.06
C GLU B 315 -17.07 15.91 -13.05
N LEU B 316 -17.41 15.11 -12.03
CA LEU B 316 -16.42 14.66 -11.05
C LEU B 316 -15.28 13.88 -11.68
N GLN B 317 -15.57 12.92 -12.56
CA GLN B 317 -14.50 12.21 -13.30
C GLN B 317 -13.57 13.16 -14.01
N GLY B 318 -14.21 14.18 -14.62
CA GLY B 318 -13.51 15.21 -15.37
C GLY B 318 -12.52 15.97 -14.52
N LEU B 319 -12.92 16.27 -13.29
CA LEU B 319 -12.04 16.99 -12.41
C LEU B 319 -10.99 16.07 -11.83
N LEU B 320 -11.28 14.76 -11.77
CA LEU B 320 -10.42 13.82 -11.08
C LEU B 320 -10.10 12.66 -12.02
N PRO B 321 -9.37 12.94 -13.12
CA PRO B 321 -8.96 11.85 -13.98
C PRO B 321 -8.06 10.81 -13.29
N GLY B 322 -8.18 9.54 -13.70
CA GLY B 322 -7.35 8.48 -13.17
C GLY B 322 -7.62 8.08 -11.68
N ARG B 323 -8.78 8.43 -11.16
CA ARG B 323 -9.23 7.99 -9.86
C ARG B 323 -10.15 6.78 -10.07
N ARG B 324 -10.14 5.87 -9.10
CA ARG B 324 -11.02 4.75 -9.12
C ARG B 324 -12.25 5.13 -8.34
N ILE B 325 -13.40 5.01 -8.98
CA ILE B 325 -14.66 5.27 -8.30
C ILE B 325 -15.46 4.01 -8.25
N PHE B 326 -16.04 3.76 -7.09
CA PHE B 326 -16.80 2.57 -6.81
C PHE B 326 -18.20 2.87 -6.37
N ASN B 327 -19.14 2.13 -6.93
CA ASN B 327 -20.55 2.29 -6.66
C ASN B 327 -20.95 1.13 -5.73
N LEU B 328 -21.45 1.50 -4.58
CA LEU B 328 -21.81 0.57 -3.56
C LEU B 328 -23.32 0.51 -3.42
N TYR B 329 -23.90 -0.60 -3.76
CA TYR B 329 -25.33 -0.73 -3.69
C TYR B 329 -25.57 -1.53 -2.41
N GLY B 330 -26.55 -1.10 -1.63
CA GLY B 330 -27.20 -2.00 -0.66
C GLY B 330 -27.86 -1.23 0.46
N ALA B 331 -28.26 -1.97 1.50
CA ALA B 331 -28.94 -1.44 2.63
C ALA B 331 -28.39 -1.87 3.98
N THR B 332 -28.90 -1.20 5.01
CA THR B 332 -28.61 -1.58 6.37
C THR B 332 -28.77 -3.04 6.68
N GLU B 333 -29.78 -3.64 6.08
CA GLU B 333 -30.10 -5.01 6.36
C GLU B 333 -28.98 -5.96 6.02
N SER B 334 -28.07 -5.59 5.14
CA SER B 334 -26.83 -6.40 4.87
C SER B 334 -25.52 -5.64 5.03
N MET B 335 -25.63 -4.40 5.49
CA MET B 335 -24.65 -3.34 5.30
C MET B 335 -24.49 -2.89 3.84
N ALA B 336 -24.19 -3.82 2.95
CA ALA B 336 -24.18 -3.57 1.50
C ALA B 336 -24.34 -4.90 0.80
N ALA B 337 -24.50 -4.86 -0.52
CA ALA B 337 -24.80 -6.04 -1.31
C ALA B 337 -23.96 -6.22 -2.59
N SER B 338 -23.52 -5.13 -3.19
CA SER B 338 -22.66 -5.22 -4.36
C SER B 338 -21.80 -3.99 -4.50
N VAL B 339 -20.70 -4.18 -5.19
CA VAL B 339 -19.78 -3.09 -5.45
C VAL B 339 -19.26 -3.17 -6.87
N THR B 340 -19.19 -2.05 -7.52
CA THR B 340 -19.05 -1.97 -8.96
C THR B 340 -18.16 -0.82 -9.35
N ASP B 341 -17.25 -1.09 -10.30
CA ASP B 341 -16.41 -0.05 -10.86
C ASP B 341 -17.27 0.89 -11.72
N VAL B 342 -17.15 2.20 -11.51
CA VAL B 342 -17.68 3.19 -12.45
C VAL B 342 -16.70 3.30 -13.65
N PRO B 343 -17.17 3.07 -14.88
CA PRO B 343 -16.23 3.14 -16.03
C PRO B 343 -15.73 4.56 -16.21
N ASP B 344 -14.44 4.69 -16.55
CA ASP B 344 -13.86 5.97 -16.90
C ASP B 344 -13.28 5.78 -18.30
N PRO B 345 -13.85 6.45 -19.28
CA PRO B 345 -14.90 7.43 -19.13
C PRO B 345 -16.25 6.75 -19.13
N LEU B 346 -17.22 7.49 -18.61
CA LEU B 346 -18.59 7.09 -18.61
C LEU B 346 -19.14 7.39 -20.01
N PRO B 347 -19.58 6.35 -20.74
CA PRO B 347 -20.14 6.59 -22.09
C PRO B 347 -21.23 7.67 -22.07
N ALA B 348 -21.29 8.49 -23.13
CA ALA B 348 -22.19 9.65 -23.17
C ALA B 348 -23.65 9.20 -23.25
N ASP B 349 -23.90 8.10 -23.94
CA ASP B 349 -25.29 7.59 -24.09
C ASP B 349 -25.86 6.91 -22.83
N LEU B 350 -24.96 6.54 -21.89
CA LEU B 350 -25.33 5.75 -20.71
C LEU B 350 -26.33 6.46 -19.79
N GLU B 351 -27.42 5.79 -19.49
CA GLU B 351 -28.50 6.40 -18.73
C GLU B 351 -28.62 5.90 -17.31
N ARG B 352 -28.06 4.71 -17.10
CA ARG B 352 -28.14 3.99 -15.87
C ARG B 352 -26.90 3.14 -15.53
N LEU B 353 -26.33 3.43 -14.38
CA LEU B 353 -25.17 2.69 -13.88
C LEU B 353 -25.55 1.26 -13.45
N THR B 354 -24.79 0.24 -13.83
CA THR B 354 -25.07 -1.12 -13.32
C THR B 354 -24.73 -1.26 -11.84
N ILE B 355 -25.42 -2.14 -11.13
CA ILE B 355 -25.05 -2.52 -9.75
C ILE B 355 -24.42 -3.88 -9.76
N GLY B 356 -24.22 -4.45 -10.92
CA GLY B 356 -23.31 -5.57 -11.09
C GLY B 356 -23.81 -6.87 -10.50
N TYR B 357 -22.91 -7.67 -9.93
CA TYR B 357 -23.26 -8.89 -9.22
C TYR B 357 -23.04 -8.65 -7.73
N ALA B 358 -23.76 -9.38 -6.88
CA ALA B 358 -23.55 -9.30 -5.47
C ALA B 358 -22.09 -9.49 -5.14
N HIS B 359 -21.64 -8.93 -4.04
CA HIS B 359 -20.22 -9.04 -3.68
C HIS B 359 -19.88 -10.50 -3.44
N HIS B 360 -18.61 -10.76 -3.41
CA HIS B 360 -18.10 -12.10 -3.30
C HIS B 360 -18.68 -12.80 -2.03
N GLY B 361 -19.18 -14.00 -2.18
CA GLY B 361 -19.84 -14.67 -1.06
C GLY B 361 -21.36 -14.44 -0.96
N ALA B 362 -21.94 -13.67 -1.85
CA ALA B 362 -23.36 -13.40 -1.91
C ALA B 362 -23.87 -13.54 -3.34
N GLU B 363 -25.20 -13.48 -3.50
CA GLU B 363 -25.86 -13.57 -4.82
C GLU B 363 -27.21 -12.84 -4.76
N MET B 364 -27.51 -12.08 -5.81
CA MET B 364 -28.79 -11.42 -5.91
C MET B 364 -29.36 -11.63 -7.27
N ASP B 365 -30.70 -11.71 -7.31
CA ASP B 365 -31.41 -11.88 -8.56
C ASP B 365 -32.72 -11.17 -8.43
N VAL B 366 -33.44 -11.10 -9.53
CA VAL B 366 -34.62 -10.30 -9.64
C VAL B 366 -35.85 -11.21 -9.72
N TYR B 367 -36.94 -10.86 -9.03
CA TYR B 367 -38.10 -11.77 -8.85
C TYR B 367 -39.39 -11.09 -9.24
N ASP B 368 -40.28 -11.84 -9.89
CA ASP B 368 -41.59 -11.31 -10.29
C ASP B 368 -42.55 -11.26 -9.12
N ALA B 369 -43.73 -10.73 -9.40
CA ALA B 369 -44.77 -10.49 -8.37
C ALA B 369 -45.36 -11.77 -7.75
N GLU B 370 -45.03 -12.91 -8.33
CA GLU B 370 -45.51 -14.20 -7.86
C GLU B 370 -44.40 -14.98 -7.14
N GLY B 371 -43.25 -14.34 -6.92
CA GLY B 371 -42.14 -14.95 -6.24
C GLY B 371 -41.32 -15.90 -7.06
N ALA B 372 -41.41 -15.82 -8.38
CA ALA B 372 -40.55 -16.62 -9.25
C ALA B 372 -39.47 -15.71 -9.85
N PRO B 373 -38.31 -16.28 -10.16
CA PRO B 373 -37.24 -15.48 -10.76
C PRO B 373 -37.61 -15.01 -12.16
N VAL B 374 -37.30 -13.77 -12.44
CA VAL B 374 -37.61 -13.20 -13.72
C VAL B 374 -36.92 -14.00 -14.76
N GLY B 375 -37.67 -14.42 -15.75
CA GLY B 375 -37.14 -15.37 -16.74
C GLY B 375 -36.21 -14.76 -17.77
N GLU B 376 -36.33 -13.46 -18.02
CA GLU B 376 -35.63 -12.84 -19.15
C GLU B 376 -34.92 -11.57 -18.77
N PRO B 377 -33.86 -11.27 -19.49
CA PRO B 377 -33.22 -9.98 -19.36
C PRO B 377 -34.09 -8.79 -19.79
N GLY B 378 -33.84 -7.62 -19.20
CA GLY B 378 -34.57 -6.45 -19.52
C GLY B 378 -35.94 -6.41 -18.95
N VAL B 379 -36.30 -7.31 -18.01
CA VAL B 379 -37.61 -7.23 -17.31
C VAL B 379 -37.38 -6.93 -15.84
N VAL B 380 -38.08 -5.90 -15.35
CA VAL B 380 -37.95 -5.43 -14.00
C VAL B 380 -38.68 -6.37 -13.02
N GLY B 381 -38.02 -6.65 -11.91
CA GLY B 381 -38.55 -7.38 -10.79
C GLY B 381 -37.85 -6.87 -9.53
N GLU B 382 -38.19 -7.52 -8.40
CA GLU B 382 -37.65 -7.08 -7.09
C GLU B 382 -36.37 -7.86 -6.83
N ILE B 383 -35.37 -7.17 -6.33
CA ILE B 383 -34.13 -7.86 -5.91
C ILE B 383 -34.34 -8.62 -4.61
N TYR B 384 -34.03 -9.92 -4.65
CA TYR B 384 -33.88 -10.78 -3.48
C TYR B 384 -32.38 -11.06 -3.29
N LEU B 385 -31.90 -10.85 -2.07
CA LEU B 385 -30.49 -11.05 -1.74
C LEU B 385 -30.25 -12.31 -0.92
N ARG B 386 -29.37 -13.16 -1.42
CA ARG B 386 -28.93 -14.37 -0.73
C ARG B 386 -27.54 -14.05 -0.21
N SER B 387 -27.37 -14.02 1.10
CA SER B 387 -26.08 -13.62 1.64
C SER B 387 -25.87 -14.01 3.08
N PRO B 388 -24.63 -14.37 3.44
CA PRO B 388 -24.31 -14.64 4.84
C PRO B 388 -24.29 -13.35 5.71
N ALA B 389 -24.33 -12.19 5.07
CA ALA B 389 -24.29 -10.90 5.75
C ALA B 389 -25.63 -10.35 6.21
N LEU B 390 -26.69 -11.11 6.07
CA LEU B 390 -28.05 -10.59 6.42
C LEU B 390 -28.24 -10.41 7.89
N PHE B 391 -28.92 -9.34 8.20
CA PHE B 391 -29.42 -9.04 9.54
C PHE B 391 -30.20 -10.21 10.04
N SER B 392 -30.34 -10.27 11.36
CA SER B 392 -31.06 -11.41 12.00
C SER B 392 -32.53 -11.18 12.11
N GLY B 393 -32.92 -9.93 12.07
CA GLY B 393 -34.34 -9.58 12.13
C GLY B 393 -34.53 -8.16 12.60
N TYR B 394 -35.77 -7.73 12.63
CA TYR B 394 -36.11 -6.43 13.13
C TYR B 394 -36.44 -6.62 14.58
N TRP B 395 -35.87 -5.78 15.44
CA TRP B 395 -35.94 -5.97 16.86
C TRP B 395 -37.44 -6.01 17.32
N ALA B 396 -37.81 -7.10 17.98
CA ALA B 396 -39.13 -7.27 18.63
C ALA B 396 -40.25 -7.27 17.65
N ASP B 397 -39.98 -7.66 16.40
CA ASP B 397 -40.98 -7.55 15.32
C ASP B 397 -40.88 -8.75 14.41
N PRO B 398 -41.32 -9.91 14.90
CA PRO B 398 -41.27 -11.14 14.10
C PRO B 398 -42.07 -11.08 12.80
N GLU B 399 -43.17 -10.34 12.79
CA GLU B 399 -43.94 -10.24 11.54
C GLU B 399 -43.23 -9.45 10.46
N ALA B 400 -42.63 -8.32 10.81
CA ALA B 400 -41.82 -7.62 9.83
C ALA B 400 -40.55 -8.44 9.43
N THR B 401 -40.01 -9.21 10.37
CA THR B 401 -38.86 -10.02 10.10
C THR B 401 -39.20 -11.07 9.07
N ARG B 402 -40.34 -11.72 9.24
CA ARG B 402 -40.77 -12.74 8.35
C ARG B 402 -41.15 -12.23 6.94
N ALA B 403 -41.59 -10.99 6.81
CA ALA B 403 -41.93 -10.46 5.48
C ALA B 403 -40.65 -10.11 4.71
N ALA B 404 -39.58 -9.80 5.42
CA ALA B 404 -38.33 -9.41 4.79
C ALA B 404 -37.44 -10.60 4.58
N LEU B 405 -37.32 -11.46 5.60
CA LEU B 405 -36.52 -12.68 5.50
C LEU B 405 -37.37 -13.89 5.19
N VAL B 406 -37.37 -14.32 3.94
CA VAL B 406 -38.30 -15.34 3.46
C VAL B 406 -37.61 -16.62 3.03
N PRO B 407 -38.34 -17.73 3.05
CA PRO B 407 -37.75 -18.97 2.64
C PRO B 407 -37.26 -18.81 1.22
N ASP B 408 -36.08 -19.36 0.96
CA ASP B 408 -35.51 -19.38 -0.36
C ASP B 408 -36.60 -19.79 -1.34
N PRO B 409 -37.02 -18.87 -2.22
CA PRO B 409 -38.04 -19.28 -3.20
C PRO B 409 -37.66 -20.44 -4.15
N LEU B 410 -36.37 -20.66 -4.41
CA LEU B 410 -35.95 -21.77 -5.24
C LEU B 410 -35.84 -23.07 -4.48
N LEU B 411 -35.84 -23.01 -3.15
CA LEU B 411 -35.65 -24.21 -2.35
C LEU B 411 -36.09 -23.97 -0.92
N PRO B 412 -37.39 -23.73 -0.73
CA PRO B 412 -37.91 -23.49 0.61
C PRO B 412 -37.69 -24.63 1.57
N GLU B 413 -37.43 -25.82 1.08
CA GLU B 413 -37.22 -26.96 1.92
C GLU B 413 -35.96 -26.89 2.76
N SER B 414 -34.96 -26.15 2.32
CA SER B 414 -33.65 -26.18 2.97
C SER B 414 -33.61 -25.53 4.35
N GLY B 415 -34.54 -24.60 4.62
CA GLY B 415 -34.42 -23.70 5.76
C GLY B 415 -33.61 -22.41 5.48
N GLN B 416 -32.96 -22.33 4.32
CA GLN B 416 -32.21 -21.10 3.99
C GLN B 416 -33.19 -20.02 3.76
N VAL B 417 -32.85 -18.82 4.25
CA VAL B 417 -33.64 -17.63 3.97
C VAL B 417 -32.93 -16.67 3.04
N VAL B 418 -33.72 -15.80 2.43
CA VAL B 418 -33.25 -14.81 1.53
C VAL B 418 -33.94 -13.48 1.90
N PHE B 419 -33.42 -12.34 1.45
CA PHE B 419 -33.92 -10.99 1.86
C PHE B 419 -34.63 -10.31 0.70
N ARG B 420 -35.91 -10.01 0.87
CA ARG B 420 -36.63 -9.17 -0.10
C ARG B 420 -36.30 -7.75 0.19
N THR B 421 -35.52 -7.14 -0.73
CA THR B 421 -34.93 -5.84 -0.52
C THR B 421 -35.86 -4.67 -0.58
N GLY B 422 -36.97 -4.83 -1.26
CA GLY B 422 -37.80 -3.66 -1.62
C GLY B 422 -37.27 -2.86 -2.80
N ASP B 423 -36.20 -3.30 -3.46
CA ASP B 423 -35.64 -2.58 -4.62
C ASP B 423 -36.03 -3.23 -5.92
N LEU B 424 -36.29 -2.42 -6.92
CA LEU B 424 -36.61 -2.91 -8.25
C LEU B 424 -35.35 -2.90 -9.10
N ALA B 425 -35.27 -3.81 -10.06
CA ALA B 425 -34.16 -3.84 -10.99
C ALA B 425 -34.44 -4.81 -12.15
N TYR B 426 -33.71 -4.63 -13.24
CA TYR B 426 -33.69 -5.62 -14.31
C TYR B 426 -32.28 -6.10 -14.51
N ARG B 427 -32.17 -7.23 -15.23
CA ARG B 427 -30.93 -7.94 -15.46
C ARG B 427 -30.53 -7.76 -16.93
N ASP B 428 -29.25 -7.66 -17.23
CA ASP B 428 -28.78 -7.72 -18.62
C ASP B 428 -28.50 -9.18 -19.01
N ALA B 429 -28.01 -9.42 -20.23
CA ALA B 429 -27.78 -10.80 -20.74
C ALA B 429 -26.71 -11.51 -19.94
N ASP B 430 -25.76 -10.72 -19.42
CA ASP B 430 -24.66 -11.23 -18.66
C ASP B 430 -25.08 -11.51 -17.22
N GLY B 431 -26.25 -11.03 -16.81
CA GLY B 431 -26.75 -11.33 -15.48
C GLY B 431 -26.53 -10.22 -14.45
N ARG B 432 -25.96 -9.10 -14.88
CA ARG B 432 -25.79 -7.92 -14.00
C ARG B 432 -27.12 -7.24 -13.80
N LEU B 433 -27.31 -6.65 -12.63
CA LEU B 433 -28.54 -5.93 -12.36
C LEU B 433 -28.39 -4.43 -12.54
N TYR B 434 -29.55 -3.78 -12.73
CA TYR B 434 -29.66 -2.34 -12.93
C TYR B 434 -30.78 -1.83 -12.03
N PHE B 435 -30.42 -1.00 -11.07
CA PHE B 435 -31.36 -0.45 -10.09
C PHE B 435 -32.38 0.50 -10.69
N CYS B 436 -33.66 0.29 -10.38
CA CYS B 436 -34.75 1.08 -10.95
C CYS B 436 -35.64 1.80 -9.95
N GLY B 437 -35.22 1.86 -8.69
CA GLY B 437 -36.00 2.50 -7.64
C GLY B 437 -36.60 1.54 -6.63
N ARG B 438 -37.17 2.11 -5.59
CA ARG B 438 -37.84 1.39 -4.54
C ARG B 438 -39.24 1.05 -4.96
N ILE B 439 -39.82 0.05 -4.34
CA ILE B 439 -41.25 -0.23 -4.45
C ILE B 439 -42.02 0.91 -3.70
N ASP B 440 -41.39 1.61 -2.77
CA ASP B 440 -42.03 2.69 -1.95
C ASP B 440 -41.63 4.14 -2.29
N SER C 18 -9.39 -4.32 -13.15
CA SER C 18 -8.45 -5.01 -12.22
C SER C 18 -8.50 -4.33 -10.85
N PRO C 19 -8.31 -5.11 -9.79
CA PRO C 19 -8.55 -4.58 -8.47
C PRO C 19 -7.68 -3.42 -8.04
N TYR C 20 -8.31 -2.42 -7.43
CA TYR C 20 -7.59 -1.22 -6.97
C TYR C 20 -6.47 -1.59 -5.99
N ALA C 21 -6.82 -2.35 -4.97
CA ALA C 21 -5.88 -2.79 -3.96
C ALA C 21 -5.82 -4.25 -3.99
N ALA C 22 -4.94 -4.84 -3.20
CA ALA C 22 -4.79 -6.27 -3.18
C ALA C 22 -6.08 -6.98 -2.62
N PRO C 23 -6.65 -7.93 -3.38
CA PRO C 23 -7.76 -8.70 -2.88
C PRO C 23 -7.31 -9.60 -1.77
N VAL C 24 -8.17 -9.82 -0.80
CA VAL C 24 -7.85 -10.74 0.27
C VAL C 24 -8.83 -11.91 0.16
N ARG C 25 -8.27 -13.08 -0.12
CA ARG C 25 -9.03 -14.28 -0.46
C ARG C 25 -9.59 -14.88 0.81
N ASP C 26 -10.82 -15.31 0.72
CA ASP C 26 -11.54 -15.84 1.85
C ASP C 26 -11.69 -17.32 1.69
N HIS C 27 -11.17 -18.08 2.63
CA HIS C 27 -11.24 -19.51 2.56
C HIS C 27 -12.38 -20.09 3.37
N ALA C 28 -13.18 -19.26 4.04
CA ALA C 28 -14.24 -19.75 4.92
C ALA C 28 -15.64 -19.73 4.31
N GLY C 29 -15.74 -19.66 3.00
CA GLY C 29 -17.03 -19.48 2.35
C GLY C 29 -17.62 -20.76 1.79
N ASN C 30 -16.81 -21.79 1.74
CA ASN C 30 -17.17 -23.09 1.19
C ASN C 30 -16.25 -24.15 1.80
N LEU C 31 -16.82 -25.27 2.17
CA LEU C 31 -16.05 -26.36 2.79
C LEU C 31 -14.91 -26.83 1.90
N ARG C 32 -15.09 -26.72 0.59
CA ARG C 32 -14.08 -27.13 -0.34
C ARG C 32 -12.81 -26.31 -0.10
N ASP C 33 -12.98 -25.02 0.17
CA ASP C 33 -11.86 -24.12 0.39
C ASP C 33 -11.32 -24.26 1.83
N TYR C 34 -12.23 -24.22 2.81
CA TYR C 34 -11.83 -24.26 4.20
C TYR C 34 -11.09 -25.57 4.53
N LEU C 35 -11.61 -26.71 4.07
CA LEU C 35 -11.00 -27.97 4.43
C LEU C 35 -9.61 -28.15 3.86
N LEU C 36 -9.28 -27.45 2.77
CA LEU C 36 -8.02 -27.64 2.08
C LEU C 36 -7.02 -26.55 2.29
N ALA C 37 -7.40 -25.52 3.03
CA ALA C 37 -6.52 -24.36 3.20
C ALA C 37 -5.19 -24.69 3.88
N ALA C 38 -5.22 -25.35 5.02
CA ALA C 38 -3.98 -25.72 5.74
C ALA C 38 -3.02 -26.54 4.88
N GLY C 39 -3.57 -27.39 4.03
CA GLY C 39 -2.79 -28.26 3.22
C GLY C 39 -2.01 -27.56 2.13
N LYS C 40 -2.43 -26.37 1.75
CA LYS C 40 -1.67 -25.56 0.79
C LYS C 40 -0.18 -25.46 1.17
N ALA C 41 0.13 -25.47 2.46
CA ALA C 41 1.50 -25.34 2.91
C ALA C 41 2.26 -26.65 2.71
N THR C 42 1.54 -27.75 2.49
CA THR C 42 2.13 -29.11 2.42
C THR C 42 1.52 -29.95 1.32
N PRO C 43 1.66 -29.52 0.06
CA PRO C 43 0.94 -30.14 -1.03
C PRO C 43 1.27 -31.58 -1.21
N ASP C 44 2.48 -32.00 -0.84
CA ASP C 44 2.88 -33.34 -1.16
C ASP C 44 2.75 -34.26 0.04
N LYS C 45 2.42 -33.73 1.20
CA LYS C 45 2.07 -34.55 2.36
C LYS C 45 0.83 -35.41 2.08
N PRO C 46 0.75 -36.59 2.67
CA PRO C 46 -0.40 -37.47 2.48
C PRO C 46 -1.65 -36.94 3.18
N ALA C 47 -2.74 -36.86 2.44
CA ALA C 47 -4.00 -36.32 2.90
C ALA C 47 -4.87 -37.45 3.31
N ILE C 48 -4.90 -38.45 2.43
CA ILE C 48 -5.59 -39.70 2.67
C ILE C 48 -4.68 -40.93 2.46
N VAL C 49 -4.70 -41.85 3.40
CA VAL C 49 -4.01 -43.12 3.27
C VAL C 49 -5.07 -44.22 3.13
N GLU C 50 -4.86 -45.16 2.22
CA GLU C 50 -5.76 -46.30 2.04
C GLU C 50 -5.02 -47.51 1.53
N PRO C 51 -5.63 -48.72 1.65
CA PRO C 51 -4.92 -49.92 1.17
C PRO C 51 -4.77 -49.91 -0.34
N ALA C 52 -3.66 -50.45 -0.83
CA ALA C 52 -3.31 -50.44 -2.27
C ALA C 52 -3.69 -51.75 -2.90
N GLU C 53 -3.94 -51.71 -4.20
CA GLU C 53 -4.30 -52.92 -4.93
C GLU C 53 -3.14 -53.90 -4.89
N ASP C 54 -1.96 -53.40 -5.18
CA ASP C 54 -0.75 -54.20 -5.20
C ASP C 54 -0.28 -54.59 -3.80
N GLY C 55 -0.98 -54.17 -2.75
CA GLY C 55 -0.65 -54.57 -1.39
C GLY C 55 0.09 -53.50 -0.58
N GLY C 56 -0.03 -53.58 0.73
CA GLY C 56 0.34 -52.45 1.58
C GLY C 56 -0.52 -51.21 1.39
N LEU C 57 0.09 -50.05 1.57
CA LEU C 57 -0.67 -48.80 1.63
C LEU C 57 -0.36 -47.88 0.46
N ARG C 58 -1.36 -47.09 0.09
CA ARG C 58 -1.29 -46.06 -0.95
C ARG C 58 -1.51 -44.72 -0.22
N PHE C 59 -0.92 -43.64 -0.72
CA PHE C 59 -1.08 -42.30 -0.15
C PHE C 59 -1.65 -41.39 -1.24
N VAL C 60 -2.62 -40.54 -0.91
CA VAL C 60 -3.04 -39.50 -1.84
C VAL C 60 -2.68 -38.20 -1.19
N SER C 61 -1.84 -37.42 -1.85
CA SER C 61 -1.38 -36.17 -1.25
C SER C 61 -2.46 -35.11 -1.32
N TYR C 62 -2.29 -34.04 -0.55
CA TYR C 62 -3.16 -32.88 -0.62
C TYR C 62 -3.30 -32.40 -2.03
N ARG C 63 -2.18 -32.31 -2.75
CA ARG C 63 -2.22 -31.83 -4.12
C ARG C 63 -3.05 -32.76 -4.99
N GLN C 64 -2.82 -34.05 -4.85
CA GLN C 64 -3.52 -35.04 -5.65
C GLN C 64 -4.99 -35.12 -5.29
N LEU C 65 -5.33 -34.91 -4.01
CA LEU C 65 -6.73 -34.92 -3.62
C LEU C 65 -7.45 -33.72 -4.25
N GLU C 66 -6.83 -32.55 -4.29
CA GLU C 66 -7.46 -31.42 -4.96
C GLU C 66 -7.59 -31.59 -6.44
N ALA C 67 -6.56 -32.13 -7.06
CA ALA C 67 -6.63 -32.39 -8.51
C ALA C 67 -7.80 -33.32 -8.82
N GLN C 68 -7.97 -34.36 -8.00
CA GLN C 68 -9.07 -35.29 -8.25
C GLN C 68 -10.45 -34.60 -8.00
N ALA C 69 -10.54 -33.81 -6.94
CA ALA C 69 -11.75 -33.03 -6.66
C ALA C 69 -12.10 -32.12 -7.81
N ASP C 70 -11.08 -31.46 -8.35
CA ASP C 70 -11.30 -30.55 -9.48
C ASP C 70 -11.72 -31.27 -10.76
N ALA C 71 -11.12 -32.43 -11.02
CA ALA C 71 -11.44 -33.18 -12.22
C ALA C 71 -12.87 -33.72 -12.13
N TYR C 72 -13.23 -34.20 -10.95
CA TYR C 72 -14.58 -34.69 -10.72
C TYR C 72 -15.58 -33.57 -10.86
N ALA C 73 -15.23 -32.40 -10.30
CA ALA C 73 -16.14 -31.23 -10.37
C ALA C 73 -16.44 -30.79 -11.80
N ALA C 74 -15.41 -30.71 -12.62
CA ALA C 74 -15.58 -30.34 -14.05
C ALA C 74 -16.56 -31.26 -14.79
N GLU C 75 -16.39 -32.58 -14.64
CA GLU C 75 -17.31 -33.53 -15.25
C GLU C 75 -18.73 -33.45 -14.63
N LEU C 76 -18.84 -33.32 -13.31
CA LEU C 76 -20.17 -33.25 -12.70
C LEU C 76 -20.87 -31.99 -13.13
N ASP C 77 -20.11 -30.89 -13.30
CA ASP C 77 -20.71 -29.61 -13.70
C ASP C 77 -21.30 -29.68 -15.11
N ALA C 78 -20.81 -30.61 -15.94
CA ALA C 78 -21.35 -30.77 -17.31
C ALA C 78 -22.72 -31.41 -17.32
N LEU C 79 -23.19 -31.90 -16.17
CA LEU C 79 -24.53 -32.46 -16.08
C LEU C 79 -25.60 -31.43 -15.95
N GLY C 80 -25.22 -30.19 -15.71
CA GLY C 80 -26.19 -29.08 -15.76
C GLY C 80 -27.05 -28.96 -14.52
N LEU C 81 -26.66 -29.62 -13.42
CA LEU C 81 -27.44 -29.52 -12.15
C LEU C 81 -27.27 -28.14 -11.57
N ASP C 82 -28.27 -27.71 -10.78
CA ASP C 82 -28.31 -26.39 -10.22
C ASP C 82 -27.79 -26.45 -8.80
N VAL C 83 -27.23 -25.36 -8.31
CA VAL C 83 -26.87 -25.27 -6.89
C VAL C 83 -28.14 -25.54 -6.06
N GLY C 84 -28.02 -26.37 -5.03
CA GLY C 84 -29.19 -26.86 -4.26
C GLY C 84 -29.66 -28.28 -4.57
N ASP C 85 -29.46 -28.73 -5.79
CA ASP C 85 -29.90 -30.07 -6.17
C ASP C 85 -29.14 -31.09 -5.37
N ARG C 86 -29.86 -32.06 -4.78
CA ARG C 86 -29.22 -33.13 -4.05
C ARG C 86 -28.62 -34.21 -4.91
N VAL C 87 -27.57 -34.80 -4.36
CA VAL C 87 -26.85 -35.93 -4.90
C VAL C 87 -26.74 -36.96 -3.81
N VAL C 88 -27.20 -38.19 -4.08
CA VAL C 88 -26.91 -39.31 -3.17
C VAL C 88 -25.53 -39.81 -3.54
N LEU C 89 -24.62 -39.80 -2.57
CA LEU C 89 -23.26 -40.22 -2.81
C LEU C 89 -23.03 -41.52 -2.06
N GLU C 90 -22.93 -42.61 -2.81
CA GLU C 90 -22.82 -43.97 -2.19
C GLU C 90 -21.46 -44.58 -2.43
N SER C 91 -20.71 -44.77 -1.35
CA SER C 91 -19.38 -45.36 -1.45
C SER C 91 -18.83 -45.63 -0.08
N PRO C 92 -17.97 -46.65 0.02
CA PRO C 92 -17.18 -46.67 1.25
C PRO C 92 -16.24 -45.46 1.25
N ALA C 93 -15.78 -45.06 2.44
CA ALA C 93 -14.88 -43.92 2.61
C ALA C 93 -13.53 -44.24 1.99
N THR C 94 -13.24 -43.61 0.88
CA THR C 94 -11.98 -43.77 0.17
C THR C 94 -11.51 -42.40 -0.30
N ALA C 95 -10.26 -42.32 -0.71
CA ALA C 95 -9.70 -41.08 -1.25
C ALA C 95 -10.58 -40.53 -2.38
N ASP C 96 -11.03 -41.40 -3.29
CA ASP C 96 -11.94 -40.96 -4.37
C ASP C 96 -13.30 -40.45 -3.87
N ALA C 97 -13.83 -41.05 -2.82
CA ALA C 97 -15.14 -40.61 -2.30
C ALA C 97 -14.97 -39.22 -1.68
N VAL C 98 -13.80 -39.01 -1.08
CA VAL C 98 -13.50 -37.71 -0.51
C VAL C 98 -13.42 -36.66 -1.63
N ALA C 99 -12.70 -36.97 -2.71
CA ALA C 99 -12.65 -36.10 -3.85
C ALA C 99 -14.06 -35.80 -4.34
N ALA C 100 -14.92 -36.84 -4.38
CA ALA C 100 -16.30 -36.64 -4.85
C ALA C 100 -17.08 -35.65 -3.98
N PHE C 101 -16.90 -35.74 -2.68
CA PHE C 101 -17.72 -34.90 -1.82
C PHE C 101 -17.19 -33.49 -1.84
N LEU C 102 -15.86 -33.38 -1.99
CA LEU C 102 -15.25 -32.06 -2.21
C LEU C 102 -15.73 -31.47 -3.51
N ALA C 103 -15.88 -32.30 -4.54
CA ALA C 103 -16.40 -31.76 -5.80
C ALA C 103 -17.82 -31.24 -5.58
N CYS C 104 -18.66 -32.03 -4.92
CA CYS C 104 -20.04 -31.60 -4.64
C CYS C 104 -20.09 -30.31 -3.87
N PHE C 105 -19.22 -30.17 -2.85
CA PHE C 105 -19.15 -28.90 -2.08
C PHE C 105 -18.88 -27.71 -3.01
N SER C 106 -17.93 -27.86 -3.94
CA SER C 106 -17.54 -26.80 -4.89
C SER C 106 -18.60 -26.32 -5.79
N LEU C 107 -19.45 -27.28 -6.20
CA LEU C 107 -20.55 -27.03 -7.14
C LEU C 107 -21.83 -26.65 -6.40
N GLY C 108 -21.82 -26.68 -5.08
CA GLY C 108 -23.00 -26.36 -4.33
C GLY C 108 -24.06 -27.42 -4.38
N LEU C 109 -23.65 -28.68 -4.56
CA LEU C 109 -24.59 -29.79 -4.66
C LEU C 109 -24.62 -30.54 -3.34
N PRO C 110 -25.63 -30.30 -2.51
CA PRO C 110 -25.60 -30.99 -1.25
C PRO C 110 -25.74 -32.48 -1.46
N PHE C 111 -24.93 -33.25 -0.79
CA PHE C 111 -24.96 -34.67 -0.96
C PHE C 111 -25.48 -35.36 0.30
N ILE C 112 -26.04 -36.56 0.08
CA ILE C 112 -26.49 -37.44 1.15
C ILE C 112 -25.52 -38.59 1.08
N PRO C 113 -24.71 -38.80 2.10
CA PRO C 113 -23.76 -39.90 2.04
C PRO C 113 -24.38 -41.25 2.41
N THR C 114 -24.07 -42.26 1.63
CA THR C 114 -24.66 -43.59 1.76
C THR C 114 -23.59 -44.65 1.53
N ILE C 115 -23.79 -45.87 2.02
CA ILE C 115 -22.89 -46.98 1.68
C ILE C 115 -23.67 -48.08 1.02
N PRO C 116 -22.97 -48.98 0.29
CA PRO C 116 -23.62 -50.06 -0.45
C PRO C 116 -24.51 -50.93 0.42
N GLU C 117 -24.15 -51.07 1.68
CA GLU C 117 -24.85 -51.88 2.65
C GLU C 117 -26.06 -51.17 3.24
N THR C 118 -26.25 -49.89 2.92
CA THR C 118 -27.43 -49.16 3.38
C THR C 118 -28.66 -49.86 2.78
N PRO C 119 -29.60 -50.31 3.65
CA PRO C 119 -30.79 -51.04 3.18
C PRO C 119 -31.57 -50.29 2.10
N VAL C 120 -31.91 -50.99 1.03
CA VAL C 120 -32.65 -50.37 -0.10
C VAL C 120 -33.95 -49.64 0.37
N GLN C 121 -34.64 -50.17 1.38
CA GLN C 121 -35.86 -49.54 1.88
C GLN C 121 -35.58 -48.15 2.42
N ARG C 122 -34.52 -48.01 3.23
CA ARG C 122 -34.08 -46.72 3.74
C ARG C 122 -33.64 -45.80 2.58
N LEU C 123 -32.91 -46.36 1.62
CA LEU C 123 -32.43 -45.57 0.50
C LEU C 123 -33.62 -45.01 -0.29
N ARG C 124 -34.62 -45.84 -0.53
CA ARG C 124 -35.82 -45.38 -1.23
C ARG C 124 -36.60 -44.33 -0.42
N THR C 125 -36.58 -44.44 0.91
CA THR C 125 -37.20 -43.43 1.77
C THR C 125 -36.43 -42.11 1.64
N ILE C 126 -35.09 -42.17 1.71
CA ILE C 126 -34.22 -40.98 1.48
C ILE C 126 -34.58 -40.30 0.15
N ILE C 127 -34.71 -41.09 -0.91
CA ILE C 127 -34.90 -40.55 -2.25
C ILE C 127 -36.25 -39.87 -2.37
N GLY C 128 -37.30 -40.43 -1.74
CA GLY C 128 -38.62 -39.80 -1.75
C GLY C 128 -38.73 -38.54 -0.90
N MET C 129 -38.00 -38.49 0.21
CA MET C 129 -37.96 -37.25 1.01
C MET C 129 -37.16 -36.08 0.39
N ALA C 130 -36.00 -36.40 -0.22
CA ALA C 130 -35.02 -35.38 -0.66
C ALA C 130 -35.03 -35.15 -2.16
N ALA C 131 -35.62 -36.09 -2.91
CA ALA C 131 -35.77 -35.97 -4.35
C ALA C 131 -34.45 -35.55 -5.03
N PRO C 132 -33.40 -36.32 -4.84
CA PRO C 132 -32.14 -36.00 -5.50
C PRO C 132 -32.22 -36.06 -7.00
N ALA C 133 -31.43 -35.23 -7.67
CA ALA C 133 -31.30 -35.28 -9.11
C ALA C 133 -30.30 -36.28 -9.61
N LEU C 134 -29.43 -36.78 -8.74
CA LEU C 134 -28.34 -37.68 -9.14
C LEU C 134 -28.00 -38.68 -8.09
N PHE C 135 -27.81 -39.93 -8.51
CA PHE C 135 -27.28 -40.99 -7.66
C PHE C 135 -25.87 -41.26 -8.15
N LEU C 136 -24.89 -40.98 -7.30
CA LEU C 136 -23.49 -41.01 -7.67
C LEU C 136 -22.82 -42.09 -6.84
N GLN C 137 -22.40 -43.19 -7.46
CA GLN C 137 -21.83 -44.32 -6.70
C GLN C 137 -20.39 -44.63 -7.13
N ALA C 138 -19.71 -45.48 -6.35
CA ALA C 138 -18.31 -45.85 -6.59
C ALA C 138 -18.17 -46.56 -7.91
N ALA C 139 -16.94 -46.62 -8.45
CA ALA C 139 -16.64 -47.38 -9.69
C ALA C 139 -17.24 -48.81 -9.62
N ASP C 140 -16.97 -49.50 -8.51
CA ASP C 140 -17.50 -50.83 -8.22
C ASP C 140 -18.99 -50.91 -7.92
N GLY C 141 -19.68 -49.78 -7.75
CA GLY C 141 -21.01 -49.84 -7.20
C GLY C 141 -21.93 -50.64 -8.12
N SER C 142 -22.85 -51.40 -7.55
CA SER C 142 -23.87 -52.04 -8.38
C SER C 142 -25.18 -52.03 -7.62
N ARG C 143 -25.56 -50.84 -7.18
CA ARG C 143 -26.77 -50.73 -6.37
C ARG C 143 -28.00 -51.10 -7.21
N GLU C 144 -28.86 -51.95 -6.65
CA GLU C 144 -30.16 -52.28 -7.24
C GLU C 144 -31.30 -51.74 -6.42
N GLY C 145 -32.47 -51.67 -7.06
CA GLY C 145 -33.72 -51.22 -6.42
C GLY C 145 -34.00 -49.73 -6.62
N LEU C 146 -33.21 -49.07 -7.46
CA LEU C 146 -33.36 -47.63 -7.65
C LEU C 146 -34.67 -47.32 -8.36
N PRO C 147 -35.36 -46.23 -7.97
CA PRO C 147 -36.54 -45.84 -8.72
C PRO C 147 -36.17 -45.19 -10.03
N PRO C 148 -37.12 -45.09 -10.97
CA PRO C 148 -36.87 -44.49 -12.29
C PRO C 148 -36.85 -42.95 -12.26
N GLY C 149 -36.12 -42.36 -13.20
CA GLY C 149 -36.07 -40.90 -13.35
C GLY C 149 -34.88 -40.30 -12.62
N LEU C 150 -33.96 -41.17 -12.19
CA LEU C 150 -32.84 -40.77 -11.38
C LEU C 150 -31.59 -40.79 -12.24
N GLY C 151 -30.96 -39.63 -12.35
CA GLY C 151 -29.63 -39.55 -12.89
C GLY C 151 -28.71 -40.55 -12.22
N MET C 152 -27.86 -41.20 -13.01
CA MET C 152 -26.93 -42.19 -12.47
C MET C 152 -25.52 -41.96 -12.97
N ALA C 153 -24.53 -42.05 -12.09
CA ALA C 153 -23.13 -41.87 -12.47
C ALA C 153 -22.20 -42.61 -11.53
N ARG C 154 -20.99 -42.87 -12.00
CA ARG C 154 -19.96 -43.51 -11.19
C ARG C 154 -18.75 -42.64 -11.16
N PHE C 155 -17.99 -42.74 -10.09
CA PHE C 155 -16.71 -42.08 -10.02
C PHE C 155 -15.66 -43.12 -9.70
N GLY C 156 -14.50 -42.96 -10.29
CA GLY C 156 -13.36 -43.83 -9.98
C GLY C 156 -12.05 -43.15 -10.41
N PRO C 157 -10.96 -43.92 -10.50
CA PRO C 157 -9.63 -43.35 -10.78
C PRO C 157 -9.58 -42.52 -12.06
N LYS C 158 -10.27 -42.96 -13.10
CA LYS C 158 -10.25 -42.27 -14.38
C LYS C 158 -11.14 -41.04 -14.44
N GLY C 159 -12.10 -40.91 -13.51
CA GLY C 159 -13.04 -39.79 -13.53
C GLY C 159 -14.48 -40.25 -13.31
N VAL C 160 -15.41 -39.42 -13.78
CA VAL C 160 -16.82 -39.63 -13.58
C VAL C 160 -17.47 -39.96 -14.90
N THR C 161 -18.06 -41.16 -14.98
CA THR C 161 -18.80 -41.58 -16.17
C THR C 161 -20.28 -41.63 -15.80
N THR C 162 -21.12 -41.12 -16.69
CA THR C 162 -22.56 -41.00 -16.44
C THR C 162 -23.34 -42.06 -17.22
N GLU C 163 -24.00 -42.97 -16.51
CA GLU C 163 -24.76 -44.08 -17.14
C GLU C 163 -26.13 -43.56 -17.60
N GLN C 164 -26.68 -42.59 -16.88
CA GLN C 164 -28.00 -42.05 -17.19
C GLN C 164 -28.07 -40.59 -16.80
N LEU C 165 -28.31 -39.73 -17.76
CA LEU C 165 -28.33 -38.30 -17.50
C LEU C 165 -29.50 -37.92 -16.59
N PRO C 166 -29.29 -36.96 -15.68
CA PRO C 166 -30.39 -36.39 -14.95
C PRO C 166 -31.34 -35.66 -15.89
N ALA C 167 -32.51 -35.35 -15.38
CA ALA C 167 -33.51 -34.62 -16.12
C ALA C 167 -32.97 -33.26 -16.54
N PRO C 168 -33.45 -32.74 -17.68
CA PRO C 168 -33.07 -31.38 -18.01
C PRO C 168 -33.68 -30.37 -17.03
N ARG C 169 -33.03 -29.22 -16.93
CA ARG C 169 -33.52 -28.16 -16.07
C ARG C 169 -32.93 -26.84 -16.54
N VAL C 170 -33.57 -25.75 -16.18
CA VAL C 170 -32.96 -24.43 -16.38
C VAL C 170 -32.32 -24.02 -15.05
N ARG C 171 -31.05 -23.63 -15.09
CA ARG C 171 -30.37 -23.17 -13.92
C ARG C 171 -30.82 -21.78 -13.49
N ARG C 172 -31.07 -21.61 -12.18
CA ARG C 172 -31.53 -20.34 -11.62
C ARG C 172 -30.56 -19.75 -10.62
N ARG C 173 -29.53 -20.52 -10.27
CA ARG C 173 -28.49 -20.09 -9.38
C ARG C 173 -27.18 -19.90 -10.16
N ARG C 174 -26.52 -18.76 -9.90
CA ARG C 174 -25.22 -18.45 -10.44
C ARG C 174 -24.10 -19.14 -9.67
N GLN C 175 -24.13 -19.06 -8.35
CA GLN C 175 -22.92 -19.23 -7.56
C GLN C 175 -23.30 -19.78 -6.18
N VAL C 176 -22.62 -20.83 -5.74
CA VAL C 176 -22.80 -21.34 -4.37
C VAL C 176 -22.29 -20.33 -3.32
N VAL C 177 -23.03 -20.19 -2.23
CA VAL C 177 -22.62 -19.30 -1.16
C VAL C 177 -22.73 -20.03 0.13
N GLU C 178 -22.13 -19.49 1.19
CA GLU C 178 -21.94 -20.26 2.42
C GLU C 178 -23.22 -20.57 3.17
N THR C 179 -24.31 -19.87 2.85
CA THR C 179 -25.59 -20.18 3.46
C THR C 179 -26.25 -21.37 2.77
N ASP C 180 -25.71 -21.80 1.63
CA ASP C 180 -26.28 -22.93 0.94
C ASP C 180 -26.03 -24.26 1.67
N PRO C 181 -26.97 -25.20 1.53
CA PRO C 181 -26.74 -26.53 2.10
C PRO C 181 -25.50 -27.21 1.52
N ALA C 182 -24.69 -27.79 2.38
CA ALA C 182 -23.48 -28.51 1.98
C ALA C 182 -23.69 -30.01 2.01
N TYR C 183 -24.48 -30.49 2.97
CA TYR C 183 -24.89 -31.86 2.99
C TYR C 183 -26.15 -32.08 3.78
N LEU C 184 -26.72 -33.27 3.60
CA LEU C 184 -27.91 -33.73 4.36
C LEU C 184 -27.62 -35.08 4.94
N ILE C 185 -27.95 -35.22 6.21
CA ILE C 185 -27.83 -36.49 6.88
C ILE C 185 -29.21 -36.88 7.43
N PHE C 186 -29.66 -38.08 7.06
CA PHE C 186 -30.95 -38.54 7.53
C PHE C 186 -30.79 -39.34 8.77
N THR C 187 -31.57 -39.01 9.79
CA THR C 187 -31.48 -39.71 11.07
C THR C 187 -32.10 -41.07 11.01
N LYS C 195 -35.69 -38.00 9.80
CA LYS C 195 -35.55 -36.64 9.37
C LYS C 195 -34.23 -36.22 8.69
N GLY C 196 -34.32 -35.24 7.81
CA GLY C 196 -33.16 -34.85 6.98
C GLY C 196 -32.52 -33.62 7.57
N VAL C 197 -31.39 -33.79 8.21
CA VAL C 197 -30.68 -32.67 8.81
C VAL C 197 -29.87 -31.93 7.75
N VAL C 198 -30.18 -30.65 7.59
CA VAL C 198 -29.61 -29.85 6.50
C VAL C 198 -28.51 -29.00 7.11
N MET C 199 -27.28 -29.21 6.67
CA MET C 199 -26.16 -28.47 7.21
C MET C 199 -25.59 -27.54 6.15
N SER C 200 -25.47 -26.26 6.50
CA SER C 200 -24.85 -25.28 5.61
C SER C 200 -23.32 -25.36 5.63
N HIS C 201 -22.68 -24.79 4.61
CA HIS C 201 -21.23 -24.64 4.59
C HIS C 201 -20.77 -23.82 5.79
N ARG C 202 -21.43 -22.69 5.97
CA ARG C 202 -21.13 -21.76 7.05
C ARG C 202 -21.14 -22.49 8.40
N ALA C 203 -22.14 -23.33 8.64
CA ALA C 203 -22.32 -23.93 9.95
C ALA C 203 -21.26 -24.95 10.19
N ASN C 204 -20.96 -25.75 9.18
CA ASN C 204 -19.96 -26.80 9.37
C ASN C 204 -18.56 -26.22 9.43
N ILE C 205 -18.30 -25.18 8.65
CA ILE C 205 -17.05 -24.45 8.75
C ILE C 205 -16.93 -23.84 10.15
N ALA C 206 -18.03 -23.36 10.73
CA ALA C 206 -17.96 -22.80 12.09
C ALA C 206 -17.59 -23.86 13.12
N PHE C 207 -18.09 -25.05 12.90
CA PHE C 207 -17.68 -26.20 13.71
C PHE C 207 -16.17 -26.47 13.68
N HIS C 208 -15.60 -26.59 12.49
CA HIS C 208 -14.19 -26.90 12.38
C HIS C 208 -13.37 -25.77 12.94
N ARG C 209 -13.80 -24.52 12.69
CA ARG C 209 -13.07 -23.37 13.24
C ARG C 209 -12.99 -23.41 14.76
N GLY C 210 -14.11 -23.68 15.41
CA GLY C 210 -14.16 -23.78 16.84
C GLY C 210 -13.32 -24.95 17.34
N ILE C 211 -13.53 -26.13 16.78
CA ILE C 211 -12.83 -27.33 17.29
C ILE C 211 -11.31 -27.21 17.15
N ARG C 212 -10.81 -26.66 16.05
CA ARG C 212 -9.35 -26.45 15.88
C ARG C 212 -8.77 -25.49 16.93
N ALA C 213 -9.59 -24.66 17.56
CA ALA C 213 -9.11 -23.86 18.68
C ALA C 213 -8.78 -24.69 19.93
N HIS C 214 -9.25 -25.92 19.99
CA HIS C 214 -8.99 -26.80 21.12
C HIS C 214 -7.72 -27.66 20.91
N GLY C 215 -7.18 -27.71 19.71
CA GLY C 215 -5.99 -28.50 19.45
C GLY C 215 -6.17 -30.00 19.55
N LEU C 216 -7.22 -30.52 18.95
CA LEU C 216 -7.46 -31.95 18.99
C LEU C 216 -6.61 -32.68 17.99
N ILE C 217 -6.33 -32.04 16.86
CA ILE C 217 -5.55 -32.67 15.81
C ILE C 217 -4.51 -31.72 15.30
N GLY C 218 -3.28 -32.21 15.16
CA GLY C 218 -2.18 -31.40 14.64
C GLY C 218 -1.71 -32.02 13.37
N PRO C 219 -0.85 -31.31 12.60
CA PRO C 219 -0.50 -31.77 11.24
C PRO C 219 0.25 -33.09 11.21
N ASP C 220 0.90 -33.42 12.30
CA ASP C 220 1.64 -34.67 12.39
C ASP C 220 0.73 -35.87 12.59
N ASP C 221 -0.53 -35.65 12.96
CA ASP C 221 -1.37 -36.80 13.30
C ASP C 221 -1.76 -37.58 12.10
N ARG C 222 -2.02 -38.86 12.31
CA ARG C 222 -2.61 -39.72 11.30
C ARG C 222 -3.83 -40.33 11.95
N VAL C 223 -5.00 -40.06 11.39
CA VAL C 223 -6.25 -40.29 12.09
C VAL C 223 -6.99 -41.46 11.48
N ALA C 224 -7.21 -42.49 12.29
CA ALA C 224 -8.04 -43.61 11.90
C ALA C 224 -9.51 -43.26 12.12
N VAL C 225 -10.27 -43.19 11.04
CA VAL C 225 -11.72 -42.93 11.09
C VAL C 225 -12.43 -44.29 10.94
N THR C 226 -13.01 -44.78 12.01
CA THR C 226 -13.60 -46.10 11.99
C THR C 226 -15.06 -46.08 11.52
N SER C 227 -15.74 -44.93 11.61
CA SER C 227 -17.18 -44.90 11.32
C SER C 227 -17.37 -44.95 9.81
N PRO C 228 -18.40 -45.69 9.35
CA PRO C 228 -18.69 -45.80 7.91
C PRO C 228 -19.16 -44.51 7.30
N PHE C 229 -19.05 -44.42 5.99
CA PHE C 229 -19.31 -43.18 5.24
C PHE C 229 -20.74 -42.64 5.41
N SER C 230 -21.67 -43.55 5.68
CA SER C 230 -23.07 -43.17 5.92
C SER C 230 -23.25 -42.49 7.27
N PHE C 231 -22.20 -42.47 8.09
CA PHE C 231 -22.27 -41.80 9.39
C PHE C 231 -21.68 -40.37 9.32
N ASP C 232 -22.42 -39.46 9.90
CA ASP C 232 -22.01 -38.10 10.22
C ASP C 232 -20.57 -37.98 10.76
N PHE C 233 -20.23 -38.86 11.68
CA PHE C 233 -18.93 -38.86 12.31
C PHE C 233 -17.76 -39.17 11.34
N CYS C 234 -18.03 -39.89 10.25
CA CYS C 234 -17.01 -40.21 9.27
C CYS C 234 -16.58 -38.97 8.52
N LEU C 235 -17.55 -38.34 7.87
CA LEU C 235 -17.32 -37.09 7.19
C LEU C 235 -16.70 -36.01 8.13
N GLY C 236 -17.25 -35.86 9.33
CA GLY C 236 -16.70 -34.93 10.32
C GLY C 236 -15.25 -35.19 10.66
N GLY C 237 -14.91 -36.47 10.86
CA GLY C 237 -13.56 -36.85 11.22
C GLY C 237 -12.58 -36.58 10.09
N ILE C 238 -12.98 -36.94 8.89
CA ILE C 238 -12.15 -36.77 7.75
C ILE C 238 -11.96 -35.26 7.53
N ALA C 239 -13.07 -34.50 7.65
CA ALA C 239 -13.06 -33.06 7.38
C ALA C 239 -12.20 -32.33 8.35
N LEU C 240 -12.33 -32.65 9.63
CA LEU C 240 -11.56 -31.98 10.63
C LEU C 240 -10.07 -32.32 10.47
N THR C 241 -9.78 -33.57 10.13
CA THR C 241 -8.43 -34.04 9.97
C THR C 241 -7.76 -33.25 8.83
N LEU C 242 -8.44 -33.14 7.68
CA LEU C 242 -7.93 -32.40 6.57
C LEU C 242 -7.79 -30.91 6.90
N ALA C 243 -8.81 -30.34 7.54
CA ALA C 243 -8.81 -28.94 7.90
C ALA C 243 -7.65 -28.60 8.81
N SER C 244 -7.22 -29.60 9.61
CA SER C 244 -6.10 -29.42 10.54
C SER C 244 -4.77 -29.66 9.86
N GLY C 245 -4.81 -30.05 8.59
CA GLY C 245 -3.61 -30.27 7.79
C GLY C 245 -2.94 -31.58 8.11
N ALA C 246 -3.70 -32.53 8.67
CA ALA C 246 -3.20 -33.86 9.05
C ALA C 246 -3.47 -34.91 7.99
N THR C 247 -3.42 -36.19 8.36
CA THR C 247 -3.57 -37.31 7.39
C THR C 247 -4.72 -38.23 7.83
N ALA C 248 -5.68 -38.40 6.95
CA ALA C 248 -6.87 -39.14 7.29
C ALA C 248 -6.77 -40.58 6.78
N VAL C 249 -7.09 -41.54 7.65
CA VAL C 249 -6.98 -42.96 7.32
C VAL C 249 -8.30 -43.66 7.63
N PRO C 250 -9.20 -43.67 6.65
CA PRO C 250 -10.46 -44.38 6.86
C PRO C 250 -10.13 -45.84 7.10
N VAL C 251 -10.79 -46.48 8.05
CA VAL C 251 -10.51 -47.89 8.32
C VAL C 251 -11.51 -48.73 7.53
N PRO C 252 -11.05 -49.43 6.47
CA PRO C 252 -12.05 -50.22 5.72
C PRO C 252 -12.77 -51.26 6.59
N ARG C 253 -14.02 -51.57 6.25
CA ARG C 253 -14.80 -52.48 7.11
C ARG C 253 -14.18 -53.90 7.24
N ASP C 254 -13.46 -54.38 6.22
CA ASP C 254 -12.77 -55.67 6.34
C ASP C 254 -11.57 -55.69 7.32
N ARG C 255 -11.16 -54.55 7.85
CA ARG C 255 -10.16 -54.54 8.91
C ARG C 255 -10.85 -54.49 10.25
N LEU C 256 -12.09 -54.01 10.28
CA LEU C 256 -12.87 -53.94 11.51
C LEU C 256 -13.58 -55.34 11.50
N ARG C 260 -7.81 -58.44 15.43
CA ARG C 260 -6.35 -58.58 15.14
C ARG C 260 -5.95 -57.84 13.90
N ARG C 261 -6.82 -57.92 12.89
CA ARG C 261 -6.62 -57.22 11.64
C ARG C 261 -6.71 -55.71 11.85
N PHE C 262 -7.58 -55.31 12.78
CA PHE C 262 -7.77 -53.89 13.07
C PHE C 262 -6.53 -53.35 13.77
N LEU C 263 -6.10 -54.05 14.81
CA LEU C 263 -4.91 -53.65 15.53
C LEU C 263 -3.66 -53.62 14.64
N ALA C 264 -3.52 -54.56 13.73
CA ALA C 264 -2.35 -54.58 12.83
C ALA C 264 -2.39 -53.37 11.92
N PHE C 265 -3.61 -53.01 11.50
CA PHE C 265 -3.82 -51.84 10.65
C PHE C 265 -3.39 -50.55 11.35
N LEU C 266 -3.69 -50.43 12.64
CA LEU C 266 -3.24 -49.24 13.37
C LEU C 266 -1.70 -49.13 13.37
N HIS C 267 -0.99 -50.26 13.40
CA HIS C 267 0.48 -50.27 13.26
C HIS C 267 0.88 -50.01 11.82
N GLU C 268 0.30 -50.75 10.89
CA GLU C 268 0.69 -50.60 9.50
C GLU C 268 0.62 -49.13 9.07
N ALA C 269 -0.47 -48.44 9.42
CA ALA C 269 -0.65 -47.03 9.03
C ALA C 269 -0.12 -46.03 10.04
N ALA C 270 0.56 -46.52 11.08
CA ALA C 270 1.22 -45.65 12.05
C ALA C 270 0.23 -44.61 12.63
N ILE C 271 -0.91 -45.10 13.10
CA ILE C 271 -2.01 -44.24 13.55
C ILE C 271 -1.70 -43.57 14.89
N THR C 272 -1.85 -42.24 14.94
CA THR C 272 -1.66 -41.49 16.20
C THR C 272 -2.97 -41.19 16.91
N GLN C 273 -4.07 -41.22 16.18
CA GLN C 273 -5.33 -40.88 16.82
C GLN C 273 -6.43 -41.75 16.26
N VAL C 274 -7.26 -42.27 17.16
CA VAL C 274 -8.38 -43.10 16.70
C VAL C 274 -9.69 -42.40 17.02
N HIS C 275 -10.56 -42.35 16.02
CA HIS C 275 -11.94 -41.91 16.18
C HIS C 275 -12.83 -43.13 16.11
N GLY C 276 -13.77 -43.23 17.06
CA GLY C 276 -14.73 -44.33 17.01
C GLY C 276 -15.73 -44.22 18.14
N VAL C 277 -16.78 -45.04 18.09
CA VAL C 277 -17.68 -45.21 19.24
C VAL C 277 -16.95 -45.96 20.34
N PRO C 278 -17.38 -45.79 21.60
CA PRO C 278 -16.77 -46.50 22.73
C PRO C 278 -16.69 -48.02 22.58
N SER C 279 -17.76 -48.65 22.08
CA SER C 279 -17.85 -50.09 21.92
C SER C 279 -16.85 -50.71 20.94
N LEU C 280 -16.30 -49.89 20.06
CA LEU C 280 -15.17 -50.30 19.24
C LEU C 280 -14.08 -51.04 20.05
N TRP C 281 -13.83 -50.57 21.27
CA TRP C 281 -12.71 -51.05 22.08
C TRP C 281 -13.01 -52.30 22.90
N ARG C 282 -14.29 -52.56 23.19
CA ARG C 282 -14.65 -53.69 24.06
C ARG C 282 -14.04 -55.01 23.60
N PRO C 283 -14.16 -55.32 22.30
CA PRO C 283 -13.24 -56.28 21.73
C PRO C 283 -11.85 -55.64 21.66
N GLU C 288 -7.87 -59.18 23.13
CA GLU C 288 -6.49 -58.95 22.70
C GLU C 288 -5.82 -57.83 23.46
N PRO C 289 -5.96 -57.85 24.79
CA PRO C 289 -5.43 -56.75 25.60
C PRO C 289 -3.94 -56.49 25.45
N ASP C 290 -3.13 -57.51 25.17
CA ASP C 290 -1.70 -57.29 24.99
C ASP C 290 -1.41 -56.54 23.71
N LEU C 291 -2.14 -56.84 22.64
CA LEU C 291 -1.94 -56.09 21.41
C LEU C 291 -2.37 -54.61 21.56
N VAL C 292 -3.44 -54.38 22.32
CA VAL C 292 -3.91 -53.01 22.58
C VAL C 292 -2.82 -52.24 23.30
N ALA C 293 -2.32 -52.83 24.38
CA ALA C 293 -1.19 -52.26 25.12
C ALA C 293 0.02 -52.00 24.24
N GLY C 294 0.14 -52.71 23.13
CA GLY C 294 1.31 -52.61 22.27
C GLY C 294 1.20 -51.61 21.17
N LEU C 295 0.09 -50.85 21.15
CA LEU C 295 -0.11 -49.77 20.15
C LEU C 295 0.78 -48.53 20.40
N ASP C 296 2.05 -48.66 20.07
CA ASP C 296 3.03 -47.63 20.41
C ASP C 296 2.84 -46.30 19.73
N PRO C 297 2.47 -46.30 18.44
CA PRO C 297 2.27 -45.00 17.77
C PRO C 297 1.05 -44.16 18.26
N LEU C 298 0.10 -44.79 18.92
CA LEU C 298 -1.18 -44.19 19.27
C LEU C 298 -1.00 -43.25 20.42
N ARG C 299 -1.36 -41.98 20.21
CA ARG C 299 -1.25 -40.93 21.23
C ARG C 299 -2.62 -40.48 21.75
N SER C 300 -3.68 -40.75 21.00
CA SER C 300 -4.96 -40.15 21.37
C SER C 300 -6.15 -40.90 20.83
N ILE C 301 -7.26 -40.78 21.55
CA ILE C 301 -8.52 -41.40 21.15
C ILE C 301 -9.68 -40.43 21.34
N LEU C 302 -10.54 -40.37 20.33
CA LEU C 302 -11.73 -39.51 20.36
C LEU C 302 -12.94 -40.42 20.26
N PHE C 303 -13.83 -40.38 21.26
CA PHE C 303 -15.12 -41.13 21.22
C PHE C 303 -16.31 -40.27 21.04
N SER C 304 -17.38 -40.86 20.51
CA SER C 304 -18.69 -40.25 20.60
C SER C 304 -19.77 -41.28 20.34
N GLY C 311 -16.03 -48.18 33.74
CA GLY C 311 -15.24 -49.39 33.98
C GLY C 311 -14.42 -49.82 32.77
N ASP C 312 -15.07 -49.87 31.62
CA ASP C 312 -14.41 -50.16 30.35
C ASP C 312 -13.33 -49.11 30.09
N LEU C 313 -13.68 -47.85 30.33
CA LEU C 313 -12.77 -46.76 30.09
C LEU C 313 -11.50 -46.86 30.92
N ARG C 314 -11.69 -47.12 32.23
CA ARG C 314 -10.58 -47.30 33.16
C ARG C 314 -9.67 -48.42 32.68
N GLU C 315 -10.30 -49.52 32.25
CA GLU C 315 -9.55 -50.64 31.73
C GLU C 315 -8.71 -50.16 30.55
N LEU C 316 -9.34 -49.43 29.63
CA LEU C 316 -8.65 -48.88 28.44
C LEU C 316 -7.52 -47.93 28.81
N GLN C 317 -7.76 -46.99 29.73
CA GLN C 317 -6.67 -46.15 30.24
C GLN C 317 -5.50 -46.96 30.79
N GLY C 318 -5.85 -48.02 31.53
CA GLY C 318 -4.88 -48.95 32.09
C GLY C 318 -4.01 -49.61 31.05
N LEU C 319 -4.60 -49.98 29.92
CA LEU C 319 -3.82 -50.59 28.85
C LEU C 319 -3.06 -49.54 28.05
N LEU C 320 -3.53 -48.31 28.06
CA LEU C 320 -2.93 -47.25 27.25
C LEU C 320 -2.60 -46.05 28.10
N PRO C 321 -1.63 -46.20 29.02
CA PRO C 321 -1.26 -45.06 29.86
C PRO C 321 -0.65 -43.92 29.02
N GLY C 322 -0.88 -42.68 29.45
CA GLY C 322 -0.31 -41.51 28.79
C GLY C 322 -0.88 -41.18 27.42
N ARG C 323 -2.07 -41.70 27.13
CA ARG C 323 -2.82 -41.34 25.94
C ARG C 323 -3.83 -40.27 26.31
N ARG C 324 -4.13 -39.39 25.37
CA ARG C 324 -5.14 -38.36 25.57
C ARG C 324 -6.43 -38.90 25.01
N ILE C 325 -7.43 -38.97 25.86
CA ILE C 325 -8.73 -39.44 25.44
C ILE C 325 -9.70 -38.31 25.56
N PHE C 326 -10.53 -38.16 24.54
CA PHE C 326 -11.47 -37.07 24.44
C PHE C 326 -12.87 -37.60 24.31
N ASN C 327 -13.78 -37.00 25.07
CA ASN C 327 -15.19 -37.33 25.06
C ASN C 327 -15.95 -36.26 24.26
N LEU C 328 -16.63 -36.70 23.21
CA LEU C 328 -17.29 -35.78 22.27
C LEU C 328 -18.81 -35.90 22.44
N TYR C 329 -19.44 -34.84 22.92
CA TYR C 329 -20.88 -34.84 23.11
C TYR C 329 -21.49 -34.05 21.96
N GLY C 330 -22.57 -34.55 21.40
CA GLY C 330 -23.42 -33.76 20.53
C GLY C 330 -24.16 -34.62 19.52
N ALA C 331 -24.85 -33.96 18.62
CA ALA C 331 -25.67 -34.62 17.64
C ALA C 331 -25.42 -34.12 16.21
N THR C 332 -26.03 -34.84 15.28
CA THR C 332 -26.01 -34.46 13.89
C THR C 332 -26.41 -33.00 13.62
N GLU C 333 -27.37 -32.50 14.39
CA GLU C 333 -27.82 -31.14 14.22
C GLU C 333 -26.75 -30.08 14.39
N SER C 334 -25.65 -30.38 15.07
CA SER C 334 -24.51 -29.45 15.13
C SER C 334 -23.17 -30.09 14.79
N MET C 335 -23.24 -31.31 14.30
CA MET C 335 -22.13 -32.24 14.23
C MET C 335 -21.68 -32.67 15.62
N ALA C 336 -21.29 -31.71 16.45
CA ALA C 336 -20.96 -31.93 17.85
C ALA C 336 -21.12 -30.61 18.58
N ALA C 337 -21.01 -30.65 19.89
CA ALA C 337 -21.31 -29.52 20.74
C ALA C 337 -20.25 -29.26 21.81
N SER C 338 -19.63 -30.30 22.33
CA SER C 338 -18.61 -30.14 23.36
C SER C 338 -17.60 -31.27 23.26
N VAL C 339 -16.39 -30.94 23.70
CA VAL C 339 -15.31 -31.89 23.73
C VAL C 339 -14.58 -31.72 25.03
N THR C 340 -14.31 -32.85 25.67
CA THR C 340 -13.92 -32.87 27.06
C THR C 340 -12.75 -33.82 27.20
N ASP C 341 -11.71 -33.40 27.93
CA ASP C 341 -10.62 -34.32 28.34
C ASP C 341 -11.14 -35.33 29.38
N VAL C 342 -10.85 -36.61 29.14
CA VAL C 342 -11.07 -37.66 30.15
C VAL C 342 -9.89 -37.63 31.13
N PRO C 343 -10.17 -37.56 32.46
CA PRO C 343 -9.08 -37.18 33.38
C PRO C 343 -7.91 -38.18 33.51
N ARG C 352 -20.29 -40.59 36.65
CA ARG C 352 -20.73 -39.88 35.44
C ARG C 352 -19.67 -38.90 34.91
N LEU C 353 -19.26 -39.12 33.67
CA LEU C 353 -18.33 -38.24 32.99
C LEU C 353 -19.02 -36.92 32.64
N THR C 354 -18.39 -35.78 32.93
CA THR C 354 -18.94 -34.50 32.49
C THR C 354 -18.92 -34.32 30.95
N ILE C 355 -19.86 -33.55 30.42
CA ILE C 355 -19.80 -33.12 29.02
C ILE C 355 -19.29 -31.67 28.94
N GLY C 356 -18.94 -31.08 30.08
CA GLY C 356 -18.12 -29.88 30.10
C GLY C 356 -18.86 -28.64 29.65
N TYR C 357 -18.14 -27.77 28.93
CA TYR C 357 -18.72 -26.60 28.29
C TYR C 357 -18.79 -26.85 26.79
N ALA C 358 -19.71 -26.20 26.12
CA ALA C 358 -19.74 -26.21 24.66
C ALA C 358 -18.36 -25.88 24.09
N HIS C 359 -18.06 -26.34 22.88
CA HIS C 359 -16.76 -26.05 22.25
C HIS C 359 -16.60 -24.58 21.99
N HIS C 360 -15.37 -24.19 21.67
CA HIS C 360 -15.05 -22.81 21.55
C HIS C 360 -15.96 -22.17 20.46
N GLY C 361 -16.53 -21.01 20.76
CA GLY C 361 -17.46 -20.37 19.82
C GLY C 361 -18.94 -20.73 20.00
N ALA C 362 -19.25 -21.61 20.96
CA ALA C 362 -20.60 -22.03 21.27
C ALA C 362 -20.88 -21.94 22.75
N GLU C 363 -22.16 -22.14 23.14
CA GLU C 363 -22.58 -22.12 24.52
C GLU C 363 -23.84 -22.98 24.74
N MET C 364 -23.83 -23.77 25.79
CA MET C 364 -24.99 -24.54 26.12
C MET C 364 -25.30 -24.36 27.59
N ASP C 365 -26.59 -24.41 27.92
CA ASP C 365 -27.09 -24.34 29.28
C ASP C 365 -28.37 -25.13 29.36
N VAL C 366 -28.89 -25.24 30.58
CA VAL C 366 -29.93 -26.19 30.89
C VAL C 366 -31.19 -25.39 31.23
N TYR C 367 -32.34 -25.83 30.72
CA TYR C 367 -33.61 -25.04 30.80
C TYR C 367 -34.75 -25.85 31.36
N ASP C 368 -35.60 -25.22 32.16
CA ASP C 368 -36.77 -25.90 32.71
C ASP C 368 -37.86 -26.02 31.64
N ALA C 369 -38.92 -26.72 32.00
CA ALA C 369 -40.01 -27.00 31.05
C ALA C 369 -40.79 -25.74 30.63
N GLU C 370 -40.59 -24.63 31.32
CA GLU C 370 -41.28 -23.37 31.03
C GLU C 370 -40.37 -22.43 30.21
N GLY C 371 -39.19 -22.94 29.81
CA GLY C 371 -38.28 -22.18 28.97
C GLY C 371 -37.44 -21.18 29.72
N ALA C 372 -37.30 -21.34 31.04
CA ALA C 372 -36.39 -20.49 31.81
C ALA C 372 -35.16 -21.27 32.19
N PRO C 373 -34.04 -20.58 32.36
CA PRO C 373 -32.80 -21.27 32.68
C PRO C 373 -32.86 -21.80 34.08
N VAL C 374 -32.42 -23.02 34.26
CA VAL C 374 -32.41 -23.64 35.55
C VAL C 374 -31.54 -22.85 36.55
N PRO C 377 -27.59 -25.28 40.45
CA PRO C 377 -26.82 -26.51 40.14
C PRO C 377 -27.48 -27.77 40.68
N GLY C 378 -27.22 -28.90 40.04
CA GLY C 378 -27.78 -30.16 40.44
C GLY C 378 -29.20 -30.43 39.92
N VAL C 379 -29.86 -29.40 39.38
CA VAL C 379 -31.24 -29.56 38.94
C VAL C 379 -31.25 -29.84 37.43
N VAL C 380 -31.95 -30.92 37.09
CA VAL C 380 -32.03 -31.40 35.72
C VAL C 380 -32.96 -30.54 34.88
N GLY C 381 -32.51 -30.20 33.67
CA GLY C 381 -33.33 -29.51 32.67
C GLY C 381 -32.89 -29.97 31.28
N GLU C 382 -33.46 -29.35 30.24
CA GLU C 382 -33.10 -29.68 28.86
C GLU C 382 -31.95 -28.78 28.37
N ILE C 383 -30.97 -29.38 27.69
CA ILE C 383 -29.87 -28.59 27.09
C ILE C 383 -30.38 -27.85 25.85
N TYR C 384 -30.22 -26.52 25.87
CA TYR C 384 -30.36 -25.65 24.69
C TYR C 384 -28.98 -25.21 24.20
N LEU C 385 -28.72 -25.37 22.91
CA LEU C 385 -27.38 -25.09 22.32
C LEU C 385 -27.38 -23.85 21.44
N ARG C 386 -26.52 -22.90 21.79
CA ARG C 386 -26.36 -21.64 21.10
C ARG C 386 -25.05 -21.76 20.34
N SER C 387 -25.11 -21.78 19.02
CA SER C 387 -23.93 -22.09 18.23
C SER C 387 -24.03 -21.74 16.75
N PRO C 388 -22.91 -21.27 16.15
CA PRO C 388 -22.89 -20.97 14.75
C PRO C 388 -22.91 -22.25 13.91
N ALA C 389 -22.70 -23.39 14.54
CA ALA C 389 -22.64 -24.67 13.84
C ALA C 389 -23.98 -25.41 13.69
N LEU C 390 -25.09 -24.78 14.02
CA LEU C 390 -26.37 -25.41 13.91
C LEU C 390 -26.80 -25.61 12.47
N PHE C 391 -27.44 -26.76 12.29
CA PHE C 391 -28.15 -27.10 11.08
C PHE C 391 -29.11 -25.98 10.69
N SER C 392 -29.51 -25.95 9.42
CA SER C 392 -30.46 -24.94 8.94
C SER C 392 -31.91 -25.33 9.13
N GLY C 393 -32.17 -26.64 9.26
CA GLY C 393 -33.50 -27.13 9.49
C GLY C 393 -33.63 -28.54 9.06
N TYR C 394 -34.82 -29.10 9.23
CA TYR C 394 -35.08 -30.46 8.79
C TYR C 394 -35.71 -30.32 7.44
N TRP C 395 -35.24 -31.10 6.51
CA TRP C 395 -35.62 -30.93 5.11
C TRP C 395 -37.11 -31.10 4.92
N ALA C 396 -37.73 -30.06 4.35
CA ALA C 396 -39.12 -30.06 3.97
C ALA C 396 -40.07 -30.21 5.15
N ASP C 397 -39.63 -29.82 6.32
CA ASP C 397 -40.37 -30.01 7.56
C ASP C 397 -40.26 -28.78 8.46
N PRO C 398 -40.92 -27.68 8.06
CA PRO C 398 -40.84 -26.45 8.81
C PRO C 398 -41.35 -26.56 10.22
N GLU C 399 -42.36 -27.39 10.47
CA GLU C 399 -42.84 -27.47 11.85
C GLU C 399 -41.85 -28.21 12.75
N ALA C 400 -41.22 -29.29 12.28
CA ALA C 400 -40.16 -29.91 13.12
C ALA C 400 -38.94 -28.98 13.24
N THR C 401 -38.68 -28.18 12.22
CA THR C 401 -37.59 -27.20 12.29
C THR C 401 -37.85 -26.16 13.38
N ARG C 402 -39.06 -25.62 13.39
CA ARG C 402 -39.45 -24.59 14.36
C ARG C 402 -39.56 -25.12 15.78
N ALA C 403 -39.86 -26.41 15.97
CA ALA C 403 -39.82 -26.98 17.35
C ALA C 403 -38.39 -27.16 17.86
N ALA C 404 -37.44 -27.40 16.97
CA ALA C 404 -36.04 -27.62 17.36
C ALA C 404 -35.24 -26.30 17.42
N LEU C 405 -35.42 -25.44 16.40
CA LEU C 405 -34.76 -24.15 16.34
C LEU C 405 -35.69 -23.03 16.82
N VAL C 406 -35.51 -22.59 18.06
CA VAL C 406 -36.43 -21.69 18.70
C VAL C 406 -35.81 -20.34 19.04
N PRO C 407 -36.66 -19.31 19.12
CA PRO C 407 -36.16 -18.02 19.50
C PRO C 407 -35.40 -18.10 20.80
N ASP C 408 -34.27 -17.42 20.88
CA ASP C 408 -33.45 -17.35 22.08
C ASP C 408 -34.34 -17.04 23.30
N PRO C 409 -34.40 -17.96 24.27
CA PRO C 409 -35.35 -17.74 25.38
C PRO C 409 -34.97 -16.57 26.26
N LEU C 410 -33.69 -16.20 26.26
CA LEU C 410 -33.27 -15.05 27.00
C LEU C 410 -33.53 -13.74 26.28
N LEU C 411 -33.75 -13.80 24.95
CA LEU C 411 -33.84 -12.58 24.16
C LEU C 411 -34.48 -12.87 22.82
N PRO C 412 -35.76 -13.21 22.84
CA PRO C 412 -36.45 -13.56 21.60
C PRO C 412 -36.54 -12.39 20.65
N GLU C 413 -36.35 -11.17 21.13
CA GLU C 413 -36.45 -10.02 20.32
C GLU C 413 -35.35 -9.93 19.23
N SER C 414 -34.22 -10.60 19.43
CA SER C 414 -33.05 -10.38 18.62
C SER C 414 -33.16 -10.98 17.24
N GLY C 415 -33.96 -12.03 17.12
CA GLY C 415 -33.96 -12.87 15.91
C GLY C 415 -33.03 -14.07 16.03
N GLN C 416 -32.15 -14.10 17.03
CA GLN C 416 -31.28 -15.23 17.21
C GLN C 416 -32.07 -16.46 17.57
N VAL C 417 -31.68 -17.59 17.00
CA VAL C 417 -32.25 -18.88 17.40
C VAL C 417 -31.26 -19.78 18.15
N VAL C 418 -31.82 -20.74 18.86
CA VAL C 418 -31.06 -21.67 19.67
C VAL C 418 -31.68 -23.06 19.42
N PHE C 419 -30.95 -24.14 19.72
CA PHE C 419 -31.37 -25.53 19.40
C PHE C 419 -31.78 -26.30 20.67
N ARG C 420 -33.05 -26.69 20.77
CA ARG C 420 -33.50 -27.57 21.86
C ARG C 420 -33.09 -28.97 21.52
N THR C 421 -32.13 -29.49 22.29
CA THR C 421 -31.42 -30.71 21.93
C THR C 421 -32.22 -31.95 22.20
N GLY C 422 -33.23 -31.87 23.06
CA GLY C 422 -33.91 -33.07 23.55
C GLY C 422 -33.09 -33.90 24.55
N ASP C 423 -31.95 -33.36 25.00
CA ASP C 423 -31.12 -34.00 26.02
C ASP C 423 -31.36 -33.37 27.39
N LEU C 424 -31.41 -34.21 28.42
CA LEU C 424 -31.51 -33.75 29.79
C LEU C 424 -30.14 -33.70 30.42
N ALA C 425 -29.96 -32.78 31.35
CA ALA C 425 -28.70 -32.65 32.04
C ALA C 425 -28.85 -31.72 33.25
N TYR C 426 -27.89 -31.79 34.15
CA TYR C 426 -27.75 -30.79 35.21
C TYR C 426 -26.35 -30.18 35.11
N ARG C 427 -26.19 -29.10 35.85
CA ARG C 427 -25.02 -28.27 35.87
C ARG C 427 -24.34 -28.43 37.25
N ASP C 428 -23.01 -28.42 37.30
CA ASP C 428 -22.31 -28.33 38.58
C ASP C 428 -22.10 -26.86 38.96
N ALA C 429 -21.44 -26.60 40.09
CA ALA C 429 -21.25 -25.23 40.57
C ALA C 429 -20.40 -24.42 39.61
N ASP C 430 -19.50 -25.11 38.92
CA ASP C 430 -18.60 -24.46 37.96
C ASP C 430 -19.27 -24.20 36.62
N GLY C 431 -20.45 -24.79 36.41
CA GLY C 431 -21.21 -24.54 35.20
C GLY C 431 -21.09 -25.61 34.13
N ARG C 432 -20.34 -26.67 34.42
CA ARG C 432 -20.22 -27.83 33.51
C ARG C 432 -21.49 -28.68 33.55
N LEU C 433 -21.83 -29.29 32.43
CA LEU C 433 -23.03 -30.09 32.37
C LEU C 433 -22.72 -31.55 32.50
N TYR C 434 -23.77 -32.30 32.86
CA TYR C 434 -23.71 -33.75 33.02
C TYR C 434 -24.94 -34.36 32.34
N PHE C 435 -24.70 -35.19 31.34
CA PHE C 435 -25.77 -35.77 30.53
C PHE C 435 -26.59 -36.77 31.33
N CYS C 436 -27.92 -36.67 31.28
CA CYS C 436 -28.84 -37.55 32.03
C CYS C 436 -29.85 -38.33 31.20
N GLY C 437 -29.66 -38.37 29.88
CA GLY C 437 -30.56 -39.09 28.98
C GLY C 437 -31.44 -38.17 28.14
N ARG C 438 -32.19 -38.81 27.25
CA ARG C 438 -33.12 -38.14 26.35
C ARG C 438 -34.44 -37.91 27.03
N ILE C 439 -35.20 -36.95 26.53
CA ILE C 439 -36.58 -36.73 26.98
C ILE C 439 -37.55 -37.85 26.64
N SER D 18 -4.56 4.07 -15.30
CA SER D 18 -4.47 4.75 -13.98
C SER D 18 -3.48 4.03 -13.09
N PRO D 19 -2.81 4.79 -12.21
CA PRO D 19 -1.64 4.19 -11.55
C PRO D 19 -1.95 2.98 -10.62
N TYR D 20 -1.12 1.93 -10.76
CA TYR D 20 -1.27 0.73 -9.95
C TYR D 20 -1.14 1.06 -8.46
N ALA D 21 -0.09 1.79 -8.10
CA ALA D 21 0.13 2.18 -6.70
C ALA D 21 0.14 3.65 -6.65
N ALA D 22 0.13 4.20 -5.45
CA ALA D 22 0.10 5.62 -5.24
C ALA D 22 1.37 6.25 -5.86
N PRO D 23 1.19 7.17 -6.79
CA PRO D 23 2.33 7.97 -7.24
C PRO D 23 2.99 8.80 -6.13
N VAL D 24 4.31 8.96 -6.19
CA VAL D 24 4.96 9.82 -5.25
C VAL D 24 5.49 10.96 -6.10
N ARG D 25 4.94 12.14 -5.84
CA ARG D 25 5.12 13.27 -6.70
C ARG D 25 6.45 13.85 -6.32
N ASP D 26 7.21 14.18 -7.34
CA ASP D 26 8.58 14.58 -7.16
C ASP D 26 8.61 16.08 -7.31
N HIS D 27 9.00 16.75 -6.24
CA HIS D 27 9.00 18.20 -6.28
C HIS D 27 10.37 18.76 -6.68
N ALA D 28 11.38 17.90 -6.90
CA ALA D 28 12.74 18.37 -7.15
C ALA D 28 13.16 18.39 -8.62
N GLY D 29 12.19 18.29 -9.54
CA GLY D 29 12.50 18.22 -10.96
C GLY D 29 12.47 19.56 -11.71
N ASN D 30 11.92 20.60 -11.06
CA ASN D 30 11.73 21.93 -11.63
C ASN D 30 11.62 22.95 -10.51
N LEU D 31 12.29 24.07 -10.68
CA LEU D 31 12.32 25.11 -9.63
C LEU D 31 10.95 25.59 -9.28
N ARG D 32 10.04 25.51 -10.25
CA ARG D 32 8.70 25.90 -10.05
C ARG D 32 8.09 25.05 -8.96
N ASP D 33 8.40 23.75 -8.97
CA ASP D 33 7.81 22.83 -8.02
C ASP D 33 8.54 22.91 -6.71
N TYR D 34 9.89 22.87 -6.77
CA TYR D 34 10.71 22.87 -5.56
C TYR D 34 10.48 24.11 -4.72
N LEU D 35 10.41 25.27 -5.36
CA LEU D 35 10.31 26.51 -4.58
C LEU D 35 8.99 26.66 -3.88
N LEU D 36 7.95 25.99 -4.37
CA LEU D 36 6.61 26.15 -3.83
C LEU D 36 6.12 25.01 -3.00
N ALA D 37 6.91 23.96 -2.87
CA ALA D 37 6.46 22.81 -2.16
C ALA D 37 6.11 23.11 -0.70
N ALA D 38 7.01 23.73 0.06
CA ALA D 38 6.78 23.96 1.46
C ALA D 38 5.52 24.77 1.70
N GLY D 39 5.24 25.67 0.79
CA GLY D 39 4.14 26.56 0.92
C GLY D 39 2.80 25.85 0.78
N LYS D 40 2.77 24.69 0.13
CA LYS D 40 1.54 23.88 0.10
C LYS D 40 0.87 23.66 1.48
N ALA D 41 1.64 23.60 2.55
CA ALA D 41 1.10 23.45 3.88
C ALA D 41 0.47 24.76 4.41
N THR D 42 0.79 25.90 3.78
CA THR D 42 0.38 27.22 4.26
C THR D 42 -0.05 28.10 3.09
N PRO D 43 -1.07 27.67 2.36
CA PRO D 43 -1.47 28.40 1.16
C PRO D 43 -1.85 29.86 1.36
N ASP D 44 -2.38 30.20 2.53
CA ASP D 44 -2.87 31.54 2.69
C ASP D 44 -1.89 32.43 3.44
N LYS D 45 -0.78 31.87 3.93
CA LYS D 45 0.35 32.66 4.42
C LYS D 45 0.90 33.58 3.34
N PRO D 46 1.38 34.75 3.72
CA PRO D 46 2.05 35.62 2.76
C PRO D 46 3.36 35.04 2.24
N ALA D 47 3.49 35.01 0.92
CA ALA D 47 4.71 34.58 0.22
C ALA D 47 5.59 35.77 -0.09
N ILE D 48 4.95 36.82 -0.61
CA ILE D 48 5.58 38.07 -0.94
C ILE D 48 4.85 39.27 -0.36
N VAL D 49 5.60 40.16 0.26
CA VAL D 49 5.06 41.42 0.77
C VAL D 49 5.66 42.56 -0.04
N GLU D 50 4.84 43.53 -0.44
CA GLU D 50 5.32 44.67 -1.21
C GLU D 50 4.47 45.89 -0.92
N PRO D 51 4.98 47.09 -1.26
CA PRO D 51 4.16 48.27 -1.00
C PRO D 51 2.94 48.27 -1.91
N ALA D 52 1.85 48.81 -1.38
CA ALA D 52 0.58 48.87 -2.08
C ALA D 52 0.47 50.21 -2.81
N GLU D 53 -0.31 50.26 -3.86
CA GLU D 53 -0.50 51.50 -4.61
C GLU D 53 -0.96 52.61 -3.64
N ASP D 54 -1.89 52.26 -2.74
CA ASP D 54 -2.28 53.17 -1.65
C ASP D 54 -1.20 53.65 -0.65
N GLY D 55 0.00 53.09 -0.67
CA GLY D 55 1.01 53.38 0.35
C GLY D 55 1.25 52.42 1.54
N GLY D 56 0.28 51.60 1.94
CA GLY D 56 0.58 50.62 3.00
C GLY D 56 1.30 49.41 2.40
N LEU D 57 1.15 48.25 3.04
CA LEU D 57 1.71 47.04 2.48
C LEU D 57 0.64 46.13 1.93
N ARG D 58 1.00 45.40 0.90
CA ARG D 58 0.15 44.42 0.21
C ARG D 58 0.81 43.07 0.47
N PHE D 59 0.03 42.00 0.58
CA PHE D 59 0.55 40.63 0.76
C PHE D 59 0.07 39.78 -0.41
N VAL D 60 0.94 38.94 -0.98
CA VAL D 60 0.49 37.96 -1.94
C VAL D 60 0.73 36.63 -1.26
N SER D 61 -0.33 35.86 -1.07
CA SER D 61 -0.17 34.56 -0.44
C SER D 61 0.52 33.53 -1.38
N TYR D 62 0.97 32.43 -0.81
CA TYR D 62 1.44 31.34 -1.58
C TYR D 62 0.46 30.96 -2.63
N ARG D 63 -0.81 30.82 -2.24
CA ARG D 63 -1.83 30.33 -3.17
C ARG D 63 -1.98 31.29 -4.30
N GLN D 64 -1.98 32.58 -3.97
CA GLN D 64 -2.14 33.61 -4.97
C GLN D 64 -0.93 33.66 -5.88
N LEU D 65 0.26 33.41 -5.34
CA LEU D 65 1.45 33.51 -6.16
C LEU D 65 1.46 32.42 -7.18
N GLU D 66 1.04 31.23 -6.78
CA GLU D 66 0.90 30.13 -7.75
C GLU D 66 -0.18 30.36 -8.77
N ALA D 67 -1.30 30.92 -8.37
CA ALA D 67 -2.36 31.26 -9.34
C ALA D 67 -1.81 32.23 -10.41
N GLN D 68 -1.03 33.21 -9.96
CA GLN D 68 -0.52 34.19 -10.89
C GLN D 68 0.52 33.54 -11.82
N ALA D 69 1.39 32.72 -11.25
CA ALA D 69 2.37 31.98 -12.04
C ALA D 69 1.67 31.15 -13.11
N ASP D 70 0.61 30.47 -12.70
CA ASP D 70 -0.14 29.60 -13.63
C ASP D 70 -0.82 30.37 -14.72
N ALA D 71 -1.40 31.51 -14.36
CA ALA D 71 -2.10 32.37 -15.34
C ALA D 71 -1.10 32.94 -16.35
N TYR D 72 0.04 33.39 -15.83
CA TYR D 72 1.10 33.88 -16.70
C TYR D 72 1.61 32.80 -17.63
N ALA D 73 1.84 31.60 -17.08
CA ALA D 73 2.35 30.47 -17.86
C ALA D 73 1.44 30.09 -19.03
N ALA D 74 0.14 30.00 -18.78
CA ALA D 74 -0.84 29.73 -19.83
C ALA D 74 -0.73 30.72 -20.99
N GLU D 75 -0.71 32.01 -20.68
CA GLU D 75 -0.61 33.04 -21.71
C GLU D 75 0.76 33.00 -22.43
N LEU D 76 1.84 32.80 -21.69
CA LEU D 76 3.16 32.74 -22.32
C LEU D 76 3.24 31.55 -23.20
N ASP D 77 2.61 30.44 -22.80
CA ASP D 77 2.69 29.16 -23.58
C ASP D 77 1.98 29.28 -24.93
N ALA D 78 1.05 30.22 -25.03
CA ALA D 78 0.35 30.48 -26.29
C ALA D 78 1.26 31.14 -27.32
N LEU D 79 2.45 31.58 -26.92
CA LEU D 79 3.36 32.22 -27.85
C LEU D 79 4.12 31.22 -28.70
N GLY D 80 4.03 29.96 -28.32
CA GLY D 80 4.63 28.91 -29.14
C GLY D 80 6.13 28.80 -28.99
N LEU D 81 6.72 29.38 -27.94
CA LEU D 81 8.19 29.24 -27.71
C LEU D 81 8.52 27.82 -27.29
N ASP D 82 9.74 27.40 -27.61
CA ASP D 82 10.19 26.04 -27.35
C ASP D 82 11.02 25.98 -26.07
N VAL D 83 11.02 24.85 -25.38
CA VAL D 83 11.84 24.67 -24.18
C VAL D 83 13.27 25.00 -24.63
N GLY D 84 13.99 25.80 -23.84
CA GLY D 84 15.35 26.27 -24.19
C GLY D 84 15.44 27.71 -24.67
N ASP D 85 14.35 28.22 -25.26
CA ASP D 85 14.36 29.58 -25.76
C ASP D 85 14.53 30.54 -24.60
N ARG D 86 15.46 31.49 -24.76
CA ARG D 86 15.65 32.52 -23.73
C ARG D 86 14.64 33.65 -23.76
N VAL D 87 14.38 34.16 -22.58
CA VAL D 87 13.50 35.27 -22.33
C VAL D 87 14.27 36.27 -21.47
N VAL D 88 14.36 37.52 -21.91
CA VAL D 88 14.91 38.56 -21.06
C VAL D 88 13.75 39.02 -20.22
N LEU D 89 13.93 38.93 -18.92
CA LEU D 89 12.86 39.32 -17.99
C LEU D 89 13.31 40.60 -17.26
N GLU D 90 12.71 41.73 -17.62
CA GLU D 90 13.12 43.01 -17.06
C GLU D 90 12.06 43.61 -16.13
N SER D 91 12.39 43.71 -14.85
CA SER D 91 11.47 44.27 -13.88
C SER D 91 12.15 44.47 -12.53
N PRO D 92 11.70 45.46 -11.77
CA PRO D 92 12.13 45.41 -10.40
C PRO D 92 11.50 44.16 -9.76
N ALA D 93 12.10 43.69 -8.69
CA ALA D 93 11.62 42.55 -7.93
C ALA D 93 10.28 42.85 -7.27
N THR D 94 9.22 42.24 -7.78
CA THR D 94 7.88 42.41 -7.26
C THR D 94 7.20 41.06 -7.27
N ALA D 95 6.05 40.94 -6.61
CA ALA D 95 5.30 39.70 -6.59
C ALA D 95 5.00 39.21 -8.00
N ASP D 96 4.60 40.13 -8.89
CA ASP D 96 4.36 39.78 -10.29
C ASP D 96 5.63 39.32 -11.06
N ALA D 97 6.79 39.87 -10.74
CA ALA D 97 8.01 39.46 -11.42
C ALA D 97 8.37 38.06 -10.97
N VAL D 98 8.06 37.77 -9.71
CA VAL D 98 8.28 36.45 -9.17
C VAL D 98 7.37 35.46 -9.88
N ALA D 99 6.09 35.81 -10.02
CA ALA D 99 5.16 34.91 -10.79
C ALA D 99 5.69 34.67 -12.17
N ALA D 100 6.22 35.70 -12.79
CA ALA D 100 6.76 35.60 -14.16
C ALA D 100 7.90 34.64 -14.24
N PHE D 101 8.81 34.71 -13.28
CA PHE D 101 9.98 33.82 -13.40
C PHE D 101 9.58 32.39 -13.08
N LEU D 102 8.60 32.22 -12.17
CA LEU D 102 8.03 30.92 -11.89
C LEU D 102 7.32 30.39 -13.12
N ALA D 103 6.63 31.26 -13.83
CA ALA D 103 6.03 30.79 -15.06
C ALA D 103 7.13 30.33 -16.03
N CYS D 104 8.18 31.12 -16.22
CA CYS D 104 9.29 30.74 -17.16
C CYS D 104 9.91 29.41 -16.76
N PHE D 105 10.11 29.21 -15.47
CA PHE D 105 10.62 27.91 -15.00
C PHE D 105 9.73 26.78 -15.49
N SER D 106 8.41 26.92 -15.33
CA SER D 106 7.44 25.87 -15.65
C SER D 106 7.46 25.47 -17.06
N LEU D 107 7.69 26.47 -17.89
CA LEU D 107 7.64 26.29 -19.35
C LEU D 107 8.98 25.84 -19.88
N GLY D 108 9.99 25.81 -19.02
CA GLY D 108 11.32 25.53 -19.48
C GLY D 108 11.97 26.65 -20.30
N LEU D 109 11.61 27.91 -20.01
CA LEU D 109 12.17 29.06 -20.76
C LEU D 109 13.19 29.76 -19.91
N PRO D 110 14.48 29.52 -20.19
CA PRO D 110 15.45 30.13 -19.28
C PRO D 110 15.41 31.62 -19.46
N PHE D 111 15.45 32.32 -18.35
CA PHE D 111 15.35 33.77 -18.40
C PHE D 111 16.64 34.42 -17.97
N ILE D 112 16.83 35.64 -18.43
CA ILE D 112 17.96 36.50 -18.05
C ILE D 112 17.32 37.61 -17.31
N PRO D 113 17.56 37.70 -16.00
CA PRO D 113 16.92 38.78 -15.26
C PRO D 113 17.62 40.14 -15.47
N THR D 114 16.82 41.18 -15.66
CA THR D 114 17.30 42.50 -15.97
C THR D 114 16.44 43.55 -15.22
N ILE D 115 16.96 44.75 -15.00
CA ILE D 115 16.14 45.82 -14.49
C ILE D 115 16.15 46.98 -15.48
N PRO D 116 15.16 47.89 -15.35
CA PRO D 116 15.06 49.04 -16.26
C PRO D 116 16.36 49.89 -16.34
N GLU D 117 17.08 49.96 -15.22
CA GLU D 117 18.31 50.72 -15.09
C GLU D 117 19.53 49.95 -15.59
N THR D 118 19.37 48.71 -16.02
CA THR D 118 20.46 48.01 -16.72
C THR D 118 20.81 48.79 -18.02
N PRO D 119 22.09 49.17 -18.20
CA PRO D 119 22.51 49.97 -19.33
C PRO D 119 22.20 49.32 -20.65
N VAL D 120 21.63 50.10 -21.57
CA VAL D 120 21.22 49.58 -22.89
C VAL D 120 22.37 48.90 -23.64
N GLN D 121 23.61 49.38 -23.46
CA GLN D 121 24.76 48.74 -24.11
C GLN D 121 24.95 47.31 -23.64
N ARG D 122 24.86 47.10 -22.32
CA ARG D 122 24.93 45.76 -21.73
C ARG D 122 23.76 44.88 -22.15
N LEU D 123 22.58 45.45 -22.14
CA LEU D 123 21.40 44.73 -22.59
C LEU D 123 21.57 44.25 -24.05
N ARG D 124 22.05 45.13 -24.92
CA ARG D 124 22.26 44.76 -26.34
C ARG D 124 23.32 43.69 -26.50
N THR D 125 24.32 43.72 -25.64
CA THR D 125 25.35 42.66 -25.62
C THR D 125 24.72 41.33 -25.19
N ILE D 126 23.91 41.35 -24.13
CA ILE D 126 23.19 40.15 -23.67
C ILE D 126 22.37 39.56 -24.81
N ILE D 127 21.65 40.43 -25.51
CA ILE D 127 20.75 39.96 -26.55
C ILE D 127 21.49 39.30 -27.69
N GLY D 128 22.62 39.86 -28.09
CA GLY D 128 23.41 39.28 -29.18
C GLY D 128 24.05 37.96 -28.78
N MET D 129 24.48 37.85 -27.53
CA MET D 129 25.12 36.59 -27.08
C MET D 129 24.13 35.44 -26.89
N ALA D 130 22.95 35.75 -26.35
CA ALA D 130 21.97 34.73 -25.94
C ALA D 130 20.82 34.56 -26.92
N ALA D 131 20.60 35.56 -27.78
CA ALA D 131 19.56 35.52 -28.81
C ALA D 131 18.23 35.07 -28.20
N PRO D 132 17.72 35.81 -27.23
CA PRO D 132 16.39 35.52 -26.69
C PRO D 132 15.27 35.68 -27.73
N ALA D 133 14.24 34.85 -27.62
CA ALA D 133 13.08 34.95 -28.46
C ALA D 133 12.08 35.97 -27.95
N LEU D 134 12.20 36.38 -26.69
CA LEU D 134 11.16 37.25 -26.06
C LEU D 134 11.77 38.22 -25.04
N PHE D 135 11.32 39.46 -25.09
CA PHE D 135 11.68 40.47 -24.08
C PHE D 135 10.41 40.74 -23.29
N LEU D 136 10.43 40.38 -22.02
CA LEU D 136 9.25 40.36 -21.20
C LEU D 136 9.46 41.35 -20.08
N GLN D 137 8.71 42.45 -20.06
CA GLN D 137 8.97 43.53 -19.11
C GLN D 137 7.73 43.81 -18.28
N ALA D 138 7.91 44.61 -17.23
CA ALA D 138 6.82 44.95 -16.30
C ALA D 138 5.73 45.71 -17.02
N ALA D 139 4.55 45.76 -16.42
CA ALA D 139 3.43 46.57 -16.95
C ALA D 139 3.88 48.00 -17.28
N ASP D 140 4.56 48.62 -16.32
CA ASP D 140 5.16 49.96 -16.46
C ASP D 140 6.33 50.08 -17.40
N GLY D 141 6.87 48.97 -17.89
CA GLY D 141 8.17 49.03 -18.52
C GLY D 141 8.13 49.89 -19.76
N SER D 142 9.19 50.62 -20.04
CA SER D 142 9.23 51.37 -21.29
C SER D 142 10.63 51.35 -21.82
N ARG D 143 11.19 50.14 -21.92
CA ARG D 143 12.55 50.03 -22.33
C ARG D 143 12.72 50.49 -23.81
N GLU D 144 13.73 51.31 -24.05
CA GLU D 144 14.11 51.73 -25.40
C GLU D 144 15.46 51.20 -25.78
N GLY D 145 15.74 51.24 -27.08
CA GLY D 145 17.00 50.82 -27.64
C GLY D 145 17.02 49.37 -28.10
N LEU D 146 15.86 48.71 -28.05
CA LEU D 146 15.78 47.28 -28.38
C LEU D 146 16.07 47.04 -29.87
N PRO D 147 16.77 45.93 -30.18
CA PRO D 147 17.00 45.64 -31.59
C PRO D 147 15.78 45.00 -32.19
N PRO D 148 15.72 44.95 -33.53
CA PRO D 148 14.57 44.35 -34.21
C PRO D 148 14.58 42.82 -34.15
N GLY D 149 13.40 42.22 -34.24
CA GLY D 149 13.27 40.76 -34.37
C GLY D 149 12.93 40.15 -33.04
N LEU D 150 12.58 41.00 -32.08
CA LEU D 150 12.38 40.57 -30.75
C LEU D 150 10.92 40.60 -30.36
N GLY D 151 10.42 39.43 -30.01
CA GLY D 151 9.15 39.34 -29.31
C GLY D 151 9.10 40.30 -28.14
N MET D 152 7.96 40.95 -27.95
CA MET D 152 7.80 41.87 -26.82
C MET D 152 6.51 41.63 -26.09
N ALA D 153 6.56 41.62 -24.75
CA ALA D 153 5.34 41.43 -23.96
C ALA D 153 5.48 42.10 -22.62
N ARG D 154 4.35 42.35 -21.99
CA ARG D 154 4.33 42.90 -20.64
C ARG D 154 3.55 42.00 -19.73
N PHE D 155 3.87 42.05 -18.44
CA PHE D 155 3.10 41.32 -17.45
C PHE D 155 2.70 42.31 -16.39
N GLY D 156 1.51 42.14 -15.84
CA GLY D 156 1.04 42.96 -14.74
C GLY D 156 -0.11 42.27 -14.02
N PRO D 157 -0.84 43.00 -13.18
CA PRO D 157 -1.96 42.42 -12.42
C PRO D 157 -2.99 41.64 -13.28
N LYS D 158 -3.33 42.16 -14.45
CA LYS D 158 -4.34 41.54 -15.30
C LYS D 158 -3.83 40.32 -16.09
N GLY D 159 -2.52 40.16 -16.22
CA GLY D 159 -1.96 39.07 -16.99
C GLY D 159 -0.85 39.55 -17.91
N VAL D 160 -0.62 38.79 -18.98
CA VAL D 160 0.44 39.05 -19.95
C VAL D 160 -0.19 39.49 -21.26
N THR D 161 0.14 40.70 -21.68
CA THR D 161 -0.25 41.20 -22.99
C THR D 161 0.97 41.27 -23.89
N THR D 162 0.83 40.82 -25.13
CA THR D 162 1.92 40.72 -26.08
C THR D 162 1.85 41.81 -27.14
N GLU D 163 2.83 42.70 -27.14
CA GLU D 163 2.90 43.83 -28.04
C GLU D 163 3.35 43.40 -29.41
N GLN D 164 4.27 42.45 -29.45
CA GLN D 164 4.88 41.99 -30.67
C GLN D 164 5.18 40.52 -30.54
N LEU D 165 4.56 39.71 -31.38
CA LEU D 165 4.77 38.28 -31.31
C LEU D 165 6.18 37.90 -31.66
N PRO D 166 6.73 36.90 -30.96
CA PRO D 166 7.99 36.34 -31.40
C PRO D 166 7.86 35.70 -32.75
N ALA D 167 9.01 35.43 -33.37
CA ALA D 167 9.07 34.73 -34.63
C ALA D 167 8.37 33.38 -34.55
N PRO D 168 7.74 32.94 -35.67
CA PRO D 168 7.25 31.58 -35.69
C PRO D 168 8.39 30.55 -35.59
N ARG D 169 8.06 29.37 -35.09
CA ARG D 169 9.05 28.29 -35.00
C ARG D 169 8.30 26.96 -34.93
N VAL D 170 8.96 25.88 -35.26
CA VAL D 170 8.42 24.56 -34.99
C VAL D 170 9.04 24.08 -33.67
N ARG D 171 8.21 23.66 -32.72
CA ARG D 171 8.68 23.13 -31.47
C ARG D 171 9.30 21.74 -31.65
N ARG D 172 10.44 21.52 -31.01
CA ARG D 172 11.10 20.23 -31.05
C ARG D 172 11.22 19.56 -29.69
N ARG D 173 10.84 20.27 -28.63
CA ARG D 173 10.89 19.72 -27.29
C ARG D 173 9.49 19.48 -26.82
N ARG D 174 9.29 18.31 -26.22
CA ARG D 174 8.03 17.96 -25.57
C ARG D 174 7.88 18.61 -24.18
N GLN D 175 8.91 18.53 -23.34
CA GLN D 175 8.72 18.59 -21.90
C GLN D 175 10.01 19.08 -21.24
N VAL D 176 9.93 20.09 -20.38
CA VAL D 176 11.09 20.55 -19.64
C VAL D 176 11.56 19.47 -18.66
N VAL D 177 12.87 19.33 -18.51
CA VAL D 177 13.43 18.37 -17.54
C VAL D 177 14.52 19.07 -16.72
N GLU D 178 14.91 18.47 -15.60
CA GLU D 178 15.74 19.14 -14.63
C GLU D 178 17.16 19.43 -15.11
N THR D 179 17.60 18.76 -16.15
CA THR D 179 18.90 19.09 -16.81
C THR D 179 18.83 20.32 -17.74
N ASP D 180 17.64 20.81 -18.02
CA ASP D 180 17.50 22.01 -18.86
C ASP D 180 17.88 23.29 -18.13
N PRO D 181 18.34 24.28 -18.88
CA PRO D 181 18.68 25.56 -18.28
C PRO D 181 17.48 26.20 -17.64
N ALA D 182 17.65 26.75 -16.45
CA ALA D 182 16.57 27.44 -15.76
C ALA D 182 16.73 28.93 -15.92
N TYR D 183 17.97 29.42 -15.85
CA TYR D 183 18.25 30.85 -16.03
C TYR D 183 19.70 31.06 -16.43
N LEU D 184 19.97 32.26 -16.91
CA LEU D 184 21.30 32.68 -17.33
C LEU D 184 21.59 33.99 -16.67
N ILE D 185 22.81 34.09 -16.10
CA ILE D 185 23.26 35.32 -15.54
C ILE D 185 24.56 35.74 -16.23
N PHE D 186 24.59 36.94 -16.75
CA PHE D 186 25.78 37.41 -17.43
C PHE D 186 26.66 38.17 -16.46
N THR D 187 27.95 37.83 -16.43
CA THR D 187 28.91 38.49 -15.55
C THR D 187 29.32 39.86 -16.04
N PRO D 194 32.19 39.81 -20.92
CA PRO D 194 31.05 39.24 -20.18
C PRO D 194 30.60 37.87 -20.68
N LYS D 195 30.31 36.99 -19.72
CA LYS D 195 30.01 35.59 -19.96
C LYS D 195 28.64 35.21 -19.39
N GLY D 196 27.99 34.25 -20.04
CA GLY D 196 26.65 33.85 -19.69
C GLY D 196 26.69 32.59 -18.87
N VAL D 197 26.46 32.71 -17.55
CA VAL D 197 26.46 31.53 -16.68
C VAL D 197 25.13 30.83 -16.83
N VAL D 198 25.18 29.59 -17.29
CA VAL D 198 23.99 28.79 -17.51
C VAL D 198 23.72 27.91 -16.28
N MET D 199 22.59 28.11 -15.60
CA MET D 199 22.23 27.31 -14.43
C MET D 199 21.06 26.40 -14.71
N SER D 200 21.24 25.09 -14.54
CA SER D 200 20.16 24.14 -14.67
C SER D 200 19.18 24.18 -13.47
N HIS D 201 17.99 23.63 -13.67
CA HIS D 201 17.05 23.42 -12.56
C HIS D 201 17.64 22.52 -11.45
N ARG D 202 18.19 21.41 -11.89
CA ARG D 202 18.82 20.44 -11.02
C ARG D 202 19.86 21.10 -10.12
N ALA D 203 20.71 21.94 -10.72
CA ALA D 203 21.81 22.52 -9.98
C ALA D 203 21.31 23.52 -8.96
N ASN D 204 20.34 24.35 -9.34
CA ASN D 204 19.90 25.38 -8.39
C ASN D 204 19.03 24.76 -7.31
N ILE D 205 18.26 23.74 -7.66
CA ILE D 205 17.52 22.97 -6.66
C ILE D 205 18.50 22.32 -5.67
N ALA D 206 19.66 21.87 -6.17
CA ALA D 206 20.63 21.19 -5.28
C ALA D 206 21.17 22.21 -4.30
N PHE D 207 21.32 23.43 -4.80
CA PHE D 207 21.73 24.52 -3.91
C PHE D 207 20.75 24.78 -2.76
N HIS D 208 19.48 24.97 -3.07
CA HIS D 208 18.48 25.22 -2.03
C HIS D 208 18.36 24.02 -1.10
N ARG D 209 18.43 22.82 -1.65
CA ARG D 209 18.38 21.65 -0.80
C ARG D 209 19.48 21.66 0.25
N GLY D 210 20.69 21.94 -0.19
CA GLY D 210 21.83 21.95 0.71
C GLY D 210 21.69 23.04 1.74
N ILE D 211 21.39 24.23 1.29
CA ILE D 211 21.33 25.37 2.18
C ILE D 211 20.23 25.19 3.26
N ARG D 212 19.06 24.70 2.91
CA ARG D 212 18.03 24.47 3.90
C ARG D 212 18.43 23.43 4.98
N ALA D 213 19.40 22.58 4.70
CA ALA D 213 19.96 21.72 5.74
C ALA D 213 20.72 22.47 6.81
N HIS D 214 21.09 23.71 6.54
CA HIS D 214 21.78 24.58 7.53
C HIS D 214 20.83 25.42 8.39
N GLY D 215 19.55 25.48 8.05
CA GLY D 215 18.59 26.24 8.84
C GLY D 215 18.79 27.74 8.82
N LEU D 216 19.03 28.33 7.65
CA LEU D 216 19.22 29.74 7.54
C LEU D 216 17.93 30.50 7.57
N ILE D 217 16.87 29.91 7.03
CA ILE D 217 15.55 30.56 7.02
C ILE D 217 14.48 29.60 7.48
N GLY D 218 13.61 30.07 8.37
CA GLY D 218 12.53 29.25 8.86
C GLY D 218 11.26 29.88 8.40
N PRO D 219 10.13 29.14 8.48
CA PRO D 219 8.86 29.66 7.94
C PRO D 219 8.38 30.96 8.59
N ASP D 220 8.77 31.20 9.84
CA ASP D 220 8.33 32.43 10.52
C ASP D 220 9.07 33.65 10.02
N ASP D 221 10.17 33.48 9.29
CA ASP D 221 10.98 34.60 8.91
C ASP D 221 10.32 35.45 7.87
N ARG D 222 10.64 36.75 7.89
CA ARG D 222 10.26 37.65 6.84
C ARG D 222 11.56 38.24 6.34
N VAL D 223 11.86 38.06 5.08
CA VAL D 223 13.19 38.32 4.57
C VAL D 223 13.19 39.56 3.68
N ALA D 224 13.96 40.55 4.09
CA ALA D 224 14.21 41.70 3.25
C ALA D 224 15.32 41.39 2.25
N VAL D 225 15.00 41.40 0.97
CA VAL D 225 15.96 41.19 -0.12
C VAL D 225 16.33 42.56 -0.72
N THR D 226 17.53 43.05 -0.42
CA THR D 226 17.90 44.40 -0.81
C THR D 226 18.51 44.47 -2.19
N SER D 227 19.00 43.35 -2.71
CA SER D 227 19.71 43.38 -3.94
C SER D 227 18.72 43.43 -5.13
N PRO D 228 19.04 44.21 -6.15
CA PRO D 228 18.17 44.35 -7.30
C PRO D 228 17.96 43.06 -8.08
N PHE D 229 16.88 43.02 -8.85
CA PHE D 229 16.50 41.84 -9.63
C PHE D 229 17.57 41.35 -10.64
N SER D 230 18.41 42.26 -11.10
CA SER D 230 19.47 41.88 -12.08
C SER D 230 20.58 41.14 -11.39
N PHE D 231 20.54 41.07 -10.07
CA PHE D 231 21.56 40.36 -9.33
C PHE D 231 21.11 38.95 -9.02
N ASP D 232 22.03 38.04 -9.27
CA ASP D 232 21.99 36.66 -8.82
C ASP D 232 21.42 36.50 -7.39
N PHE D 233 21.89 37.34 -6.49
CA PHE D 233 21.57 37.26 -5.09
C PHE D 233 20.08 37.56 -4.79
N CYS D 234 19.43 38.32 -5.67
CA CYS D 234 18.04 38.67 -5.50
C CYS D 234 17.18 37.46 -5.74
N LEU D 235 17.33 36.88 -6.92
CA LEU D 235 16.65 35.64 -7.25
C LEU D 235 16.94 34.48 -6.22
N GLY D 236 18.20 34.30 -5.87
CA GLY D 236 18.60 33.38 -4.83
C GLY D 236 17.91 33.58 -3.50
N GLY D 237 17.87 34.81 -3.05
CA GLY D 237 17.26 35.19 -1.77
C GLY D 237 15.76 34.98 -1.73
N ILE D 238 15.12 35.33 -2.82
CA ILE D 238 13.70 35.13 -2.92
C ILE D 238 13.43 33.65 -2.99
N ALA D 239 14.19 32.96 -3.83
CA ALA D 239 13.99 31.51 -4.05
C ALA D 239 14.17 30.73 -2.78
N LEU D 240 15.21 31.03 -2.04
CA LEU D 240 15.48 30.25 -0.87
C LEU D 240 14.41 30.55 0.18
N THR D 241 13.95 31.80 0.23
CA THR D 241 12.93 32.24 1.21
C THR D 241 11.62 31.46 0.97
N LEU D 242 11.17 31.45 -0.27
CA LEU D 242 9.99 30.70 -0.67
C LEU D 242 10.15 29.20 -0.44
N ALA D 243 11.29 28.65 -0.84
CA ALA D 243 11.57 27.25 -0.64
C ALA D 243 11.50 26.87 0.81
N SER D 244 11.83 27.81 1.69
CA SER D 244 11.83 27.55 3.13
C SER D 244 10.45 27.77 3.73
N GLY D 245 9.51 28.20 2.90
CA GLY D 245 8.14 28.41 3.31
C GLY D 245 7.97 29.71 4.07
N ALA D 246 8.90 30.66 3.87
CA ALA D 246 8.88 31.95 4.62
C ALA D 246 8.25 33.06 3.78
N THR D 247 8.51 34.32 4.14
CA THR D 247 7.87 35.47 3.50
C THR D 247 8.95 36.41 2.94
N ALA D 248 8.92 36.65 1.63
CA ALA D 248 9.96 37.41 0.97
C ALA D 248 9.50 38.84 0.80
N VAL D 249 10.36 39.79 1.16
CA VAL D 249 10.03 41.20 1.09
C VAL D 249 11.14 41.92 0.30
N PRO D 250 11.02 41.94 -1.03
CA PRO D 250 11.96 42.75 -1.84
C PRO D 250 11.91 44.22 -1.41
N VAL D 251 13.07 44.85 -1.23
CA VAL D 251 13.12 46.22 -0.74
C VAL D 251 13.18 47.13 -1.96
N PRO D 252 12.13 47.88 -2.25
CA PRO D 252 12.19 48.73 -3.46
C PRO D 252 13.31 49.75 -3.38
N ARG D 253 13.86 50.14 -4.55
CA ARG D 253 15.01 51.04 -4.55
C ARG D 253 14.70 52.38 -3.89
N ASP D 254 13.46 52.85 -3.95
CA ASP D 254 13.12 54.11 -3.29
C ASP D 254 13.09 54.07 -1.76
N ARG D 255 13.22 52.89 -1.16
CA ARG D 255 13.37 52.82 0.29
C ARG D 255 14.85 52.76 0.63
N LEU D 256 15.68 52.35 -0.31
CA LEU D 256 17.11 52.16 -0.07
C LEU D 256 18.00 53.38 -0.16
N ASP D 257 17.63 54.36 -0.95
CA ASP D 257 18.47 55.54 -1.07
C ASP D 257 18.49 56.37 0.18
N PHE D 258 17.47 56.19 1.03
CA PHE D 258 17.24 57.00 2.21
C PHE D 258 17.23 56.18 3.53
N PRO D 259 18.26 56.36 4.37
CA PRO D 259 18.44 55.54 5.53
C PRO D 259 17.27 55.45 6.48
N ARG D 260 16.60 56.56 6.71
CA ARG D 260 15.46 56.57 7.59
C ARG D 260 14.34 55.82 6.97
N ARG D 261 14.20 55.94 5.64
CA ARG D 261 13.14 55.25 4.92
C ARG D 261 13.36 53.74 4.91
N PHE D 262 14.62 53.33 4.82
CA PHE D 262 14.98 51.90 4.76
C PHE D 262 14.74 51.26 6.14
N LEU D 263 15.23 51.92 7.17
CA LEU D 263 15.01 51.47 8.53
C LEU D 263 13.53 51.43 8.95
N ALA D 264 12.73 52.39 8.53
CA ALA D 264 11.31 52.39 8.85
C ALA D 264 10.66 51.20 8.14
N PHE D 265 11.11 50.93 6.92
CA PHE D 265 10.60 49.83 6.13
C PHE D 265 10.87 48.48 6.84
N LEU D 266 12.04 48.31 7.46
CA LEU D 266 12.29 47.09 8.20
C LEU D 266 11.33 46.91 9.38
N HIS D 267 10.91 48.01 10.01
CA HIS D 267 9.83 47.94 11.05
C HIS D 267 8.50 47.73 10.41
N GLU D 268 8.18 48.52 9.37
CA GLU D 268 6.86 48.42 8.77
C GLU D 268 6.57 46.98 8.38
N ALA D 269 7.51 46.35 7.71
CA ALA D 269 7.32 44.97 7.22
C ALA D 269 7.73 43.90 8.24
N ALA D 270 8.09 44.31 9.46
CA ALA D 270 8.42 43.38 10.56
C ALA D 270 9.48 42.36 10.10
N ILE D 271 10.58 42.88 9.58
CA ILE D 271 11.60 42.06 8.98
C ILE D 271 12.42 41.30 10.05
N THR D 272 12.53 39.97 9.89
CA THR D 272 13.39 39.17 10.80
C THR D 272 14.77 38.89 10.21
N GLN D 273 14.93 39.01 8.89
CA GLN D 273 16.22 38.72 8.31
C GLN D 273 16.50 39.63 7.17
N VAL D 274 17.71 40.15 7.14
CA VAL D 274 18.09 41.01 6.04
C VAL D 274 19.18 40.36 5.21
N HIS D 275 18.97 40.36 3.90
CA HIS D 275 19.96 39.98 2.91
C HIS D 275 20.49 41.22 2.24
N GLY D 276 21.80 41.32 2.13
CA GLY D 276 22.41 42.45 1.45
C GLY D 276 23.92 42.33 1.36
N VAL D 277 24.54 43.16 0.54
CA VAL D 277 25.99 43.34 0.60
C VAL D 277 26.36 44.01 1.92
N PRO D 278 27.59 43.78 2.40
CA PRO D 278 28.07 44.47 3.60
C PRO D 278 27.88 45.98 3.64
N SER D 279 28.23 46.67 2.56
CA SER D 279 28.20 48.16 2.49
C SER D 279 26.81 48.74 2.65
N LEU D 280 25.79 47.95 2.42
CA LEU D 280 24.44 48.36 2.78
C LEU D 280 24.37 49.05 4.16
N TRP D 281 25.14 48.53 5.12
CA TRP D 281 25.01 48.97 6.49
C TRP D 281 25.82 50.25 6.83
N ARG D 282 26.84 50.59 6.02
CA ARG D 282 27.71 51.74 6.30
C ARG D 282 26.98 53.07 6.47
N PRO D 283 26.09 53.42 5.53
CA PRO D 283 25.30 54.62 5.74
C PRO D 283 24.33 54.56 6.93
N LEU D 284 23.90 53.37 7.30
CA LEU D 284 22.95 53.27 8.39
C LEU D 284 23.66 53.43 9.74
N ILE D 285 24.85 52.87 9.86
CA ILE D 285 25.68 53.05 11.05
C ILE D 285 26.07 54.53 11.21
N ARG D 286 26.65 55.06 10.14
CA ARG D 286 27.22 56.39 10.11
C ARG D 286 26.19 57.46 10.44
N HIS D 287 25.05 57.44 9.75
CA HIS D 287 24.02 58.46 9.93
C HIS D 287 22.95 58.17 11.00
N GLU D 288 22.60 56.91 11.26
CA GLU D 288 21.42 56.64 12.13
C GLU D 288 21.62 55.46 13.08
N PRO D 289 22.75 55.45 13.81
CA PRO D 289 23.09 54.30 14.60
C PRO D 289 22.04 53.94 15.68
N ASP D 290 21.30 54.93 16.19
CA ASP D 290 20.24 54.64 17.18
C ASP D 290 19.09 53.91 16.56
N LEU D 291 18.70 54.28 15.35
CA LEU D 291 17.64 53.53 14.68
C LEU D 291 18.05 52.07 14.33
N VAL D 292 19.32 51.88 13.97
CA VAL D 292 19.85 50.55 13.71
C VAL D 292 19.72 49.70 15.00
N ALA D 293 20.24 50.22 16.09
CA ALA D 293 20.11 49.61 17.39
C ALA D 293 18.67 49.37 17.80
N GLY D 294 17.73 50.10 17.23
CA GLY D 294 16.30 49.93 17.55
C GLY D 294 15.52 48.95 16.69
N LEU D 295 16.21 48.23 15.81
CA LEU D 295 15.56 47.21 14.95
C LEU D 295 15.20 45.95 15.73
N ASP D 296 14.14 46.03 16.52
CA ASP D 296 13.76 44.95 17.44
C ASP D 296 13.33 43.63 16.77
N PRO D 297 12.57 43.70 15.67
CA PRO D 297 12.16 42.46 15.02
C PRO D 297 13.30 41.66 14.35
N LEU D 298 14.43 42.32 14.07
CA LEU D 298 15.50 41.76 13.26
C LEU D 298 16.28 40.76 14.08
N ARG D 299 16.36 39.52 13.60
CA ARG D 299 17.05 38.43 14.29
C ARG D 299 18.30 38.00 13.54
N SER D 300 18.41 38.34 12.26
CA SER D 300 19.46 37.76 11.48
C SER D 300 19.82 38.56 10.26
N ILE D 301 21.07 38.43 9.83
CA ILE D 301 21.56 39.10 8.65
C ILE D 301 22.45 38.19 7.83
N LEU D 302 22.27 38.21 6.53
CA LEU D 302 23.05 37.43 5.60
C LEU D 302 23.74 38.41 4.67
N PHE D 303 25.08 38.36 4.60
CA PHE D 303 25.86 39.11 3.61
C PHE D 303 26.46 38.29 2.53
N SER D 304 26.73 38.96 1.41
CA SER D 304 27.64 38.38 0.43
C SER D 304 28.05 39.34 -0.61
N GLY D 305 29.06 38.93 -1.36
CA GLY D 305 29.34 39.54 -2.66
C GLY D 305 30.32 40.68 -2.54
N GLU D 306 30.99 40.76 -1.40
CA GLU D 306 31.83 41.89 -1.15
C GLU D 306 32.60 41.66 0.13
N ASP D 307 33.88 42.04 0.10
CA ASP D 307 34.78 41.96 1.23
C ASP D 307 34.52 43.10 2.16
N PHE D 308 35.15 42.97 3.28
CA PHE D 308 34.46 43.26 4.46
C PHE D 308 35.43 43.68 5.57
N PRO D 309 35.70 45.01 5.65
CA PRO D 309 36.47 45.45 6.81
C PRO D 309 35.81 44.92 8.12
N LEU D 310 36.60 44.21 8.89
CA LEU D 310 36.14 43.62 10.10
C LEU D 310 35.70 44.69 11.10
N GLY D 311 36.27 45.88 10.99
CA GLY D 311 35.90 46.97 11.86
C GLY D 311 34.43 47.27 11.69
N ASP D 312 33.99 47.25 10.45
CA ASP D 312 32.62 47.58 10.09
C ASP D 312 31.64 46.55 10.71
N LEU D 313 32.02 45.29 10.61
CA LEU D 313 31.24 44.21 11.14
C LEU D 313 31.10 44.28 12.66
N ARG D 314 32.23 44.54 13.34
CA ARG D 314 32.23 44.71 14.78
C ARG D 314 31.31 45.84 15.19
N GLU D 315 31.38 46.93 14.46
CA GLU D 315 30.52 48.05 14.74
C GLU D 315 29.07 47.57 14.66
N LEU D 316 28.74 46.86 13.56
CA LEU D 316 27.40 46.38 13.39
C LEU D 316 26.97 45.40 14.49
N GLN D 317 27.84 44.47 14.87
CA GLN D 317 27.53 43.57 15.99
C GLN D 317 27.25 44.32 17.25
N GLY D 318 28.03 45.37 17.50
CA GLY D 318 27.89 46.25 18.62
C GLY D 318 26.52 46.88 18.70
N LEU D 319 25.99 47.30 17.57
CA LEU D 319 24.68 47.92 17.56
C LEU D 319 23.58 46.86 17.60
N LEU D 320 23.85 45.66 17.11
CA LEU D 320 22.85 44.61 17.04
C LEU D 320 23.34 43.36 17.76
N PRO D 321 23.50 43.44 19.10
CA PRO D 321 23.88 42.25 19.84
C PRO D 321 22.81 41.14 19.76
N GLY D 322 23.26 39.89 19.79
CA GLY D 322 22.36 38.72 19.80
C GLY D 322 21.64 38.46 18.51
N ARG D 323 22.16 39.01 17.41
CA ARG D 323 21.65 38.70 16.07
C ARG D 323 22.55 37.65 15.47
N ARG D 324 22.00 36.83 14.60
CA ARG D 324 22.79 35.82 13.89
C ARG D 324 23.19 36.43 12.56
N ILE D 325 24.48 36.50 12.33
CA ILE D 325 24.99 37.02 11.10
C ILE D 325 25.69 35.91 10.37
N PHE D 326 25.42 35.82 9.07
CA PHE D 326 25.92 34.78 8.24
C PHE D 326 26.75 35.35 7.08
N ASN D 327 27.89 34.76 6.85
CA ASN D 327 28.80 35.15 5.80
C ASN D 327 28.69 34.13 4.68
N LEU D 328 28.35 34.62 3.51
CA LEU D 328 28.10 33.77 2.37
C LEU D 328 29.23 33.91 1.34
N TYR D 329 29.98 32.82 1.07
CA TYR D 329 31.08 32.81 0.08
C TYR D 329 30.61 32.08 -1.15
N GLY D 330 30.91 32.64 -2.32
CA GLY D 330 30.79 31.92 -3.55
C GLY D 330 30.48 32.81 -4.72
N ALA D 331 30.22 32.20 -5.85
CA ALA D 331 30.04 32.92 -7.09
C ALA D 331 28.80 32.50 -7.86
N THR D 332 28.53 33.26 -8.89
CA THR D 332 27.41 32.96 -9.77
C THR D 332 27.43 31.56 -10.32
N GLU D 333 28.63 31.04 -10.56
CA GLU D 333 28.77 29.71 -11.11
C GLU D 333 28.19 28.62 -10.24
N SER D 334 28.02 28.85 -8.94
CA SER D 334 27.29 27.87 -8.07
C SER D 334 26.14 28.49 -7.24
N MET D 335 25.82 29.73 -7.55
CA MET D 335 25.06 30.64 -6.70
C MET D 335 25.80 30.98 -5.43
N ALA D 336 26.20 29.97 -4.66
CA ALA D 336 27.05 30.14 -3.50
C ALA D 336 27.71 28.80 -3.22
N ALA D 337 28.65 28.77 -2.28
CA ALA D 337 29.49 27.58 -2.03
C ALA D 337 29.59 27.27 -0.54
N SER D 338 29.61 28.31 0.31
CA SER D 338 29.70 28.09 1.74
C SER D 338 29.00 29.18 2.54
N VAL D 339 28.56 28.79 3.72
CA VAL D 339 27.87 29.69 4.59
C VAL D 339 28.38 29.49 5.99
N THR D 340 28.69 30.59 6.67
CA THR D 340 29.47 30.56 7.86
C THR D 340 28.82 31.44 8.87
N ASP D 341 28.68 30.95 10.10
CA ASP D 341 28.31 31.79 11.24
C ASP D 341 29.42 32.77 11.63
N VAL D 342 29.07 34.05 11.77
CA VAL D 342 29.97 35.06 12.31
C VAL D 342 29.84 34.90 13.84
N PRO D 343 30.95 34.67 14.53
CA PRO D 343 30.86 34.60 16.02
C PRO D 343 30.43 35.95 16.60
N ASP D 344 29.54 35.95 17.62
CA ASP D 344 28.99 37.18 18.28
C ASP D 344 29.42 37.37 19.74
N PRO D 345 30.26 38.37 20.01
CA PRO D 345 30.88 39.26 19.04
C PRO D 345 32.10 38.59 18.41
N LEU D 346 32.73 39.23 17.42
CA LEU D 346 33.98 38.73 16.89
C LEU D 346 35.12 38.97 17.86
N PRO D 347 35.98 37.95 18.09
CA PRO D 347 37.20 38.18 18.89
C PRO D 347 37.99 39.40 18.40
N ALA D 348 38.57 40.13 19.34
CA ALA D 348 39.26 41.40 19.01
C ALA D 348 40.54 41.16 18.20
N ASP D 349 41.22 40.05 18.45
CA ASP D 349 42.44 39.69 17.72
C ASP D 349 42.20 39.20 16.30
N LEU D 350 40.97 38.78 15.99
CA LEU D 350 40.65 38.14 14.72
C LEU D 350 40.86 39.05 13.52
N GLU D 351 41.64 38.60 12.57
CA GLU D 351 42.03 39.47 11.45
C GLU D 351 41.36 39.09 10.14
N ARG D 352 40.91 37.84 10.06
CA ARG D 352 40.43 37.25 8.80
C ARG D 352 39.25 36.31 9.14
N LEU D 353 38.08 36.57 8.55
CA LEU D 353 36.89 35.70 8.67
C LEU D 353 37.02 34.45 7.81
N THR D 354 36.84 33.31 8.40
CA THR D 354 36.86 32.06 7.61
C THR D 354 35.71 31.99 6.60
N ILE D 355 35.93 31.29 5.51
CA ILE D 355 34.80 30.88 4.63
C ILE D 355 34.34 29.44 4.91
N GLY D 356 34.96 28.79 5.90
CA GLY D 356 34.40 27.55 6.48
C GLY D 356 34.53 26.35 5.57
N TYR D 357 33.51 25.52 5.59
CA TYR D 357 33.42 24.35 4.70
C TYR D 357 32.37 24.64 3.69
N ALA D 358 32.46 24.01 2.51
CA ALA D 358 31.38 24.08 1.53
C ALA D 358 30.04 23.77 2.22
N HIS D 359 28.93 24.27 1.68
CA HIS D 359 27.61 23.98 2.27
C HIS D 359 27.30 22.49 2.14
N HIS D 360 26.29 22.06 2.89
CA HIS D 360 25.98 20.69 3.04
C HIS D 360 25.70 20.10 1.63
N GLY D 361 26.29 18.95 1.34
CA GLY D 361 26.19 18.39 -0.02
C GLY D 361 27.30 18.74 -1.04
N ALA D 362 28.24 19.59 -0.63
CA ALA D 362 29.34 20.02 -1.50
C ALA D 362 30.65 19.84 -0.77
N GLU D 363 31.77 20.05 -1.47
CA GLU D 363 33.08 19.99 -0.88
C GLU D 363 34.04 20.90 -1.66
N MET D 364 34.86 21.63 -0.92
CA MET D 364 35.86 22.45 -1.55
C MET D 364 37.16 22.23 -0.82
N ASP D 365 38.24 22.29 -1.60
CA ASP D 365 39.58 22.15 -1.08
C ASP D 365 40.51 22.95 -2.00
N VAL D 366 41.77 22.99 -1.61
CA VAL D 366 42.70 23.95 -2.14
C VAL D 366 43.72 23.16 -2.93
N TYR D 367 44.08 23.64 -4.12
CA TYR D 367 44.95 22.90 -5.04
C TYR D 367 46.15 23.72 -5.50
N ASP D 368 47.30 23.06 -5.66
CA ASP D 368 48.50 23.77 -6.17
C ASP D 368 48.42 24.01 -7.66
N ALA D 369 49.41 24.71 -8.19
CA ALA D 369 49.46 25.08 -9.61
C ALA D 369 49.58 23.90 -10.57
N GLU D 370 49.90 22.73 -10.03
CA GLU D 370 50.12 21.55 -10.83
C GLU D 370 48.89 20.65 -10.77
N GLY D 371 47.82 21.14 -10.13
CA GLY D 371 46.59 20.36 -9.99
C GLY D 371 46.60 19.29 -8.93
N ALA D 372 47.50 19.37 -7.95
CA ALA D 372 47.48 18.45 -6.79
C ALA D 372 46.96 19.16 -5.55
N PRO D 373 46.33 18.41 -4.64
CA PRO D 373 45.79 19.04 -3.44
C PRO D 373 46.90 19.50 -2.50
N VAL D 374 46.77 20.71 -1.98
CA VAL D 374 47.74 21.25 -1.09
C VAL D 374 47.88 20.37 0.15
N GLY D 375 49.13 20.02 0.48
CA GLY D 375 49.35 19.02 1.49
C GLY D 375 49.21 19.49 2.93
N GLU D 376 49.47 20.76 3.17
CA GLU D 376 49.59 21.26 4.54
C GLU D 376 48.73 22.50 4.78
N PRO D 377 48.31 22.68 6.03
CA PRO D 377 47.60 23.89 6.40
C PRO D 377 48.48 25.12 6.26
N GLY D 378 47.85 26.26 6.01
CA GLY D 378 48.55 27.50 5.91
C GLY D 378 49.11 27.78 4.52
N VAL D 379 49.13 26.76 3.65
CA VAL D 379 49.70 26.95 2.31
C VAL D 379 48.58 27.30 1.33
N VAL D 380 48.78 28.40 0.63
CA VAL D 380 47.83 28.94 -0.30
C VAL D 380 47.79 28.18 -1.63
N GLY D 381 46.58 27.93 -2.10
CA GLY D 381 46.31 27.27 -3.40
C GLY D 381 44.97 27.79 -3.93
N GLU D 382 44.52 27.24 -5.05
CA GLU D 382 43.29 27.62 -5.67
C GLU D 382 42.15 26.73 -5.14
N ILE D 383 41.03 27.34 -4.81
CA ILE D 383 39.84 26.54 -4.44
C ILE D 383 39.23 25.86 -5.68
N TYR D 384 39.10 24.53 -5.63
CA TYR D 384 38.28 23.74 -6.54
C TYR D 384 36.98 23.29 -5.81
N LEU D 385 35.82 23.51 -6.45
CA LEU D 385 34.55 23.23 -5.82
C LEU D 385 33.90 22.00 -6.47
N ARG D 386 33.61 21.02 -5.64
CA ARG D 386 32.94 19.81 -6.03
C ARG D 386 31.50 19.92 -5.50
N SER D 387 30.52 19.99 -6.40
CA SER D 387 29.14 20.33 -5.98
C SER D 387 28.08 20.02 -7.03
N PRO D 388 26.91 19.54 -6.58
CA PRO D 388 25.81 19.39 -7.48
C PRO D 388 25.20 20.70 -7.96
N ALA D 389 25.55 21.82 -7.32
CA ALA D 389 25.00 23.12 -7.68
C ALA D 389 25.75 23.87 -8.78
N LEU D 390 26.68 23.25 -9.46
CA LEU D 390 27.45 23.93 -10.48
C LEU D 390 26.65 24.26 -11.72
N PHE D 391 27.01 25.43 -12.29
CA PHE D 391 26.54 25.84 -13.59
C PHE D 391 26.86 24.80 -14.62
N SER D 392 26.14 24.82 -15.73
CA SER D 392 26.33 23.81 -16.76
C SER D 392 27.38 24.22 -17.78
N GLY D 393 27.67 25.53 -17.82
CA GLY D 393 28.73 26.04 -18.70
C GLY D 393 28.49 27.49 -18.99
N TYR D 394 29.39 28.06 -19.76
CA TYR D 394 29.26 29.43 -20.17
C TYR D 394 28.61 29.36 -21.52
N TRP D 395 27.58 30.14 -21.70
CA TRP D 395 26.78 30.08 -22.90
C TRP D 395 27.64 30.24 -24.16
N ALA D 396 27.56 29.24 -25.03
CA ALA D 396 28.15 29.28 -26.38
C ALA D 396 29.64 29.40 -26.35
N ASP D 397 30.26 28.97 -25.26
CA ASP D 397 31.69 29.14 -25.05
C ASP D 397 32.28 27.88 -24.45
N PRO D 398 32.40 26.84 -25.27
CA PRO D 398 32.94 25.56 -24.74
C PRO D 398 34.35 25.66 -24.19
N GLU D 399 35.18 26.53 -24.74
CA GLU D 399 36.53 26.60 -24.25
C GLU D 399 36.61 27.23 -22.88
N ALA D 400 35.85 28.27 -22.65
CA ALA D 400 35.83 28.82 -21.31
C ALA D 400 35.14 27.78 -20.32
N THR D 401 34.17 27.02 -20.82
CA THR D 401 33.47 26.04 -20.00
C THR D 401 34.46 24.97 -19.55
N ARG D 402 35.30 24.52 -20.48
CA ARG D 402 36.27 23.46 -20.20
C ARG D 402 37.43 23.91 -19.32
N ALA D 403 37.77 25.19 -19.32
CA ALA D 403 38.81 25.68 -18.40
C ALA D 403 38.27 25.75 -16.98
N ALA D 404 36.99 25.98 -16.83
CA ALA D 404 36.40 26.18 -15.50
C ALA D 404 35.91 24.88 -14.94
N LEU D 405 35.20 24.10 -15.77
CA LEU D 405 34.73 22.76 -15.38
C LEU D 405 35.68 21.67 -15.86
N VAL D 406 36.51 21.16 -14.94
CA VAL D 406 37.57 20.24 -15.25
C VAL D 406 37.39 18.85 -14.64
N PRO D 407 37.98 17.83 -15.28
CA PRO D 407 37.88 16.52 -14.75
C PRO D 407 38.38 16.52 -13.32
N ASP D 408 37.68 15.80 -12.46
CA ASP D 408 38.10 15.64 -11.07
C ASP D 408 39.61 15.32 -11.01
N PRO D 409 40.43 16.23 -10.50
CA PRO D 409 41.87 15.93 -10.43
C PRO D 409 42.25 14.68 -9.61
N LEU D 410 41.42 14.28 -8.65
CA LEU D 410 41.71 13.08 -7.87
C LEU D 410 41.27 11.83 -8.58
N LEU D 411 40.41 11.96 -9.61
CA LEU D 411 39.85 10.77 -10.26
C LEU D 411 39.23 11.12 -11.58
N PRO D 412 40.08 11.51 -12.55
CA PRO D 412 39.58 11.92 -13.86
C PRO D 412 38.90 10.81 -14.60
N GLU D 413 39.13 9.58 -14.21
CA GLU D 413 38.51 8.47 -14.87
C GLU D 413 37.01 8.44 -14.72
N SER D 414 36.46 9.07 -13.68
CA SER D 414 35.06 8.86 -13.34
C SER D 414 34.13 9.56 -14.31
N GLY D 415 34.60 10.61 -14.97
CA GLY D 415 33.71 11.57 -15.67
C GLY D 415 33.15 12.70 -14.79
N GLN D 416 33.32 12.62 -13.49
CA GLN D 416 32.90 13.71 -12.63
C GLN D 416 33.75 14.95 -12.92
N VAL D 417 33.09 16.11 -12.90
CA VAL D 417 33.78 17.39 -13.03
C VAL D 417 33.75 18.21 -11.76
N VAL D 418 34.70 19.13 -11.67
CA VAL D 418 34.86 20.00 -10.52
C VAL D 418 35.11 21.45 -11.09
N PHE D 419 34.93 22.49 -10.30
CA PHE D 419 34.94 23.89 -10.74
C PHE D 419 36.17 24.57 -10.18
N ARG D 420 37.06 25.00 -11.09
CA ARG D 420 38.19 25.85 -10.67
C ARG D 420 37.64 27.28 -10.48
N THR D 421 37.62 27.74 -9.23
CA THR D 421 36.97 28.96 -8.83
C THR D 421 37.72 30.24 -9.18
N GLY D 422 39.01 30.14 -9.42
CA GLY D 422 39.84 31.33 -9.61
C GLY D 422 40.10 32.04 -8.28
N ASP D 423 39.69 31.43 -7.16
CA ASP D 423 39.97 31.99 -5.86
C ASP D 423 41.18 31.28 -5.18
N LEU D 424 42.01 32.07 -4.51
CA LEU D 424 43.09 31.54 -3.69
C LEU D 424 42.65 31.44 -2.25
N ALA D 425 43.21 30.48 -1.55
CA ALA D 425 42.90 30.32 -0.14
C ALA D 425 43.89 29.32 0.50
N TYR D 426 43.93 29.32 1.81
CA TYR D 426 44.61 28.27 2.55
C TYR D 426 43.58 27.66 3.50
N ARG D 427 44.01 26.58 4.09
CA ARG D 427 43.24 25.77 4.98
C ARG D 427 43.85 25.89 6.39
N ASP D 428 43.03 25.89 7.44
CA ASP D 428 43.55 25.75 8.80
C ASP D 428 43.69 24.26 9.16
N ALA D 429 44.11 23.98 10.39
CA ALA D 429 44.30 22.60 10.87
C ALA D 429 42.99 21.82 10.88
N ASP D 430 41.88 22.54 11.07
CA ASP D 430 40.56 21.95 11.10
C ASP D 430 39.97 21.76 9.73
N GLY D 431 40.61 22.33 8.73
CA GLY D 431 40.19 22.10 7.33
C GLY D 431 39.31 23.20 6.76
N ARG D 432 39.05 24.23 7.54
CA ARG D 432 38.32 25.40 7.07
C ARG D 432 39.21 26.25 6.16
N LEU D 433 38.60 26.90 5.19
CA LEU D 433 39.35 27.71 4.26
C LEU D 433 39.30 29.18 4.63
N TYR D 434 40.29 29.91 4.12
CA TYR D 434 40.42 31.38 4.32
C TYR D 434 40.74 32.01 2.99
N PHE D 435 39.84 32.89 2.55
CA PHE D 435 39.96 33.50 1.25
C PHE D 435 41.14 34.47 1.19
N CYS D 436 41.97 34.38 0.15
CA CYS D 436 43.17 35.21 -0.01
C CYS D 436 43.25 36.02 -1.30
N GLY D 437 42.14 36.13 -2.02
CA GLY D 437 42.11 36.92 -3.24
C GLY D 437 41.99 36.07 -4.50
N ARG D 438 41.80 36.76 -5.60
CA ARG D 438 41.67 36.16 -6.91
C ARG D 438 43.03 35.89 -7.50
N ILE D 439 43.08 34.99 -8.47
CA ILE D 439 44.30 34.77 -9.25
C ILE D 439 44.71 35.90 -10.17
#